data_2G5K
# 
_entry.id   2G5K 
# 
_audit_conform.dict_name       mmcif_pdbx.dic 
_audit_conform.dict_version    5.388 
_audit_conform.dict_location   http://mmcif.pdb.org/dictionaries/ascii/mmcif_pdbx.dic 
# 
loop_
_database_2.database_id 
_database_2.database_code 
_database_2.pdbx_database_accession 
_database_2.pdbx_DOI 
PDB   2G5K         pdb_00002g5k 10.2210/pdb2g5k/pdb 
NDB   DR0030       ?            ?                   
RCSB  RCSB036715   ?            ?                   
WWPDB D_1000036715 ?            ?                   
# 
loop_
_pdbx_audit_revision_history.ordinal 
_pdbx_audit_revision_history.data_content_type 
_pdbx_audit_revision_history.major_revision 
_pdbx_audit_revision_history.minor_revision 
_pdbx_audit_revision_history.revision_date 
1 'Structure model' 1 0 2006-06-20 
2 'Structure model' 1 1 2008-05-01 
3 'Structure model' 1 2 2011-07-13 
4 'Structure model' 1 3 2024-03-13 
# 
_pdbx_audit_revision_details.ordinal             1 
_pdbx_audit_revision_details.revision_ordinal    1 
_pdbx_audit_revision_details.data_content_type   'Structure model' 
_pdbx_audit_revision_details.provider            repository 
_pdbx_audit_revision_details.type                'Initial release' 
_pdbx_audit_revision_details.description         ? 
_pdbx_audit_revision_details.details             ? 
# 
loop_
_pdbx_audit_revision_group.ordinal 
_pdbx_audit_revision_group.revision_ordinal 
_pdbx_audit_revision_group.data_content_type 
_pdbx_audit_revision_group.group 
1 2 'Structure model' 'Version format compliance' 
2 3 'Structure model' 'Version format compliance' 
3 4 'Structure model' 'Data collection'           
4 4 'Structure model' 'Database references'       
5 4 'Structure model' 'Derived calculations'      
6 4 'Structure model' 'Structure summary'         
# 
loop_
_pdbx_audit_revision_category.ordinal 
_pdbx_audit_revision_category.revision_ordinal 
_pdbx_audit_revision_category.data_content_type 
_pdbx_audit_revision_category.category 
1 4 'Structure model' chem_comp              
2 4 'Structure model' chem_comp_atom         
3 4 'Structure model' chem_comp_bond         
4 4 'Structure model' database_2             
5 4 'Structure model' pdbx_struct_conn_angle 
6 4 'Structure model' struct_conn            
7 4 'Structure model' struct_site            
# 
loop_
_pdbx_audit_revision_item.ordinal 
_pdbx_audit_revision_item.revision_ordinal 
_pdbx_audit_revision_item.data_content_type 
_pdbx_audit_revision_item.item 
1  4 'Structure model' '_chem_comp.pdbx_synonyms'                    
2  4 'Structure model' '_database_2.pdbx_DOI'                        
3  4 'Structure model' '_database_2.pdbx_database_accession'         
4  4 'Structure model' '_pdbx_struct_conn_angle.ptnr1_auth_asym_id'  
5  4 'Structure model' '_pdbx_struct_conn_angle.ptnr1_auth_seq_id'   
6  4 'Structure model' '_pdbx_struct_conn_angle.ptnr1_label_asym_id' 
7  4 'Structure model' '_pdbx_struct_conn_angle.ptnr3_auth_asym_id'  
8  4 'Structure model' '_pdbx_struct_conn_angle.ptnr3_auth_seq_id'   
9  4 'Structure model' '_pdbx_struct_conn_angle.ptnr3_label_asym_id' 
10 4 'Structure model' '_pdbx_struct_conn_angle.value'               
11 4 'Structure model' '_struct_conn.pdbx_dist_value'                
12 4 'Structure model' '_struct_conn.ptnr1_auth_asym_id'             
13 4 'Structure model' '_struct_conn.ptnr1_auth_comp_id'             
14 4 'Structure model' '_struct_conn.ptnr1_auth_seq_id'              
15 4 'Structure model' '_struct_conn.ptnr1_label_asym_id'            
16 4 'Structure model' '_struct_conn.ptnr1_label_atom_id'            
17 4 'Structure model' '_struct_conn.ptnr1_label_comp_id'            
18 4 'Structure model' '_struct_conn.ptnr2_auth_asym_id'             
19 4 'Structure model' '_struct_conn.ptnr2_auth_comp_id'             
20 4 'Structure model' '_struct_conn.ptnr2_auth_seq_id'              
21 4 'Structure model' '_struct_conn.ptnr2_label_asym_id'            
22 4 'Structure model' '_struct_conn.ptnr2_label_atom_id'            
23 4 'Structure model' '_struct_conn.ptnr2_label_comp_id'            
24 4 'Structure model' '_struct_site.pdbx_auth_asym_id'              
25 4 'Structure model' '_struct_site.pdbx_auth_comp_id'              
26 4 'Structure model' '_struct_site.pdbx_auth_seq_id'               
# 
_pdbx_database_status.entry_id                        2G5K 
_pdbx_database_status.deposit_site                    RCSB 
_pdbx_database_status.process_site                    PDBJ 
_pdbx_database_status.recvd_initial_deposition_date   2006-02-23 
_pdbx_database_status.status_code                     REL 
_pdbx_database_status.status_code_sf                  REL 
_pdbx_database_status.status_code_mr                  ? 
_pdbx_database_status.SG_entry                        ? 
_pdbx_database_status.pdb_format_compatible           Y 
_pdbx_database_status.status_code_cs                  ? 
_pdbx_database_status.status_code_nmr_data            ? 
_pdbx_database_status.methods_development_category    ? 
# 
_pdbx_database_related.db_name        PDB 
_pdbx_database_related.db_id          2FQN 
_pdbx_database_related.details        . 
_pdbx_database_related.content_type   unspecified 
# 
loop_
_audit_author.name 
_audit_author.pdbx_ordinal 
'Kondo, J.'      1 
'Francois, B.'   2 
'Urzhumtsev, A.' 3 
'Westhof, E.'    4 
# 
_citation.id                        primary 
_citation.title                     
'Crystal Structure of the Homo sapiens Cytoplasmic Ribosomal Decoding Site Complexed with Apramycin' 
_citation.journal_abbrev            Angew.Chem.Int.Ed.Engl. 
_citation.journal_volume            45 
_citation.page_first                3310 
_citation.page_last                 3314 
_citation.year                      2006 
_citation.journal_id_ASTM           ACIEAY 
_citation.country                   GE 
_citation.journal_id_ISSN           0570-0833 
_citation.journal_id_CSD            0179 
_citation.book_publisher            ? 
_citation.pdbx_database_id_PubMed   16596680 
_citation.pdbx_database_id_DOI      10.1002/anie.200600354 
# 
loop_
_citation_author.citation_id 
_citation_author.name 
_citation_author.ordinal 
_citation_author.identifier_ORCID 
primary 'Kondo, J.'      1 ? 
primary 'Francois, B.'   2 ? 
primary 'Urzhumtsev, A.' 3 ? 
primary 'Westhof, E.'    4 ? 
# 
loop_
_entity.id 
_entity.type 
_entity.src_method 
_entity.pdbx_description 
_entity.formula_weight 
_entity.pdbx_number_of_molecules 
_entity.pdbx_ec 
_entity.pdbx_mutation 
_entity.pdbx_fragment 
_entity.details 
1 polymer     syn "5'-R(*UP*UP*GP*CP*GP*UP*CP*GP*CP*UP*CP*CP*GP*GP*AP*AP*AP*AP*GP*UP*CP*GP*C)-3'" 7355.409 2  ? ? ? ? 
2 non-polymer syn APRAMYCIN                                                                       539.577  2  ? ? ? ? 
3 non-polymer syn 'MAGNESIUM ION'                                                                 24.305   2  ? ? ? ? 
4 non-polymer syn 'COBALT HEXAMMINE(III)'                                                         161.116  2  ? ? ? ? 
5 water       nat water                                                                           18.015   27 ? ? ? ? 
# 
_entity_poly.entity_id                      1 
_entity_poly.type                           polyribonucleotide 
_entity_poly.nstd_linkage                   no 
_entity_poly.nstd_monomer                   no 
_entity_poly.pdbx_seq_one_letter_code       UUGCGUCGCUCCGGAAAAGUCGC 
_entity_poly.pdbx_seq_one_letter_code_can   UUGCGUCGCUCCGGAAAAGUCGC 
_entity_poly.pdbx_strand_id                 A,B 
_entity_poly.pdbx_target_identifier         ? 
# 
loop_
_pdbx_entity_nonpoly.entity_id 
_pdbx_entity_nonpoly.name 
_pdbx_entity_nonpoly.comp_id 
2 APRAMYCIN               AM2 
3 'MAGNESIUM ION'         MG  
4 'COBALT HEXAMMINE(III)' NCO 
5 water                   HOH 
# 
loop_
_entity_poly_seq.entity_id 
_entity_poly_seq.num 
_entity_poly_seq.mon_id 
_entity_poly_seq.hetero 
1 1  U n 
1 2  U n 
1 3  G n 
1 4  C n 
1 5  G n 
1 6  U n 
1 7  C n 
1 8  G n 
1 9  C n 
1 10 U n 
1 11 C n 
1 12 C n 
1 13 G n 
1 14 G n 
1 15 A n 
1 16 A n 
1 17 A n 
1 18 A n 
1 19 G n 
1 20 U n 
1 21 C n 
1 22 G n 
1 23 C n 
# 
_pdbx_entity_src_syn.entity_id              1 
_pdbx_entity_src_syn.pdbx_src_id            1 
_pdbx_entity_src_syn.pdbx_alt_source_flag   sample 
_pdbx_entity_src_syn.pdbx_beg_seq_num       ? 
_pdbx_entity_src_syn.pdbx_end_seq_num       ? 
_pdbx_entity_src_syn.organism_scientific    ? 
_pdbx_entity_src_syn.organism_common_name   ? 
_pdbx_entity_src_syn.ncbi_taxonomy_id       ? 
_pdbx_entity_src_syn.details                'Chemically synthesized' 
# 
loop_
_chem_comp.id 
_chem_comp.type 
_chem_comp.mon_nstd_flag 
_chem_comp.name 
_chem_comp.pdbx_synonyms 
_chem_comp.formula 
_chem_comp.formula_weight 
A   'RNA linking' y "ADENOSINE-5'-MONOPHOSPHATE" ? 'C10 H14 N5 O7 P' 347.221 
AM2 non-polymer   . APRAMYCIN                    
;NEBRAMYCIN II; 4-O-(3ALPHA-AMINO-6ALPHA-((4-AMINO-4-DEOXY-ALPHA-D-GLUCOPYRANOSYL)OXY)-2,3,4,5ABETA,6,7,8,8AALPHA-OCTAHYDRO-8BETA-HYDROXY-7BETA-(METHYLAMINO)PYRANO(3,2-B)PYRAN-2ALPHA-YL)-2-DEOXY-D-STREPTAMINE
;
'C21 H41 N5 O11'  539.577 
C   'RNA linking' y "CYTIDINE-5'-MONOPHOSPHATE"  ? 'C9 H14 N3 O8 P'  323.197 
G   'RNA linking' y "GUANOSINE-5'-MONOPHOSPHATE" ? 'C10 H14 N5 O8 P' 363.221 
HOH non-polymer   . WATER                        ? 'H2 O'            18.015  
MG  non-polymer   . 'MAGNESIUM ION'              ? 'Mg 2'            24.305  
NCO non-polymer   . 'COBALT HEXAMMINE(III)'      ? 'Co H18 N6 3'     161.116 
U   'RNA linking' y "URIDINE-5'-MONOPHOSPHATE"   ? 'C9 H13 N2 O9 P'  324.181 
# 
loop_
_pdbx_poly_seq_scheme.asym_id 
_pdbx_poly_seq_scheme.entity_id 
_pdbx_poly_seq_scheme.seq_id 
_pdbx_poly_seq_scheme.mon_id 
_pdbx_poly_seq_scheme.ndb_seq_num 
_pdbx_poly_seq_scheme.pdb_seq_num 
_pdbx_poly_seq_scheme.auth_seq_num 
_pdbx_poly_seq_scheme.pdb_mon_id 
_pdbx_poly_seq_scheme.auth_mon_id 
_pdbx_poly_seq_scheme.pdb_strand_id 
_pdbx_poly_seq_scheme.pdb_ins_code 
_pdbx_poly_seq_scheme.hetero 
A 1 1  U 1  1  ?  ? ?   A . n 
A 1 2  U 2  2  2  U URI A . n 
A 1 3  G 3  3  3  G GUA A . n 
A 1 4  C 4  4  4  C CYT A . n 
A 1 5  G 5  5  5  G GUA A . n 
A 1 6  U 6  6  6  U URI A . n 
A 1 7  C 7  7  7  C CYT A . n 
A 1 8  G 8  8  8  G GUA A . n 
A 1 9  C 9  9  9  C CYT A . n 
A 1 10 U 10 10 10 U URI A . n 
A 1 11 C 11 11 11 C CYT A . n 
A 1 12 C 12 12 12 C CYT A . n 
A 1 13 G 13 13 13 G GUA A . n 
A 1 14 G 14 14 14 G GUA A . n 
A 1 15 A 15 15 15 A ADE A . n 
A 1 16 A 16 16 16 A ADE A . n 
A 1 17 A 17 17 17 A ADE A . n 
A 1 18 A 18 18 18 A ADE A . n 
A 1 19 G 19 19 19 G GUA A . n 
A 1 20 U 20 20 20 U URI A . n 
A 1 21 C 21 21 21 C CYT A . n 
A 1 22 G 22 22 22 G GUA A . n 
A 1 23 C 23 23 23 C CYT A . n 
B 1 1  U 1  24 ?  ? ?   B . n 
B 1 2  U 2  25 25 U URI B . n 
B 1 3  G 3  26 26 G GUA B . n 
B 1 4  C 4  27 27 C CYT B . n 
B 1 5  G 5  28 28 G GUA B . n 
B 1 6  U 6  29 29 U URI B . n 
B 1 7  C 7  30 30 C CYT B . n 
B 1 8  G 8  31 31 G GUA B . n 
B 1 9  C 9  32 32 C CYT B . n 
B 1 10 U 10 33 33 U URI B . n 
B 1 11 C 11 34 34 C CYT B . n 
B 1 12 C 12 35 35 C CYT B . n 
B 1 13 G 13 36 36 G GUA B . n 
B 1 14 G 14 37 37 G GUA B . n 
B 1 15 A 15 38 38 A ADE B . n 
B 1 16 A 16 39 39 A ADE B . n 
B 1 17 A 17 40 40 A ADE B . n 
B 1 18 A 18 41 41 A ADE B . n 
B 1 19 G 19 42 42 G GUA B . n 
B 1 20 U 20 43 43 U URI B . n 
B 1 21 C 21 44 44 C CYT B . n 
B 1 22 G 22 45 45 G GUA B . n 
B 1 23 C 23 46 46 C CYT B . n 
# 
loop_
_pdbx_nonpoly_scheme.asym_id 
_pdbx_nonpoly_scheme.entity_id 
_pdbx_nonpoly_scheme.mon_id 
_pdbx_nonpoly_scheme.ndb_seq_num 
_pdbx_nonpoly_scheme.pdb_seq_num 
_pdbx_nonpoly_scheme.auth_seq_num 
_pdbx_nonpoly_scheme.pdb_mon_id 
_pdbx_nonpoly_scheme.auth_mon_id 
_pdbx_nonpoly_scheme.pdb_strand_id 
_pdbx_nonpoly_scheme.pdb_ins_code 
C 2 AM2 1  102 102 AM2 AM2 A . 
D 3 MG  1  301 301 MG  MO6 A . 
E 4 NCO 1  202 202 NCO NCO A . 
F 2 AM2 1  101 101 AM2 AM2 B . 
G 3 MG  1  302 302 MG  MO6 B . 
H 4 NCO 1  201 201 NCO NCO B . 
I 5 HOH 1  401 401 HOH HOH A . 
I 5 HOH 2  402 402 HOH HOH A . 
I 5 HOH 3  405 405 HOH HOH A . 
I 5 HOH 4  406 406 HOH HOH A . 
I 5 HOH 5  408 408 HOH HOH A . 
I 5 HOH 6  409 409 HOH HOH A . 
I 5 HOH 7  411 411 HOH HOH A . 
I 5 HOH 8  413 413 HOH HOH A . 
I 5 HOH 9  415 415 HOH HOH A . 
I 5 HOH 10 416 301 HOH MO6 A . 
I 5 HOH 11 417 301 HOH MO6 A . 
I 5 HOH 12 419 301 HOH MO6 A . 
I 5 HOH 13 420 301 HOH MO6 A . 
I 5 HOH 14 421 301 HOH MO6 A . 
I 5 HOH 15 424 302 HOH MO6 A . 
J 5 HOH 1  403 403 HOH HOH B . 
J 5 HOH 2  404 404 HOH HOH B . 
J 5 HOH 3  407 407 HOH HOH B . 
J 5 HOH 4  410 410 HOH HOH B . 
J 5 HOH 5  412 412 HOH HOH B . 
J 5 HOH 6  414 414 HOH HOH B . 
J 5 HOH 7  418 301 HOH MO6 B . 
J 5 HOH 8  422 302 HOH MO6 B . 
J 5 HOH 9  423 302 HOH MO6 B . 
J 5 HOH 10 425 302 HOH MO6 B . 
J 5 HOH 11 426 302 HOH MO6 B . 
J 5 HOH 12 427 302 HOH MO6 B . 
# 
loop_
_software.name 
_software.version 
_software.date 
_software.type 
_software.contact_author 
_software.contact_author_email 
_software.classification 
_software.location 
_software.language 
_software.citation_id 
_software.pdbx_ordinal 
d*TREK       8.0SSI         'Feb  4 2003'  package 'Pflugrath, J.W.' jwp@RigakuMSC.com        'data processing' 
http://www.msc.com/protein/dtrek.html ?          ? 1 
CNS          .              ?              package 'Axel T. Brunger' axel.brunger@yale.edu    refinement        
http://cns.csb.yale.edu/v1.1/         Fortran_77 ? 2 
PDB_EXTRACT  1.701          'Nov. 1, 2005' package PDB               sw-help@rcsb.rutgers.edu 'data extraction' 
http://pdb.rutgers.edu/software/      C++        ? 3 
CrystalClear '(MSC/RIGAKU)' ?              ?       ?                 ?                        'data reduction'  ? ?          ? 4 
CrystalClear '(MSC/RIGAKU)' ?              ?       ?                 ?                        'data scaling'    ? ?          ? 5 
AMoRE        .              ?              ?       ?                 ?                        phasing           ? ?          ? 6 
# 
_cell.length_a           33.123 
_cell.length_b           33.123 
_cell.length_c           116.421 
_cell.angle_alpha        90.00 
_cell.angle_beta         90.00 
_cell.angle_gamma        120.00 
_cell.entry_id           2G5K 
_cell.pdbx_unique_axis   ? 
_cell.Z_PDB              6 
_cell.length_a_esd       ? 
_cell.length_b_esd       ? 
_cell.length_c_esd       ? 
_cell.angle_alpha_esd    ? 
_cell.angle_beta_esd     ? 
_cell.angle_gamma_esd    ? 
# 
_symmetry.space_group_name_H-M             'P 31' 
_symmetry.entry_id                         2G5K 
_symmetry.pdbx_full_space_group_name_H-M   ? 
_symmetry.Int_Tables_number                144 
_symmetry.cell_setting                     ? 
_symmetry.space_group_name_Hall            ? 
# 
_exptl.entry_id          2G5K 
_exptl.crystals_number   1 
_exptl.method            'X-RAY DIFFRACTION' 
# 
_exptl_crystal.id                    1 
_exptl_crystal.density_Matthews      2.51 
_exptl_crystal.density_meas          ? 
_exptl_crystal.density_percent_sol   50.93 
_exptl_crystal.description           ? 
_exptl_crystal.F_000                 ? 
_exptl_crystal.preparation           ? 
# 
_exptl_crystal_grow.crystal_id      1 
_exptl_crystal_grow.method          'VAPOR DIFFUSION, HANGING DROP' 
_exptl_crystal_grow.pH              6.4 
_exptl_crystal_grow.temp            300 
_exptl_crystal_grow.temp_details    ? 
_exptl_crystal_grow.pdbx_details    
;50mM sodium cacodylate, 10mM hexammine cobalt chloride, 150mM potassium chloride, 1%(v/v) 2-methyl-2,4-pentanediol, 5%(v/v) glycerol, pH 6.4, VAPOR DIFFUSION, HANGING DROP, temperature 300K
;
_exptl_crystal_grow.pdbx_pH_range   . 
# 
loop_
_exptl_crystal_grow_comp.crystal_id 
_exptl_crystal_grow_comp.id 
_exptl_crystal_grow_comp.sol_id 
_exptl_crystal_grow_comp.name 
_exptl_crystal_grow_comp.volume 
_exptl_crystal_grow_comp.conc 
_exptl_crystal_grow_comp.details 
1 1  1 'sodium cacodylate'         ? ? ? 
1 2  1 'hexammine cobalt chloride' ? ? ? 
1 3  1 'potassium chloride'        ? ? ? 
1 4  1 2-methyl-2,4-pentanediol    ? ? ? 
1 5  1 glycerol                    ? ? ? 
1 6  1 H2O                         ? ? ? 
1 7  2 'sodium cacodylate'         ? ? ? 
1 8  2 'hexammine cobalt chloride' ? ? ? 
1 9  2 'potassium chloride'        ? ? ? 
1 10 2 glycerol                    ? ? ? 
1 11 2 H2O                         ? ? ? 
# 
_diffrn.id                     1 
_diffrn.ambient_temp           100 
_diffrn.ambient_temp_details   ? 
_diffrn.crystal_id             1 
# 
_diffrn_detector.diffrn_id              1 
_diffrn_detector.detector               CCD 
_diffrn_detector.type                   'ADSC QUANTUM 4' 
_diffrn_detector.pdbx_collection_date   2003-05-18 
_diffrn_detector.details                ? 
# 
_diffrn_radiation.diffrn_id                        1 
_diffrn_radiation.wavelength_id                    1 
_diffrn_radiation.pdbx_diffrn_protocol             'SINGLE WAVELENGTH' 
_diffrn_radiation.monochromator                    Diamond 
_diffrn_radiation.pdbx_monochromatic_or_laue_m_l   M 
_diffrn_radiation.pdbx_scattering_type             x-ray 
# 
_diffrn_radiation_wavelength.id           1 
_diffrn_radiation_wavelength.wavelength   0.9793 
_diffrn_radiation_wavelength.wt           1.0 
# 
_diffrn_source.diffrn_id                   1 
_diffrn_source.source                      SYNCHROTRON 
_diffrn_source.type                        'ESRF BEAMLINE ID14-4' 
_diffrn_source.pdbx_wavelength             ? 
_diffrn_source.pdbx_wavelength_list        0.9793 
_diffrn_source.pdbx_synchrotron_site       ESRF 
_diffrn_source.pdbx_synchrotron_beamline   ID14-4 
# 
_reflns.entry_id                     2G5K 
_reflns.d_resolution_high            2.800 
_reflns.d_resolution_low             27.850 
_reflns.number_obs                   3533 
_reflns.pdbx_scaling_rejects         151 
_reflns.pdbx_Rmerge_I_obs            0.056 
_reflns.pdbx_netI_over_sigmaI        16.800 
_reflns.pdbx_chi_squared             0.970 
_reflns.pdbx_redundancy              5.590 
_reflns.percent_possible_obs         100.000 
_reflns.observed_criterion_sigma_F   ? 
_reflns.observed_criterion_sigma_I   ? 
_reflns.number_all                   ? 
_reflns.pdbx_Rsym_value              ? 
_reflns.B_iso_Wilson_estimate        ? 
_reflns.R_free_details               ? 
_reflns.pdbx_diffrn_id               1 
_reflns.pdbx_ordinal                 1 
# 
loop_
_reflns_shell.d_res_high 
_reflns_shell.d_res_low 
_reflns_shell.number_measured_obs 
_reflns_shell.number_measured_all 
_reflns_shell.number_unique_obs 
_reflns_shell.Rmerge_I_obs 
_reflns_shell.meanI_over_sigI_obs 
_reflns_shell.pdbx_Rsym_value 
_reflns_shell.pdbx_chi_squared 
_reflns_shell.pdbx_redundancy 
_reflns_shell.percent_possible_obs 
_reflns_shell.number_unique_all 
_reflns_shell.percent_possible_all 
_reflns_shell.pdbx_diffrn_id 
_reflns_shell.pdbx_ordinal 
2.80 2.90  ? 1993 346 0.397 2.1  ? 0.350 5.76 100.00 ? ? ? 1  
2.90 3.02  ? 2190 380 0.309 2.7  ? 0.420 5.76 100.00 ? ? ? 2  
3.02 3.15  ? 1872 326 0.151 5.1  ? 0.530 5.74 100.00 ? ? ? 3  
3.15 3.32  ? 2121 367 0.131 7.5  ? 0.670 5.78 100.00 ? ? ? 4  
3.32 3.53  ? 1918 334 0.103 10.1 ? 0.820 5.74 100.00 ? ? ? 5  
3.53 3.80  ? 2092 364 0.087 13.4 ? 0.930 5.73 100.00 ? ? ? 6  
3.80 4.18  ? 2024 361 0.063 21.1 ? 1.170 5.56 100.00 ? ? ? 7  
4.18 4.78  ? 1942 354 0.054 28.5 ? 1.340 5.43 100.00 ? ? ? 8  
4.78 6.01  ? 1849 337 0.043 38.3 ? 1.610 5.37 100.00 ? ? ? 9  
6.01 27.85 ? 1886 364 0.038 45.5 ? 2.080 5.01 100.00 ? ? ? 10 
# 
_refine.ls_d_res_high                            2.800 
_refine.ls_d_res_low                             10.000 
_refine.pdbx_ls_sigma_F                          0.00 
_refine.ls_percent_reflns_obs                    100.000 
_refine.ls_number_reflns_obs                     3437 
_refine.ls_R_factor_R_work                       0.258 
_refine.ls_R_factor_R_free                       0.27 
_refine.ls_percent_reflns_R_free                 10.100 
_refine.ls_number_reflns_R_free                  347 
_refine.B_iso_mean                               93.873 
_refine.solvent_model_param_bsol                 75.808 
_refine.aniso_B[1][1]                            7.932 
_refine.aniso_B[2][2]                            7.932 
_refine.aniso_B[3][3]                            -15.865 
_refine.aniso_B[1][2]                            -1.148 
_refine.aniso_B[1][3]                            0.000 
_refine.aniso_B[2][3]                            0.000 
_refine.overall_FOM_work_R_set                   0.722 
_refine.entry_id                                 2G5K 
_refine.pdbx_ls_sigma_I                          ? 
_refine.ls_number_reflns_all                     ? 
_refine.ls_R_factor_all                          ? 
_refine.ls_R_factor_obs                          ? 
_refine.ls_redundancy_reflns_obs                 ? 
_refine.pdbx_data_cutoff_high_absF               ? 
_refine.pdbx_data_cutoff_low_absF                ? 
_refine.ls_number_parameters                     ? 
_refine.ls_number_restraints                     ? 
_refine.ls_R_factor_R_free_error                 ? 
_refine.ls_R_factor_R_free_error_details         ? 
_refine.pdbx_method_to_determine_struct          'MOLECULAR REPLACEMENT' 
_refine.pdbx_starting_model                      ? 
_refine.pdbx_ls_cross_valid_method               ? 
_refine.pdbx_R_Free_selection_details            RANDOM 
_refine.pdbx_stereochem_target_val_spec_case     ? 
_refine.pdbx_stereochemistry_target_values       
;G. Parkinson, J. Vojtechovsky, L. Clowney, A.T. Brunger, H.M. Berman, New Parameters for the Refinement of Nucleic Acid Containing Structures, Acta Cryst. D, 52, 57-64 (1996).
;
_refine.solvent_model_details                    ? 
_refine.solvent_model_param_ksol                 ? 
_refine.occupancy_max                            ? 
_refine.occupancy_min                            ? 
_refine.pdbx_isotropic_thermal_model             ? 
_refine.details                                  ? 
_refine.correlation_coeff_Fo_to_Fc               ? 
_refine.correlation_coeff_Fo_to_Fc_free          ? 
_refine.pdbx_solvent_vdw_probe_radii             ? 
_refine.pdbx_solvent_ion_probe_radii             ? 
_refine.pdbx_solvent_shrinkage_radii             ? 
_refine.overall_SU_R_Cruickshank_DPI             ? 
_refine.overall_SU_R_free                        ? 
_refine.overall_SU_ML                            ? 
_refine.overall_SU_B                             ? 
_refine.pdbx_overall_ESU_R_Free                  ? 
_refine.pdbx_data_cutoff_high_rms_absF           ? 
_refine.pdbx_overall_ESU_R                       ? 
_refine.ls_wR_factor_R_free                      ? 
_refine.ls_wR_factor_R_work                      ? 
_refine.overall_FOM_free_R_set                   ? 
_refine.pdbx_refine_id                           'X-RAY DIFFRACTION' 
_refine.pdbx_diffrn_id                           1 
_refine.pdbx_TLS_residual_ADP_flag               ? 
_refine.pdbx_overall_phase_error                 ? 
_refine.pdbx_overall_SU_R_free_Cruickshank_DPI   ? 
_refine.pdbx_overall_SU_R_Blow_DPI               ? 
_refine.pdbx_overall_SU_R_free_Blow_DPI          ? 
# 
_refine_hist.pdbx_refine_id                   'X-RAY DIFFRACTION' 
_refine_hist.cycle_id                         LAST 
_refine_hist.pdbx_number_atoms_protein        0 
_refine_hist.pdbx_number_atoms_nucleic_acid   938 
_refine_hist.pdbx_number_atoms_ligand         102 
_refine_hist.number_atoms_solvent             15 
_refine_hist.number_atoms_total               1055 
_refine_hist.d_res_high                       2.800 
_refine_hist.d_res_low                        10.000 
# 
loop_
_refine_ls_restr.type 
_refine_ls_restr.dev_ideal 
_refine_ls_restr.dev_ideal_target 
_refine_ls_restr.number 
_refine_ls_restr.weight 
_refine_ls_restr.pdbx_refine_id 
_refine_ls_restr.pdbx_restraint_function 
c_bond_d           0.005 ? ? ? 'X-RAY DIFFRACTION' ? 
c_angle_deg        0.9   ? ? ? 'X-RAY DIFFRACTION' ? 
c_improper_angle_d 1.5   ? ? ? 'X-RAY DIFFRACTION' ? 
# 
loop_
_refine_ls_shell.d_res_high 
_refine_ls_shell.d_res_low 
_refine_ls_shell.pdbx_total_number_of_bins_used 
_refine_ls_shell.percent_reflns_obs 
_refine_ls_shell.number_reflns_R_work 
_refine_ls_shell.R_factor_all 
_refine_ls_shell.R_factor_R_work 
_refine_ls_shell.R_factor_R_free 
_refine_ls_shell.percent_reflns_R_free 
_refine_ls_shell.number_reflns_R_free 
_refine_ls_shell.R_factor_R_free_error 
_refine_ls_shell.number_reflns_all 
_refine_ls_shell.number_reflns_obs 
_refine_ls_shell.redundancy_reflns_obs 
_refine_ls_shell.pdbx_refine_id 
2.800 2.920  8 . 389 . 0.553 0.578 . 34 . . 423 . 'X-RAY DIFFRACTION' 
2.920 3.070  8 . 378 . 0.426 0.51  . 49 . . 427 . 'X-RAY DIFFRACTION' 
3.070 3.260  8 . 387 . 0.155 0.284 . 49 . . 436 . 'X-RAY DIFFRACTION' 
3.260 3.500  8 . 369 . 0.258 0.302 . 54 . . 423 . 'X-RAY DIFFRACTION' 
3.500 3.840  8 . 399 . 0.282 0.256 . 41 . . 440 . 'X-RAY DIFFRACTION' 
3.840 4.350  8 . 386 . 0.258 0.308 . 38 . . 424 . 'X-RAY DIFFRACTION' 
4.350 5.340  8 . 390 . 0.234 0.19  . 46 . . 436 . 'X-RAY DIFFRACTION' 
5.340 10.000 8 . 392 . 0.239 0.273 . 36 . . 428 . 'X-RAY DIFFRACTION' 
# 
loop_
_pdbx_xplor_file.serial_no 
_pdbx_xplor_file.param_file 
_pdbx_xplor_file.topol_file 
_pdbx_xplor_file.pdbx_refine_id 
1 dna-rna_rep.param dna-rna.top   'X-RAY DIFFRACTION' 
2 am2_xplor.param   am2_xplor.top 'X-RAY DIFFRACTION' 
3 nco_xplor.param   nco_xplor.top 'X-RAY DIFFRACTION' 
4 mo6_xplor.param   mo6_xplor.top 'X-RAY DIFFRACTION' 
5 water_rep.param   water.top     'X-RAY DIFFRACTION' 
# 
_struct.entry_id                  2G5K 
_struct.title                     
'Crystal Structure of the Homo sapiens Cytoplasmic Ribosomal Decoding Site complexed with Apramycin' 
_struct.pdbx_model_details        ? 
_struct.pdbx_CASP_flag            ? 
_struct.pdbx_model_type_details   ? 
# 
_struct_keywords.entry_id        2G5K 
_struct_keywords.pdbx_keywords   RNA 
_struct_keywords.text            'aminoglycoside, antibiotics, apramycin, ribosome, decoding site, Homo sapiens, cytoplasm, RNA' 
# 
loop_
_struct_asym.id 
_struct_asym.pdbx_blank_PDB_chainid_flag 
_struct_asym.pdbx_modified 
_struct_asym.entity_id 
_struct_asym.details 
A N N 1 ? 
B N N 1 ? 
C N N 2 ? 
D N N 3 ? 
E N N 4 ? 
F N N 2 ? 
G N N 3 ? 
H N N 4 ? 
I N N 5 ? 
J N N 5 ? 
# 
_struct_ref.id                         1 
_struct_ref.entity_id                  1 
_struct_ref.db_name                    PDB 
_struct_ref.db_code                    2G5K 
_struct_ref.pdbx_db_accession          2G5K 
_struct_ref.pdbx_db_isoform            ? 
_struct_ref.pdbx_seq_one_letter_code   ? 
_struct_ref.pdbx_align_begin           ? 
# 
loop_
_struct_ref_seq.align_id 
_struct_ref_seq.ref_id 
_struct_ref_seq.pdbx_PDB_id_code 
_struct_ref_seq.pdbx_strand_id 
_struct_ref_seq.seq_align_beg 
_struct_ref_seq.pdbx_seq_align_beg_ins_code 
_struct_ref_seq.seq_align_end 
_struct_ref_seq.pdbx_seq_align_end_ins_code 
_struct_ref_seq.pdbx_db_accession 
_struct_ref_seq.db_align_beg 
_struct_ref_seq.pdbx_db_align_beg_ins_code 
_struct_ref_seq.db_align_end 
_struct_ref_seq.pdbx_db_align_end_ins_code 
_struct_ref_seq.pdbx_auth_seq_align_beg 
_struct_ref_seq.pdbx_auth_seq_align_end 
1 1 2G5K A 1 ? 23 ? 2G5K 1  ? 23 ? 1  23 
2 1 2G5K B 1 ? 23 ? 2G5K 24 ? 46 ? 24 46 
# 
_pdbx_struct_assembly.id                   1 
_pdbx_struct_assembly.details              author_defined_assembly 
_pdbx_struct_assembly.method_details       ? 
_pdbx_struct_assembly.oligomeric_details   dimeric 
_pdbx_struct_assembly.oligomeric_count     2 
# 
_pdbx_struct_assembly_gen.assembly_id       1 
_pdbx_struct_assembly_gen.oper_expression   1 
_pdbx_struct_assembly_gen.asym_id_list      A,B,C,D,E,F,G,H,I,J 
# 
_pdbx_struct_oper_list.id                   1 
_pdbx_struct_oper_list.type                 'identity operation' 
_pdbx_struct_oper_list.name                 1_555 
_pdbx_struct_oper_list.symmetry_operation   x,y,z 
_pdbx_struct_oper_list.matrix[1][1]         1.0000000000 
_pdbx_struct_oper_list.matrix[1][2]         0.0000000000 
_pdbx_struct_oper_list.matrix[1][3]         0.0000000000 
_pdbx_struct_oper_list.vector[1]            0.0000000000 
_pdbx_struct_oper_list.matrix[2][1]         0.0000000000 
_pdbx_struct_oper_list.matrix[2][2]         1.0000000000 
_pdbx_struct_oper_list.matrix[2][3]         0.0000000000 
_pdbx_struct_oper_list.vector[2]            0.0000000000 
_pdbx_struct_oper_list.matrix[3][1]         0.0000000000 
_pdbx_struct_oper_list.matrix[3][2]         0.0000000000 
_pdbx_struct_oper_list.matrix[3][3]         1.0000000000 
_pdbx_struct_oper_list.vector[3]            0.0000000000 
# 
loop_
_struct_conn.id 
_struct_conn.conn_type_id 
_struct_conn.pdbx_leaving_atom_flag 
_struct_conn.pdbx_PDB_id 
_struct_conn.ptnr1_label_asym_id 
_struct_conn.ptnr1_label_comp_id 
_struct_conn.ptnr1_label_seq_id 
_struct_conn.ptnr1_label_atom_id 
_struct_conn.pdbx_ptnr1_label_alt_id 
_struct_conn.pdbx_ptnr1_PDB_ins_code 
_struct_conn.pdbx_ptnr1_standard_comp_id 
_struct_conn.ptnr1_symmetry 
_struct_conn.ptnr2_label_asym_id 
_struct_conn.ptnr2_label_comp_id 
_struct_conn.ptnr2_label_seq_id 
_struct_conn.ptnr2_label_atom_id 
_struct_conn.pdbx_ptnr2_label_alt_id 
_struct_conn.pdbx_ptnr2_PDB_ins_code 
_struct_conn.ptnr1_auth_asym_id 
_struct_conn.ptnr1_auth_comp_id 
_struct_conn.ptnr1_auth_seq_id 
_struct_conn.ptnr2_auth_asym_id 
_struct_conn.ptnr2_auth_comp_id 
_struct_conn.ptnr2_auth_seq_id 
_struct_conn.ptnr2_symmetry 
_struct_conn.pdbx_ptnr3_label_atom_id 
_struct_conn.pdbx_ptnr3_label_seq_id 
_struct_conn.pdbx_ptnr3_label_comp_id 
_struct_conn.pdbx_ptnr3_label_asym_id 
_struct_conn.pdbx_ptnr3_label_alt_id 
_struct_conn.pdbx_ptnr3_PDB_ins_code 
_struct_conn.details 
_struct_conn.pdbx_dist_value 
_struct_conn.pdbx_value_order 
_struct_conn.pdbx_role 
metalc1  metalc ? ? D MG  .  MG ? ? ? 1_555 I HOH .  O  ? ? A MG  301 A HOH 416 1_555 ? ? ? ? ? ? ?             2.074 ? ? 
metalc2  metalc ? ? D MG  .  MG ? ? ? 1_555 I HOH .  O  ? ? A MG  301 A HOH 417 1_555 ? ? ? ? ? ? ?             2.016 ? ? 
metalc3  metalc ? ? D MG  .  MG ? ? ? 1_555 I HOH .  O  ? ? A MG  301 A HOH 419 1_555 ? ? ? ? ? ? ?             2.068 ? ? 
metalc4  metalc ? ? D MG  .  MG ? ? ? 1_555 I HOH .  O  ? ? A MG  301 A HOH 420 1_555 ? ? ? ? ? ? ?             2.128 ? ? 
metalc5  metalc ? ? D MG  .  MG ? ? ? 1_555 I HOH .  O  ? ? A MG  301 A HOH 421 1_555 ? ? ? ? ? ? ?             2.120 ? ? 
metalc6  metalc ? ? D MG  .  MG ? ? ? 1_555 J HOH .  O  ? ? A MG  301 B HOH 418 1_555 ? ? ? ? ? ? ?             2.095 ? ? 
metalc7  metalc ? ? I HOH .  O  ? ? ? 1_555 G MG  .  MG ? ? A HOH 424 B MG  302 1_555 ? ? ? ? ? ? ?             2.098 ? ? 
metalc8  metalc ? ? G MG  .  MG ? ? ? 1_555 J HOH .  O  ? ? B MG  302 B HOH 422 1_555 ? ? ? ? ? ? ?             2.076 ? ? 
metalc9  metalc ? ? G MG  .  MG ? ? ? 1_555 J HOH .  O  ? ? B MG  302 B HOH 423 1_555 ? ? ? ? ? ? ?             2.015 ? ? 
metalc10 metalc ? ? G MG  .  MG ? ? ? 1_555 J HOH .  O  ? ? B MG  302 B HOH 425 1_555 ? ? ? ? ? ? ?             2.069 ? ? 
metalc11 metalc ? ? G MG  .  MG ? ? ? 1_555 J HOH .  O  ? ? B MG  302 B HOH 426 1_555 ? ? ? ? ? ? ?             2.127 ? ? 
metalc12 metalc ? ? G MG  .  MG ? ? ? 1_555 J HOH .  O  ? ? B MG  302 B HOH 427 1_555 ? ? ? ? ? ? ?             2.118 ? ? 
hydrog1  hydrog ? ? A G   3  N1 ? ? ? 1_555 B C   23 N3 ? ? A G   3   B C   46  1_555 ? ? ? ? ? ? WATSON-CRICK  ?     ? ? 
hydrog2  hydrog ? ? A G   3  N2 ? ? ? 1_555 B C   23 O2 ? ? A G   3   B C   46  1_555 ? ? ? ? ? ? WATSON-CRICK  ?     ? ? 
hydrog3  hydrog ? ? A G   3  O6 ? ? ? 1_555 B C   23 N4 ? ? A G   3   B C   46  1_555 ? ? ? ? ? ? WATSON-CRICK  ?     ? ? 
hydrog4  hydrog ? ? A C   4  N3 ? ? ? 1_555 B G   22 N1 ? ? A C   4   B G   45  1_555 ? ? ? ? ? ? WATSON-CRICK  ?     ? ? 
hydrog5  hydrog ? ? A C   4  N4 ? ? ? 1_555 B G   22 O6 ? ? A C   4   B G   45  1_555 ? ? ? ? ? ? WATSON-CRICK  ?     ? ? 
hydrog6  hydrog ? ? A C   4  O2 ? ? ? 1_555 B G   22 N2 ? ? A C   4   B G   45  1_555 ? ? ? ? ? ? WATSON-CRICK  ?     ? ? 
hydrog7  hydrog ? ? A G   5  N1 ? ? ? 1_555 B C   21 N3 ? ? A G   5   B C   44  1_555 ? ? ? ? ? ? WATSON-CRICK  ?     ? ? 
hydrog8  hydrog ? ? A G   5  N2 ? ? ? 1_555 B C   21 O2 ? ? A G   5   B C   44  1_555 ? ? ? ? ? ? WATSON-CRICK  ?     ? ? 
hydrog9  hydrog ? ? A G   5  O6 ? ? ? 1_555 B C   21 N4 ? ? A G   5   B C   44  1_555 ? ? ? ? ? ? WATSON-CRICK  ?     ? ? 
hydrog10 hydrog ? ? A U   6  N3 ? ? ? 1_555 B U   20 O4 ? ? A U   6   B U   43  1_555 ? ? ? ? ? ? TYPE_16_PAIR  ?     ? ? 
hydrog11 hydrog ? ? A U   6  O2 ? ? ? 1_555 B U   20 N3 ? ? A U   6   B U   43  1_555 ? ? ? ? ? ? TYPE_16_PAIR  ?     ? ? 
hydrog12 hydrog ? ? A C   7  N3 ? ? ? 1_555 B G   19 N1 ? ? A C   7   B G   42  1_555 ? ? ? ? ? ? WATSON-CRICK  ?     ? ? 
hydrog13 hydrog ? ? A C   7  N4 ? ? ? 1_555 B G   19 O6 ? ? A C   7   B G   42  1_555 ? ? ? ? ? ? WATSON-CRICK  ?     ? ? 
hydrog14 hydrog ? ? A C   7  O2 ? ? ? 1_555 B G   19 N2 ? ? A C   7   B G   42  1_555 ? ? ? ? ? ? WATSON-CRICK  ?     ? ? 
hydrog15 hydrog ? ? A C   9  N4 ? ? ? 1_555 B A   17 N3 ? ? A C   9   B A   40  1_555 ? ? ? ? ? ? 'C-A MISPAIR' ?     ? ? 
hydrog16 hydrog ? ? A U   10 N3 ? ? ? 1_555 B A   15 N1 ? ? A U   10  B A   38  1_555 ? ? ? ? ? ? WATSON-CRICK  ?     ? ? 
hydrog17 hydrog ? ? A U   10 O4 ? ? ? 1_555 B A   15 N6 ? ? A U   10  B A   38  1_555 ? ? ? ? ? ? WATSON-CRICK  ?     ? ? 
hydrog18 hydrog ? ? A C   11 N3 ? ? ? 1_555 B G   14 N1 ? ? A C   11  B G   37  1_555 ? ? ? ? ? ? WATSON-CRICK  ?     ? ? 
hydrog19 hydrog ? ? A C   11 N4 ? ? ? 1_555 B G   14 O6 ? ? A C   11  B G   37  1_555 ? ? ? ? ? ? WATSON-CRICK  ?     ? ? 
hydrog20 hydrog ? ? A C   11 O2 ? ? ? 1_555 B G   14 N2 ? ? A C   11  B G   37  1_555 ? ? ? ? ? ? WATSON-CRICK  ?     ? ? 
hydrog21 hydrog ? ? A C   12 N3 ? ? ? 1_555 B G   13 N1 ? ? A C   12  B G   36  1_555 ? ? ? ? ? ? WATSON-CRICK  ?     ? ? 
hydrog22 hydrog ? ? A C   12 N4 ? ? ? 1_555 B G   13 O6 ? ? A C   12  B G   36  1_555 ? ? ? ? ? ? WATSON-CRICK  ?     ? ? 
hydrog23 hydrog ? ? A C   12 O2 ? ? ? 1_555 B G   13 N2 ? ? A C   12  B G   36  1_555 ? ? ? ? ? ? WATSON-CRICK  ?     ? ? 
hydrog24 hydrog ? ? A G   13 N1 ? ? ? 1_555 B C   12 N3 ? ? A G   13  B C   35  1_555 ? ? ? ? ? ? WATSON-CRICK  ?     ? ? 
hydrog25 hydrog ? ? A G   13 N2 ? ? ? 1_555 B C   12 O2 ? ? A G   13  B C   35  1_555 ? ? ? ? ? ? WATSON-CRICK  ?     ? ? 
hydrog26 hydrog ? ? A G   13 O6 ? ? ? 1_555 B C   12 N4 ? ? A G   13  B C   35  1_555 ? ? ? ? ? ? WATSON-CRICK  ?     ? ? 
hydrog27 hydrog ? ? A G   14 N1 ? ? ? 1_555 B C   11 N3 ? ? A G   14  B C   34  1_555 ? ? ? ? ? ? WATSON-CRICK  ?     ? ? 
hydrog28 hydrog ? ? A G   14 N2 ? ? ? 1_555 B C   11 O2 ? ? A G   14  B C   34  1_555 ? ? ? ? ? ? WATSON-CRICK  ?     ? ? 
hydrog29 hydrog ? ? A G   14 O6 ? ? ? 1_555 B C   11 N4 ? ? A G   14  B C   34  1_555 ? ? ? ? ? ? WATSON-CRICK  ?     ? ? 
hydrog30 hydrog ? ? A A   15 N1 ? ? ? 1_555 B U   10 N3 ? ? A A   15  B U   33  1_555 ? ? ? ? ? ? WATSON-CRICK  ?     ? ? 
hydrog31 hydrog ? ? A A   15 N6 ? ? ? 1_555 B U   10 O4 ? ? A A   15  B U   33  1_555 ? ? ? ? ? ? WATSON-CRICK  ?     ? ? 
hydrog32 hydrog ? ? A A   17 N3 ? ? ? 1_555 B C   9  N4 ? ? A A   17  B C   32  1_555 ? ? ? ? ? ? 'A-C MISPAIR' ?     ? ? 
hydrog33 hydrog ? ? A G   19 N1 ? ? ? 1_555 B C   7  N3 ? ? A G   19  B C   30  1_555 ? ? ? ? ? ? WATSON-CRICK  ?     ? ? 
hydrog34 hydrog ? ? A G   19 N2 ? ? ? 1_555 B C   7  O2 ? ? A G   19  B C   30  1_555 ? ? ? ? ? ? WATSON-CRICK  ?     ? ? 
hydrog35 hydrog ? ? A G   19 O6 ? ? ? 1_555 B C   7  N4 ? ? A G   19  B C   30  1_555 ? ? ? ? ? ? WATSON-CRICK  ?     ? ? 
hydrog36 hydrog ? ? A U   20 N3 ? ? ? 1_555 B U   6  O2 ? ? A U   20  B U   29  1_555 ? ? ? ? ? ? TYPE_16_PAIR  ?     ? ? 
hydrog37 hydrog ? ? A U   20 O4 ? ? ? 1_555 B U   6  N3 ? ? A U   20  B U   29  1_555 ? ? ? ? ? ? TYPE_16_PAIR  ?     ? ? 
hydrog38 hydrog ? ? A C   21 N3 ? ? ? 1_555 B G   5  N1 ? ? A C   21  B G   28  1_555 ? ? ? ? ? ? WATSON-CRICK  ?     ? ? 
hydrog39 hydrog ? ? A C   21 N4 ? ? ? 1_555 B G   5  O6 ? ? A C   21  B G   28  1_555 ? ? ? ? ? ? WATSON-CRICK  ?     ? ? 
hydrog40 hydrog ? ? A C   21 O2 ? ? ? 1_555 B G   5  N2 ? ? A C   21  B G   28  1_555 ? ? ? ? ? ? WATSON-CRICK  ?     ? ? 
hydrog41 hydrog ? ? A G   22 N1 ? ? ? 1_555 B C   4  N3 ? ? A G   22  B C   27  1_555 ? ? ? ? ? ? WATSON-CRICK  ?     ? ? 
hydrog42 hydrog ? ? A G   22 N2 ? ? ? 1_555 B C   4  O2 ? ? A G   22  B C   27  1_555 ? ? ? ? ? ? WATSON-CRICK  ?     ? ? 
hydrog43 hydrog ? ? A G   22 O6 ? ? ? 1_555 B C   4  N4 ? ? A G   22  B C   27  1_555 ? ? ? ? ? ? WATSON-CRICK  ?     ? ? 
hydrog44 hydrog ? ? A C   23 N3 ? ? ? 1_555 B G   3  N1 ? ? A C   23  B G   26  1_555 ? ? ? ? ? ? WATSON-CRICK  ?     ? ? 
hydrog45 hydrog ? ? A C   23 N4 ? ? ? 1_555 B G   3  O6 ? ? A C   23  B G   26  1_555 ? ? ? ? ? ? WATSON-CRICK  ?     ? ? 
hydrog46 hydrog ? ? A C   23 O2 ? ? ? 1_555 B G   3  N2 ? ? A C   23  B G   26  1_555 ? ? ? ? ? ? WATSON-CRICK  ?     ? ? 
# 
loop_
_struct_conn_type.id 
_struct_conn_type.criteria 
_struct_conn_type.reference 
metalc ? ? 
hydrog ? ? 
# 
loop_
_pdbx_struct_conn_angle.id 
_pdbx_struct_conn_angle.ptnr1_label_atom_id 
_pdbx_struct_conn_angle.ptnr1_label_alt_id 
_pdbx_struct_conn_angle.ptnr1_label_asym_id 
_pdbx_struct_conn_angle.ptnr1_label_comp_id 
_pdbx_struct_conn_angle.ptnr1_label_seq_id 
_pdbx_struct_conn_angle.ptnr1_auth_atom_id 
_pdbx_struct_conn_angle.ptnr1_auth_asym_id 
_pdbx_struct_conn_angle.ptnr1_auth_comp_id 
_pdbx_struct_conn_angle.ptnr1_auth_seq_id 
_pdbx_struct_conn_angle.ptnr1_PDB_ins_code 
_pdbx_struct_conn_angle.ptnr1_symmetry 
_pdbx_struct_conn_angle.ptnr2_label_atom_id 
_pdbx_struct_conn_angle.ptnr2_label_alt_id 
_pdbx_struct_conn_angle.ptnr2_label_asym_id 
_pdbx_struct_conn_angle.ptnr2_label_comp_id 
_pdbx_struct_conn_angle.ptnr2_label_seq_id 
_pdbx_struct_conn_angle.ptnr2_auth_atom_id 
_pdbx_struct_conn_angle.ptnr2_auth_asym_id 
_pdbx_struct_conn_angle.ptnr2_auth_comp_id 
_pdbx_struct_conn_angle.ptnr2_auth_seq_id 
_pdbx_struct_conn_angle.ptnr2_PDB_ins_code 
_pdbx_struct_conn_angle.ptnr2_symmetry 
_pdbx_struct_conn_angle.ptnr3_label_atom_id 
_pdbx_struct_conn_angle.ptnr3_label_alt_id 
_pdbx_struct_conn_angle.ptnr3_label_asym_id 
_pdbx_struct_conn_angle.ptnr3_label_comp_id 
_pdbx_struct_conn_angle.ptnr3_label_seq_id 
_pdbx_struct_conn_angle.ptnr3_auth_atom_id 
_pdbx_struct_conn_angle.ptnr3_auth_asym_id 
_pdbx_struct_conn_angle.ptnr3_auth_comp_id 
_pdbx_struct_conn_angle.ptnr3_auth_seq_id 
_pdbx_struct_conn_angle.ptnr3_PDB_ins_code 
_pdbx_struct_conn_angle.ptnr3_symmetry 
_pdbx_struct_conn_angle.value 
_pdbx_struct_conn_angle.value_esd 
1  O ? I HOH . ? A HOH 416 ? 1_555 MG ? D MG . ? A MG 301 ? 1_555 O ? I HOH . ? A HOH 417 ? 1_555 179.8 ? 
2  O ? I HOH . ? A HOH 416 ? 1_555 MG ? D MG . ? A MG 301 ? 1_555 O ? I HOH . ? A HOH 419 ? 1_555 90.0  ? 
3  O ? I HOH . ? A HOH 417 ? 1_555 MG ? D MG . ? A MG 301 ? 1_555 O ? I HOH . ? A HOH 419 ? 1_555 89.9  ? 
4  O ? I HOH . ? A HOH 416 ? 1_555 MG ? D MG . ? A MG 301 ? 1_555 O ? I HOH . ? A HOH 420 ? 1_555 90.0  ? 
5  O ? I HOH . ? A HOH 417 ? 1_555 MG ? D MG . ? A MG 301 ? 1_555 O ? I HOH . ? A HOH 420 ? 1_555 89.9  ? 
6  O ? I HOH . ? A HOH 419 ? 1_555 MG ? D MG . ? A MG 301 ? 1_555 O ? I HOH . ? A HOH 420 ? 1_555 90.2  ? 
7  O ? I HOH . ? A HOH 416 ? 1_555 MG ? D MG . ? A MG 301 ? 1_555 O ? I HOH . ? A HOH 421 ? 1_555 89.8  ? 
8  O ? I HOH . ? A HOH 417 ? 1_555 MG ? D MG . ? A MG 301 ? 1_555 O ? I HOH . ? A HOH 421 ? 1_555 90.3  ? 
9  O ? I HOH . ? A HOH 419 ? 1_555 MG ? D MG . ? A MG 301 ? 1_555 O ? I HOH . ? A HOH 421 ? 1_555 89.9  ? 
10 O ? I HOH . ? A HOH 420 ? 1_555 MG ? D MG . ? A MG 301 ? 1_555 O ? I HOH . ? A HOH 421 ? 1_555 179.8 ? 
11 O ? I HOH . ? A HOH 416 ? 1_555 MG ? D MG . ? A MG 301 ? 1_555 O ? J HOH . ? B HOH 418 ? 1_555 90.1  ? 
12 O ? I HOH . ? A HOH 417 ? 1_555 MG ? D MG . ? A MG 301 ? 1_555 O ? J HOH . ? B HOH 418 ? 1_555 90.0  ? 
13 O ? I HOH . ? A HOH 419 ? 1_555 MG ? D MG . ? A MG 301 ? 1_555 O ? J HOH . ? B HOH 418 ? 1_555 179.8 ? 
14 O ? I HOH . ? A HOH 420 ? 1_555 MG ? D MG . ? A MG 301 ? 1_555 O ? J HOH . ? B HOH 418 ? 1_555 89.9  ? 
15 O ? I HOH . ? A HOH 421 ? 1_555 MG ? D MG . ? A MG 301 ? 1_555 O ? J HOH . ? B HOH 418 ? 1_555 90.0  ? 
16 O ? I HOH . ? A HOH 424 ? 1_555 MG ? G MG . ? B MG 302 ? 1_555 O ? J HOH . ? B HOH 422 ? 1_555 90.0  ? 
17 O ? I HOH . ? A HOH 424 ? 1_555 MG ? G MG . ? B MG 302 ? 1_555 O ? J HOH . ? B HOH 423 ? 1_555 90.0  ? 
18 O ? J HOH . ? B HOH 422 ? 1_555 MG ? G MG . ? B MG 302 ? 1_555 O ? J HOH . ? B HOH 423 ? 1_555 179.9 ? 
19 O ? I HOH . ? A HOH 424 ? 1_555 MG ? G MG . ? B MG 302 ? 1_555 O ? J HOH . ? B HOH 425 ? 1_555 179.8 ? 
20 O ? J HOH . ? B HOH 422 ? 1_555 MG ? G MG . ? B MG 302 ? 1_555 O ? J HOH . ? B HOH 425 ? 1_555 90.1  ? 
21 O ? J HOH . ? B HOH 423 ? 1_555 MG ? G MG . ? B MG 302 ? 1_555 O ? J HOH . ? B HOH 425 ? 1_555 89.9  ? 
22 O ? I HOH . ? A HOH 424 ? 1_555 MG ? G MG . ? B MG 302 ? 1_555 O ? J HOH . ? B HOH 426 ? 1_555 89.8  ? 
23 O ? J HOH . ? B HOH 422 ? 1_555 MG ? G MG . ? B MG 302 ? 1_555 O ? J HOH . ? B HOH 426 ? 1_555 90.1  ? 
24 O ? J HOH . ? B HOH 423 ? 1_555 MG ? G MG . ? B MG 302 ? 1_555 O ? J HOH . ? B HOH 426 ? 1_555 89.8  ? 
25 O ? J HOH . ? B HOH 425 ? 1_555 MG ? G MG . ? B MG 302 ? 1_555 O ? J HOH . ? B HOH 426 ? 1_555 90.3  ? 
26 O ? I HOH . ? A HOH 424 ? 1_555 MG ? G MG . ? B MG 302 ? 1_555 O ? J HOH . ? B HOH 427 ? 1_555 90.1  ? 
27 O ? J HOH . ? B HOH 422 ? 1_555 MG ? G MG . ? B MG 302 ? 1_555 O ? J HOH . ? B HOH 427 ? 1_555 89.8  ? 
28 O ? J HOH . ? B HOH 423 ? 1_555 MG ? G MG . ? B MG 302 ? 1_555 O ? J HOH . ? B HOH 427 ? 1_555 90.3  ? 
29 O ? J HOH . ? B HOH 425 ? 1_555 MG ? G MG . ? B MG 302 ? 1_555 O ? J HOH . ? B HOH 427 ? 1_555 89.8  ? 
30 O ? J HOH . ? B HOH 426 ? 1_555 MG ? G MG . ? B MG 302 ? 1_555 O ? J HOH . ? B HOH 427 ? 1_555 179.9 ? 
# 
loop_
_struct_site.id 
_struct_site.pdbx_evidence_code 
_struct_site.pdbx_auth_asym_id 
_struct_site.pdbx_auth_comp_id 
_struct_site.pdbx_auth_seq_id 
_struct_site.pdbx_auth_ins_code 
_struct_site.pdbx_num_residues 
_struct_site.details 
AC1 Software B AM2 101 ? 11 'BINDING SITE FOR RESIDUE AM2 B 101' 
AC2 Software A AM2 102 ? 11 'BINDING SITE FOR RESIDUE AM2 A 102' 
AC3 Software A MG  301 ? 6  'BINDING SITE FOR RESIDUE MG A 301'  
AC4 Software B MG  302 ? 6  'BINDING SITE FOR RESIDUE MG B 302'  
AC5 Software B NCO 201 ? 2  'BINDING SITE FOR RESIDUE NCO B 201' 
AC6 Software A NCO 202 ? 2  'BINDING SITE FOR RESIDUE NCO A 202' 
1   ?        ? ?   ?   ? ?  ?                                    
# 
loop_
_struct_site_gen.id 
_struct_site_gen.site_id 
_struct_site_gen.pdbx_num_res 
_struct_site_gen.label_comp_id 
_struct_site_gen.label_asym_id 
_struct_site_gen.label_seq_id 
_struct_site_gen.pdbx_auth_ins_code 
_struct_site_gen.auth_comp_id 
_struct_site_gen.auth_asym_id 
_struct_site_gen.auth_seq_id 
_struct_site_gen.label_atom_id 
_struct_site_gen.label_alt_id 
_struct_site_gen.symmetry 
_struct_site_gen.details 
1  AC1 11 A   A 15 ? A   A 15  . ? 1_555 ? 
2  AC1 11 A   A 17 ? A   A 17  . ? 1_555 ? 
3  AC1 11 A   A 18 ? A   A 18  . ? 1_555 ? 
4  AC1 11 G   A 19 ? G   A 19  . ? 1_555 ? 
5  AC1 11 HOH I .  ? HOH A 415 . ? 1_555 ? 
6  AC1 11 C   B 4  ? C   B 27  . ? 1_555 ? 
7  AC1 11 G   B 5  ? G   B 28  . ? 1_555 ? 
8  AC1 11 U   B 6  ? U   B 29  . ? 1_555 ? 
9  AC1 11 C   B 7  ? C   B 30  . ? 1_555 ? 
10 AC1 11 G   B 8  ? G   B 31  . ? 1_555 ? 
11 AC1 11 HOH J .  ? HOH B 407 . ? 1_555 ? 
12 AC2 11 C   A 4  ? C   A 4   . ? 1_555 ? 
13 AC2 11 G   A 5  ? G   A 5   . ? 1_555 ? 
14 AC2 11 U   A 6  ? U   A 6   . ? 1_555 ? 
15 AC2 11 C   A 7  ? C   A 7   . ? 1_555 ? 
16 AC2 11 G   A 8  ? G   A 8   . ? 1_555 ? 
17 AC2 11 HOH I .  ? HOH A 405 . ? 1_555 ? 
18 AC2 11 A   B 15 ? A   B 38  . ? 1_555 ? 
19 AC2 11 A   B 17 ? A   B 40  . ? 1_555 ? 
20 AC2 11 A   B 18 ? A   B 41  . ? 1_555 ? 
21 AC2 11 G   B 19 ? G   B 42  . ? 1_555 ? 
22 AC2 11 HOH J .  ? HOH B 414 . ? 1_555 ? 
23 AC3 6  HOH I .  ? HOH A 416 . ? 1_555 ? 
24 AC3 6  HOH I .  ? HOH A 417 . ? 1_555 ? 
25 AC3 6  HOH I .  ? HOH A 419 . ? 1_555 ? 
26 AC3 6  HOH I .  ? HOH A 420 . ? 1_555 ? 
27 AC3 6  HOH I .  ? HOH A 421 . ? 1_555 ? 
28 AC3 6  HOH J .  ? HOH B 418 . ? 1_555 ? 
29 AC4 6  HOH I .  ? HOH A 424 . ? 1_555 ? 
30 AC4 6  HOH J .  ? HOH B 422 . ? 1_555 ? 
31 AC4 6  HOH J .  ? HOH B 423 . ? 1_555 ? 
32 AC4 6  HOH J .  ? HOH B 425 . ? 1_555 ? 
33 AC4 6  HOH J .  ? HOH B 426 . ? 1_555 ? 
34 AC4 6  HOH J .  ? HOH B 427 . ? 1_555 ? 
35 AC5 2  G   B 13 ? G   B 36  . ? 1_555 ? 
36 AC5 2  G   B 14 ? G   B 37  . ? 1_555 ? 
37 AC6 2  G   A 13 ? G   A 13  . ? 1_555 ? 
38 AC6 2  G   A 14 ? G   A 14  . ? 1_555 ? 
# 
_struct_site_keywords.site_id   1 
_struct_site_keywords.text      bis-intercalation 
# 
loop_
_pdbx_unobs_or_zero_occ_residues.id 
_pdbx_unobs_or_zero_occ_residues.PDB_model_num 
_pdbx_unobs_or_zero_occ_residues.polymer_flag 
_pdbx_unobs_or_zero_occ_residues.occupancy_flag 
_pdbx_unobs_or_zero_occ_residues.auth_asym_id 
_pdbx_unobs_or_zero_occ_residues.auth_comp_id 
_pdbx_unobs_or_zero_occ_residues.auth_seq_id 
_pdbx_unobs_or_zero_occ_residues.PDB_ins_code 
_pdbx_unobs_or_zero_occ_residues.label_asym_id 
_pdbx_unobs_or_zero_occ_residues.label_comp_id 
_pdbx_unobs_or_zero_occ_residues.label_seq_id 
1 1 Y 1 A U 1  ? A U 1 
2 1 Y 1 B U 24 ? B U 1 
# 
loop_
_chem_comp_atom.comp_id 
_chem_comp_atom.atom_id 
_chem_comp_atom.type_symbol 
_chem_comp_atom.pdbx_aromatic_flag 
_chem_comp_atom.pdbx_stereo_config 
_chem_comp_atom.pdbx_ordinal 
A   OP3    O  N N 1   
A   P      P  N N 2   
A   OP1    O  N N 3   
A   OP2    O  N N 4   
A   "O5'"  O  N N 5   
A   "C5'"  C  N N 6   
A   "C4'"  C  N R 7   
A   "O4'"  O  N N 8   
A   "C3'"  C  N S 9   
A   "O3'"  O  N N 10  
A   "C2'"  C  N R 11  
A   "O2'"  O  N N 12  
A   "C1'"  C  N R 13  
A   N9     N  Y N 14  
A   C8     C  Y N 15  
A   N7     N  Y N 16  
A   C5     C  Y N 17  
A   C6     C  Y N 18  
A   N6     N  N N 19  
A   N1     N  Y N 20  
A   C2     C  Y N 21  
A   N3     N  Y N 22  
A   C4     C  Y N 23  
A   HOP3   H  N N 24  
A   HOP2   H  N N 25  
A   "H5'"  H  N N 26  
A   "H5''" H  N N 27  
A   "H4'"  H  N N 28  
A   "H3'"  H  N N 29  
A   "HO3'" H  N N 30  
A   "H2'"  H  N N 31  
A   "HO2'" H  N N 32  
A   "H1'"  H  N N 33  
A   H8     H  N N 34  
A   H61    H  N N 35  
A   H62    H  N N 36  
A   H2     H  N N 37  
AM2 CA1    C  N S 38  
AM2 CA2    C  N R 39  
AM2 CA3    C  N N 40  
AM2 CA4    C  N S 41  
AM2 CA5    C  N R 42  
AM2 CA6    C  N R 43  
AM2 CA7    C  N S 44  
AM2 CA8    C  N R 45  
AM2 CA9    C  N N 46  
AM2 OA4    O  N N 47  
AM2 OA5    O  N N 48  
AM2 NA2    N  N N 49  
AM2 NA7    N  N N 50  
AM2 OA6    O  N N 51  
AM2 OA8    O  N N 52  
AM2 OA1    O  N N 53  
AM2 CB1    C  N R 54  
AM2 CB2    C  N R 55  
AM2 CB3    C  N S 56  
AM2 CB4    C  N S 57  
AM2 CB5    C  N S 58  
AM2 CB6    C  N N 59  
AM2 OB1    O  N N 60  
AM2 NB4    N  N N 61  
AM2 OB2    O  N N 62  
AM2 OB3    O  N N 63  
AM2 OB6    O  N N 64  
AM2 CC1    C  N R 65  
AM2 CC2    C  N R 66  
AM2 CC3    C  N S 67  
AM2 CC4    C  N R 68  
AM2 CC5    C  N N 69  
AM2 CC6    C  N S 70  
AM2 NC4    N  N N 71  
AM2 NC6    N  N N 72  
AM2 OC2    O  N N 73  
AM2 OC3    O  N N 74  
AM2 HA1    H  N N 75  
AM2 HA2    H  N N 76  
AM2 HA31   H  N N 77  
AM2 HA32   H  N N 78  
AM2 HA4    H  N N 79  
AM2 HA5    H  N N 80  
AM2 HA6    H  N N 81  
AM2 HA7    H  N N 82  
AM2 HA8    H  N N 83  
AM2 HA91   H  N N 84  
AM2 HA92   H  N N 85  
AM2 HA93   H  N N 86  
AM2 HA21   H  N N 87  
AM2 HA22   H  N N 88  
AM2 H2     H  N N 89  
AM2 H1     H  N N 90  
AM2 HB1    H  N N 91  
AM2 HB2    H  N N 92  
AM2 HB3    H  N N 93  
AM2 HB4    H  N N 94  
AM2 HB5    H  N N 95  
AM2 HB61   H  N N 96  
AM2 HB62   H  N N 97  
AM2 HB41   H  N N 98  
AM2 HB42   H  N N 99  
AM2 H5     H  N N 100 
AM2 H6     H  N N 101 
AM2 HB6    H  N N 102 
AM2 HC1    H  N N 103 
AM2 HC2    H  N N 104 
AM2 HC3    H  N N 105 
AM2 HC4    H  N N 106 
AM2 HC51   H  N N 107 
AM2 HC52   H  N N 108 
AM2 HC6    H  N N 109 
AM2 HC41   H  N N 110 
AM2 HC42   H  N N 111 
AM2 HC61   H  N N 112 
AM2 HC62   H  N N 113 
AM2 H3     H  N N 114 
AM2 H4     H  N N 115 
C   OP3    O  N N 116 
C   P      P  N N 117 
C   OP1    O  N N 118 
C   OP2    O  N N 119 
C   "O5'"  O  N N 120 
C   "C5'"  C  N N 121 
C   "C4'"  C  N R 122 
C   "O4'"  O  N N 123 
C   "C3'"  C  N S 124 
C   "O3'"  O  N N 125 
C   "C2'"  C  N R 126 
C   "O2'"  O  N N 127 
C   "C1'"  C  N R 128 
C   N1     N  N N 129 
C   C2     C  N N 130 
C   O2     O  N N 131 
C   N3     N  N N 132 
C   C4     C  N N 133 
C   N4     N  N N 134 
C   C5     C  N N 135 
C   C6     C  N N 136 
C   HOP3   H  N N 137 
C   HOP2   H  N N 138 
C   "H5'"  H  N N 139 
C   "H5''" H  N N 140 
C   "H4'"  H  N N 141 
C   "H3'"  H  N N 142 
C   "HO3'" H  N N 143 
C   "H2'"  H  N N 144 
C   "HO2'" H  N N 145 
C   "H1'"  H  N N 146 
C   H41    H  N N 147 
C   H42    H  N N 148 
C   H5     H  N N 149 
C   H6     H  N N 150 
G   OP3    O  N N 151 
G   P      P  N N 152 
G   OP1    O  N N 153 
G   OP2    O  N N 154 
G   "O5'"  O  N N 155 
G   "C5'"  C  N N 156 
G   "C4'"  C  N R 157 
G   "O4'"  O  N N 158 
G   "C3'"  C  N S 159 
G   "O3'"  O  N N 160 
G   "C2'"  C  N R 161 
G   "O2'"  O  N N 162 
G   "C1'"  C  N R 163 
G   N9     N  Y N 164 
G   C8     C  Y N 165 
G   N7     N  Y N 166 
G   C5     C  Y N 167 
G   C6     C  N N 168 
G   O6     O  N N 169 
G   N1     N  N N 170 
G   C2     C  N N 171 
G   N2     N  N N 172 
G   N3     N  N N 173 
G   C4     C  Y N 174 
G   HOP3   H  N N 175 
G   HOP2   H  N N 176 
G   "H5'"  H  N N 177 
G   "H5''" H  N N 178 
G   "H4'"  H  N N 179 
G   "H3'"  H  N N 180 
G   "HO3'" H  N N 181 
G   "H2'"  H  N N 182 
G   "HO2'" H  N N 183 
G   "H1'"  H  N N 184 
G   H8     H  N N 185 
G   H1     H  N N 186 
G   H21    H  N N 187 
G   H22    H  N N 188 
HOH O      O  N N 189 
HOH H1     H  N N 190 
HOH H2     H  N N 191 
MG  MG     MG N N 192 
NCO CO     CO N N 193 
NCO N1     N  N N 194 
NCO N2     N  N N 195 
NCO N3     N  N N 196 
NCO N4     N  N N 197 
NCO N5     N  N N 198 
NCO N6     N  N N 199 
NCO HN11   H  N N 200 
NCO HN12   H  N N 201 
NCO HN13   H  N N 202 
NCO HN21   H  N N 203 
NCO HN22   H  N N 204 
NCO HN23   H  N N 205 
NCO HN31   H  N N 206 
NCO HN32   H  N N 207 
NCO HN33   H  N N 208 
NCO HN41   H  N N 209 
NCO HN42   H  N N 210 
NCO HN43   H  N N 211 
NCO HN51   H  N N 212 
NCO HN52   H  N N 213 
NCO HN53   H  N N 214 
NCO HN61   H  N N 215 
NCO HN62   H  N N 216 
NCO HN63   H  N N 217 
U   OP3    O  N N 218 
U   P      P  N N 219 
U   OP1    O  N N 220 
U   OP2    O  N N 221 
U   "O5'"  O  N N 222 
U   "C5'"  C  N N 223 
U   "C4'"  C  N R 224 
U   "O4'"  O  N N 225 
U   "C3'"  C  N S 226 
U   "O3'"  O  N N 227 
U   "C2'"  C  N R 228 
U   "O2'"  O  N N 229 
U   "C1'"  C  N R 230 
U   N1     N  N N 231 
U   C2     C  N N 232 
U   O2     O  N N 233 
U   N3     N  N N 234 
U   C4     C  N N 235 
U   O4     O  N N 236 
U   C5     C  N N 237 
U   C6     C  N N 238 
U   HOP3   H  N N 239 
U   HOP2   H  N N 240 
U   "H5'"  H  N N 241 
U   "H5''" H  N N 242 
U   "H4'"  H  N N 243 
U   "H3'"  H  N N 244 
U   "HO3'" H  N N 245 
U   "H2'"  H  N N 246 
U   "HO2'" H  N N 247 
U   "H1'"  H  N N 248 
U   H3     H  N N 249 
U   H5     H  N N 250 
U   H6     H  N N 251 
# 
loop_
_chem_comp_bond.comp_id 
_chem_comp_bond.atom_id_1 
_chem_comp_bond.atom_id_2 
_chem_comp_bond.value_order 
_chem_comp_bond.pdbx_aromatic_flag 
_chem_comp_bond.pdbx_stereo_config 
_chem_comp_bond.pdbx_ordinal 
A   OP3   P      sing N N 1   
A   OP3   HOP3   sing N N 2   
A   P     OP1    doub N N 3   
A   P     OP2    sing N N 4   
A   P     "O5'"  sing N N 5   
A   OP2   HOP2   sing N N 6   
A   "O5'" "C5'"  sing N N 7   
A   "C5'" "C4'"  sing N N 8   
A   "C5'" "H5'"  sing N N 9   
A   "C5'" "H5''" sing N N 10  
A   "C4'" "O4'"  sing N N 11  
A   "C4'" "C3'"  sing N N 12  
A   "C4'" "H4'"  sing N N 13  
A   "O4'" "C1'"  sing N N 14  
A   "C3'" "O3'"  sing N N 15  
A   "C3'" "C2'"  sing N N 16  
A   "C3'" "H3'"  sing N N 17  
A   "O3'" "HO3'" sing N N 18  
A   "C2'" "O2'"  sing N N 19  
A   "C2'" "C1'"  sing N N 20  
A   "C2'" "H2'"  sing N N 21  
A   "O2'" "HO2'" sing N N 22  
A   "C1'" N9     sing N N 23  
A   "C1'" "H1'"  sing N N 24  
A   N9    C8     sing Y N 25  
A   N9    C4     sing Y N 26  
A   C8    N7     doub Y N 27  
A   C8    H8     sing N N 28  
A   N7    C5     sing Y N 29  
A   C5    C6     sing Y N 30  
A   C5    C4     doub Y N 31  
A   C6    N6     sing N N 32  
A   C6    N1     doub Y N 33  
A   N6    H61    sing N N 34  
A   N6    H62    sing N N 35  
A   N1    C2     sing Y N 36  
A   C2    N3     doub Y N 37  
A   C2    H2     sing N N 38  
A   N3    C4     sing Y N 39  
AM2 CA1   CA2    sing N N 40  
AM2 CA1   OA4    sing N N 41  
AM2 CA1   OA1    sing N N 42  
AM2 CA1   HA1    sing N N 43  
AM2 CA2   CA3    sing N N 44  
AM2 CA2   NA2    sing N N 45  
AM2 CA2   HA2    sing N N 46  
AM2 CA3   CA4    sing N N 47  
AM2 CA3   HA31   sing N N 48  
AM2 CA3   HA32   sing N N 49  
AM2 CA4   CA5    sing N N 50  
AM2 CA4   OA5    sing N N 51  
AM2 CA4   HA4    sing N N 52  
AM2 CA5   CA6    sing N N 53  
AM2 CA5   OA4    sing N N 54  
AM2 CA5   HA5    sing N N 55  
AM2 CA6   CA7    sing N N 56  
AM2 CA6   OA6    sing N N 57  
AM2 CA6   HA6    sing N N 58  
AM2 CA7   CA8    sing N N 59  
AM2 CA7   NA7    sing N N 60  
AM2 CA7   HA7    sing N N 61  
AM2 CA8   OA5    sing N N 62  
AM2 CA8   OA8    sing N N 63  
AM2 CA8   HA8    sing N N 64  
AM2 CA9   NA7    sing N N 65  
AM2 CA9   HA91   sing N N 66  
AM2 CA9   HA92   sing N N 67  
AM2 CA9   HA93   sing N N 68  
AM2 NA2   HA21   sing N N 69  
AM2 NA2   HA22   sing N N 70  
AM2 NA7   H2     sing N N 71  
AM2 OA6   H1     sing N N 72  
AM2 OA8   CB1    sing N N 73  
AM2 OA1   CC1    sing N N 74  
AM2 CB1   CB2    sing N N 75  
AM2 CB1   OB1    sing N N 76  
AM2 CB1   HB1    sing N N 77  
AM2 CB2   CB3    sing N N 78  
AM2 CB2   OB2    sing N N 79  
AM2 CB2   HB2    sing N N 80  
AM2 CB3   CB4    sing N N 81  
AM2 CB3   OB3    sing N N 82  
AM2 CB3   HB3    sing N N 83  
AM2 CB4   CB5    sing N N 84  
AM2 CB4   NB4    sing N N 85  
AM2 CB4   HB4    sing N N 86  
AM2 CB5   CB6    sing N N 87  
AM2 CB5   OB1    sing N N 88  
AM2 CB5   HB5    sing N N 89  
AM2 CB6   OB6    sing N N 90  
AM2 CB6   HB61   sing N N 91  
AM2 CB6   HB62   sing N N 92  
AM2 NB4   HB41   sing N N 93  
AM2 NB4   HB42   sing N N 94  
AM2 OB2   H5     sing N N 95  
AM2 OB3   H6     sing N N 96  
AM2 OB6   HB6    sing N N 97  
AM2 CC1   CC2    sing N N 98  
AM2 CC1   CC6    sing N N 99  
AM2 CC1   HC1    sing N N 100 
AM2 CC2   CC3    sing N N 101 
AM2 CC2   OC2    sing N N 102 
AM2 CC2   HC2    sing N N 103 
AM2 CC3   CC4    sing N N 104 
AM2 CC3   OC3    sing N N 105 
AM2 CC3   HC3    sing N N 106 
AM2 CC4   CC5    sing N N 107 
AM2 CC4   NC4    sing N N 108 
AM2 CC4   HC4    sing N N 109 
AM2 CC5   CC6    sing N N 110 
AM2 CC5   HC51   sing N N 111 
AM2 CC5   HC52   sing N N 112 
AM2 CC6   NC6    sing N N 113 
AM2 CC6   HC6    sing N N 114 
AM2 NC4   HC41   sing N N 115 
AM2 NC4   HC42   sing N N 116 
AM2 NC6   HC61   sing N N 117 
AM2 NC6   HC62   sing N N 118 
AM2 OC2   H3     sing N N 119 
AM2 OC3   H4     sing N N 120 
C   OP3   P      sing N N 121 
C   OP3   HOP3   sing N N 122 
C   P     OP1    doub N N 123 
C   P     OP2    sing N N 124 
C   P     "O5'"  sing N N 125 
C   OP2   HOP2   sing N N 126 
C   "O5'" "C5'"  sing N N 127 
C   "C5'" "C4'"  sing N N 128 
C   "C5'" "H5'"  sing N N 129 
C   "C5'" "H5''" sing N N 130 
C   "C4'" "O4'"  sing N N 131 
C   "C4'" "C3'"  sing N N 132 
C   "C4'" "H4'"  sing N N 133 
C   "O4'" "C1'"  sing N N 134 
C   "C3'" "O3'"  sing N N 135 
C   "C3'" "C2'"  sing N N 136 
C   "C3'" "H3'"  sing N N 137 
C   "O3'" "HO3'" sing N N 138 
C   "C2'" "O2'"  sing N N 139 
C   "C2'" "C1'"  sing N N 140 
C   "C2'" "H2'"  sing N N 141 
C   "O2'" "HO2'" sing N N 142 
C   "C1'" N1     sing N N 143 
C   "C1'" "H1'"  sing N N 144 
C   N1    C2     sing N N 145 
C   N1    C6     sing N N 146 
C   C2    O2     doub N N 147 
C   C2    N3     sing N N 148 
C   N3    C4     doub N N 149 
C   C4    N4     sing N N 150 
C   C4    C5     sing N N 151 
C   N4    H41    sing N N 152 
C   N4    H42    sing N N 153 
C   C5    C6     doub N N 154 
C   C5    H5     sing N N 155 
C   C6    H6     sing N N 156 
G   OP3   P      sing N N 157 
G   OP3   HOP3   sing N N 158 
G   P     OP1    doub N N 159 
G   P     OP2    sing N N 160 
G   P     "O5'"  sing N N 161 
G   OP2   HOP2   sing N N 162 
G   "O5'" "C5'"  sing N N 163 
G   "C5'" "C4'"  sing N N 164 
G   "C5'" "H5'"  sing N N 165 
G   "C5'" "H5''" sing N N 166 
G   "C4'" "O4'"  sing N N 167 
G   "C4'" "C3'"  sing N N 168 
G   "C4'" "H4'"  sing N N 169 
G   "O4'" "C1'"  sing N N 170 
G   "C3'" "O3'"  sing N N 171 
G   "C3'" "C2'"  sing N N 172 
G   "C3'" "H3'"  sing N N 173 
G   "O3'" "HO3'" sing N N 174 
G   "C2'" "O2'"  sing N N 175 
G   "C2'" "C1'"  sing N N 176 
G   "C2'" "H2'"  sing N N 177 
G   "O2'" "HO2'" sing N N 178 
G   "C1'" N9     sing N N 179 
G   "C1'" "H1'"  sing N N 180 
G   N9    C8     sing Y N 181 
G   N9    C4     sing Y N 182 
G   C8    N7     doub Y N 183 
G   C8    H8     sing N N 184 
G   N7    C5     sing Y N 185 
G   C5    C6     sing N N 186 
G   C5    C4     doub Y N 187 
G   C6    O6     doub N N 188 
G   C6    N1     sing N N 189 
G   N1    C2     sing N N 190 
G   N1    H1     sing N N 191 
G   C2    N2     sing N N 192 
G   C2    N3     doub N N 193 
G   N2    H21    sing N N 194 
G   N2    H22    sing N N 195 
G   N3    C4     sing N N 196 
HOH O     H1     sing N N 197 
HOH O     H2     sing N N 198 
NCO CO    N1     sing N N 199 
NCO CO    N2     sing N N 200 
NCO CO    N3     sing N N 201 
NCO CO    N4     sing N N 202 
NCO CO    N5     sing N N 203 
NCO CO    N6     sing N N 204 
NCO N1    HN11   sing N N 205 
NCO N1    HN12   sing N N 206 
NCO N1    HN13   sing N N 207 
NCO N2    HN21   sing N N 208 
NCO N2    HN22   sing N N 209 
NCO N2    HN23   sing N N 210 
NCO N3    HN31   sing N N 211 
NCO N3    HN32   sing N N 212 
NCO N3    HN33   sing N N 213 
NCO N4    HN41   sing N N 214 
NCO N4    HN42   sing N N 215 
NCO N4    HN43   sing N N 216 
NCO N5    HN51   sing N N 217 
NCO N5    HN52   sing N N 218 
NCO N5    HN53   sing N N 219 
NCO N6    HN61   sing N N 220 
NCO N6    HN62   sing N N 221 
NCO N6    HN63   sing N N 222 
U   OP3   P      sing N N 223 
U   OP3   HOP3   sing N N 224 
U   P     OP1    doub N N 225 
U   P     OP2    sing N N 226 
U   P     "O5'"  sing N N 227 
U   OP2   HOP2   sing N N 228 
U   "O5'" "C5'"  sing N N 229 
U   "C5'" "C4'"  sing N N 230 
U   "C5'" "H5'"  sing N N 231 
U   "C5'" "H5''" sing N N 232 
U   "C4'" "O4'"  sing N N 233 
U   "C4'" "C3'"  sing N N 234 
U   "C4'" "H4'"  sing N N 235 
U   "O4'" "C1'"  sing N N 236 
U   "C3'" "O3'"  sing N N 237 
U   "C3'" "C2'"  sing N N 238 
U   "C3'" "H3'"  sing N N 239 
U   "O3'" "HO3'" sing N N 240 
U   "C2'" "O2'"  sing N N 241 
U   "C2'" "C1'"  sing N N 242 
U   "C2'" "H2'"  sing N N 243 
U   "O2'" "HO2'" sing N N 244 
U   "C1'" N1     sing N N 245 
U   "C1'" "H1'"  sing N N 246 
U   N1    C2     sing N N 247 
U   N1    C6     sing N N 248 
U   C2    O2     doub N N 249 
U   C2    N3     sing N N 250 
U   N3    C4     sing N N 251 
U   N3    H3     sing N N 252 
U   C4    O4     doub N N 253 
U   C4    C5     sing N N 254 
U   C5    C6     doub N N 255 
U   C5    H5     sing N N 256 
U   C6    H6     sing N N 257 
# 
loop_
_ndb_struct_conf_na.entry_id 
_ndb_struct_conf_na.feature 
2G5K 'double helix'         
2G5K 'a-form double helix'  
2G5K 'mismatched base pair' 
2G5K 'internal loop'        
# 
loop_
_ndb_struct_na_base_pair.model_number 
_ndb_struct_na_base_pair.i_label_asym_id 
_ndb_struct_na_base_pair.i_label_comp_id 
_ndb_struct_na_base_pair.i_label_seq_id 
_ndb_struct_na_base_pair.i_symmetry 
_ndb_struct_na_base_pair.j_label_asym_id 
_ndb_struct_na_base_pair.j_label_comp_id 
_ndb_struct_na_base_pair.j_label_seq_id 
_ndb_struct_na_base_pair.j_symmetry 
_ndb_struct_na_base_pair.shear 
_ndb_struct_na_base_pair.stretch 
_ndb_struct_na_base_pair.stagger 
_ndb_struct_na_base_pair.buckle 
_ndb_struct_na_base_pair.propeller 
_ndb_struct_na_base_pair.opening 
_ndb_struct_na_base_pair.pair_number 
_ndb_struct_na_base_pair.pair_name 
_ndb_struct_na_base_pair.i_auth_asym_id 
_ndb_struct_na_base_pair.i_auth_seq_id 
_ndb_struct_na_base_pair.i_PDB_ins_code 
_ndb_struct_na_base_pair.j_auth_asym_id 
_ndb_struct_na_base_pair.j_auth_seq_id 
_ndb_struct_na_base_pair.j_PDB_ins_code 
_ndb_struct_na_base_pair.hbond_type_28 
_ndb_struct_na_base_pair.hbond_type_12 
1 A G 3  1_555 B C 23 1_555 -0.836 -0.326 -0.017 -1.620  1.022   -0.237  1  A_G3:C46_B  A 3  ? B 46 ? 19 1 
1 A C 4  1_555 B G 22 1_555 0.033  -0.434 0.147  6.793   3.558   -3.952  2  A_C4:G45_B  A 4  ? B 45 ? 19 1 
1 A G 5  1_555 B C 21 1_555 0.295  -0.454 -0.046 -0.863  -12.505 -0.203  3  A_G5:C44_B  A 5  ? B 44 ? 19 1 
1 A U 6  1_555 B U 20 1_555 2.403  -2.011 0.526  -2.538  -13.533 4.193   4  A_U6:U43_B  A 6  ? B 43 ? 16 1 
1 A C 7  1_555 B G 19 1_555 0.412  -0.224 -0.075 3.991   -7.395  -14.088 5  A_C7:G42_B  A 7  ? B 42 ? 19 1 
1 A C 9  1_555 B A 17 1_555 -5.519 -0.757 0.499  20.159  -0.859  62.937  6  A_C9:A40_B  A 9  ? B 40 ? ?  5 
1 A U 10 1_555 B A 15 1_555 -0.531 -0.263 0.408  9.441   -1.921  -2.119  7  A_U10:A38_B A 10 ? B 38 ? 20 1 
1 A C 11 1_555 B G 14 1_555 -0.767 -0.113 -0.194 19.314  -9.615  3.508   8  A_C11:G37_B A 11 ? B 37 ? 19 1 
1 A C 12 1_555 B G 13 1_555 0.064  -0.161 0.028  1.926   -5.240  3.891   9  A_C12:G36_B A 12 ? B 36 ? 19 1 
1 A G 13 1_555 B C 12 1_555 -0.062 -0.163 0.029  -1.876  -5.132  3.870   10 A_G13:C35_B A 13 ? B 35 ? 19 1 
1 A G 14 1_555 B C 11 1_555 0.765  -0.111 -0.198 -19.529 -9.536  3.519   11 A_G14:C34_B A 14 ? B 34 ? 19 1 
1 A A 15 1_555 B U 10 1_555 0.531  -0.265 0.408  -9.678  -1.848  -2.175  12 A_A15:U33_B A 15 ? B 33 ? 20 1 
1 A A 17 1_555 B C 9  1_555 5.516  -0.754 0.504  -20.663 -0.786  62.912  13 A_A17:C32_B A 17 ? B 32 ? ?  5 
1 A G 19 1_555 B C 7  1_555 -0.419 -0.217 -0.072 -4.069  -7.453  -14.032 14 A_G19:C30_B A 19 ? B 30 ? 19 1 
1 A U 20 1_555 B U 6  1_555 -2.405 -2.001 0.510  2.349   -13.780 4.263   15 A_U20:U29_B A 20 ? B 29 ? 16 1 
1 A C 21 1_555 B G 5  1_555 -0.299 -0.445 -0.043 0.878   -12.638 -0.160  16 A_C21:G28_B A 21 ? B 28 ? 19 1 
1 A G 22 1_555 B C 4  1_555 -0.027 -0.422 0.121  -7.461  3.172   -3.976  17 A_G22:C27_B A 22 ? B 27 ? 19 1 
1 A C 23 1_555 B G 3  1_555 0.837  -0.325 -0.049 1.877   1.051   -0.370  18 A_C23:G26_B A 23 ? B 26 ? 19 1 
# 
loop_
_ndb_struct_na_base_pair_step.model_number 
_ndb_struct_na_base_pair_step.i_label_asym_id_1 
_ndb_struct_na_base_pair_step.i_label_comp_id_1 
_ndb_struct_na_base_pair_step.i_label_seq_id_1 
_ndb_struct_na_base_pair_step.i_symmetry_1 
_ndb_struct_na_base_pair_step.j_label_asym_id_1 
_ndb_struct_na_base_pair_step.j_label_comp_id_1 
_ndb_struct_na_base_pair_step.j_label_seq_id_1 
_ndb_struct_na_base_pair_step.j_symmetry_1 
_ndb_struct_na_base_pair_step.i_label_asym_id_2 
_ndb_struct_na_base_pair_step.i_label_comp_id_2 
_ndb_struct_na_base_pair_step.i_label_seq_id_2 
_ndb_struct_na_base_pair_step.i_symmetry_2 
_ndb_struct_na_base_pair_step.j_label_asym_id_2 
_ndb_struct_na_base_pair_step.j_label_comp_id_2 
_ndb_struct_na_base_pair_step.j_label_seq_id_2 
_ndb_struct_na_base_pair_step.j_symmetry_2 
_ndb_struct_na_base_pair_step.shift 
_ndb_struct_na_base_pair_step.slide 
_ndb_struct_na_base_pair_step.rise 
_ndb_struct_na_base_pair_step.tilt 
_ndb_struct_na_base_pair_step.roll 
_ndb_struct_na_base_pair_step.twist 
_ndb_struct_na_base_pair_step.x_displacement 
_ndb_struct_na_base_pair_step.y_displacement 
_ndb_struct_na_base_pair_step.helical_rise 
_ndb_struct_na_base_pair_step.inclination 
_ndb_struct_na_base_pair_step.tip 
_ndb_struct_na_base_pair_step.helical_twist 
_ndb_struct_na_base_pair_step.step_number 
_ndb_struct_na_base_pair_step.step_name 
_ndb_struct_na_base_pair_step.i_auth_asym_id_1 
_ndb_struct_na_base_pair_step.i_auth_seq_id_1 
_ndb_struct_na_base_pair_step.i_PDB_ins_code_1 
_ndb_struct_na_base_pair_step.j_auth_asym_id_1 
_ndb_struct_na_base_pair_step.j_auth_seq_id_1 
_ndb_struct_na_base_pair_step.j_PDB_ins_code_1 
_ndb_struct_na_base_pair_step.i_auth_asym_id_2 
_ndb_struct_na_base_pair_step.i_auth_seq_id_2 
_ndb_struct_na_base_pair_step.i_PDB_ins_code_2 
_ndb_struct_na_base_pair_step.j_auth_asym_id_2 
_ndb_struct_na_base_pair_step.j_auth_seq_id_2 
_ndb_struct_na_base_pair_step.j_PDB_ins_code_2 
1 A G 3  1_555 B C 23 1_555 A C 4  1_555 B G 22 1_555 -0.732 -1.990 3.138 -1.905 -1.856 36.597 -2.912 0.907  3.264 -2.952 3.029   
36.691 1  AA_G3C4:G45C46_BB   A 3  ? B 46 ? A 4  ? B 45 ? 
1 A C 4  1_555 B G 22 1_555 A G 5  1_555 B C 21 1_555 -0.237 -1.798 3.424 0.384  6.082  31.037 -4.421 0.506  3.022 11.230 -0.709  
31.615 2  AA_C4G5:C44G45_BB   A 4  ? B 45 ? A 5  ? B 44 ? 
1 A G 5  1_555 B C 21 1_555 A U 6  1_555 B U 20 1_555 0.538  -1.574 3.160 -2.950 6.410  40.248 -2.908 -1.070 2.842 9.229  4.248   
40.836 3  AA_G5U6:U43C44_BB   A 5  ? B 44 ? A 6  ? B 43 ? 
1 A U 6  1_555 B U 20 1_555 A C 7  1_555 B G 19 1_555 -0.570 -1.923 2.917 8.628  4.025  26.578 -4.720 2.828  2.311 8.420  -18.048 
28.203 4  AA_U6C7:G42U43_BB   A 6  ? B 43 ? A 7  ? B 42 ? 
1 A C 9  1_555 B A 17 1_555 A U 10 1_555 B A 15 1_555 -0.785 0.076  3.384 -0.976 0.478  73.226 0.048  0.626  3.394 0.401  0.818   
73.233 5  AA_C9U10:A38A40_BB  A 9  ? B 40 ? A 10 ? B 38 ? 
1 A U 10 1_555 B A 15 1_555 A C 11 1_555 B G 14 1_555 -0.060 -2.085 2.818 -0.515 6.165  26.525 -5.651 0.025  2.284 13.210 1.104   
27.224 6  AA_U10C11:G37A38_BB A 10 ? B 38 ? A 11 ? B 37 ? 
1 A C 11 1_555 B G 14 1_555 A C 12 1_555 B G 13 1_555 -0.348 -2.080 3.597 -4.310 7.355  34.579 -4.521 -0.085 3.123 12.147 7.117   
35.583 7  AA_C11C12:G36G37_BB A 11 ? B 37 ? A 12 ? B 36 ? 
1 A C 12 1_555 B G 13 1_555 A G 13 1_555 B C 12 1_555 0.001  -1.495 3.192 -0.008 8.728  31.073 -4.113 -0.002 2.685 15.903 0.014   
32.247 8  AA_C12G13:C35G36_BB A 12 ? B 36 ? A 13 ? B 35 ? 
1 A G 13 1_555 B C 12 1_555 A G 14 1_555 B C 11 1_555 0.350  -2.082 3.603 4.299  7.454  34.568 -4.539 0.081  3.121 12.308 -7.099  
35.591 9  AA_G13G14:C34C35_BB A 13 ? B 35 ? A 14 ? B 34 ? 
1 A G 14 1_555 B C 11 1_555 A A 15 1_555 B U 10 1_555 0.055  -2.085 2.818 0.487  6.152  26.544 -5.645 -0.021 2.286 13.173 -1.044  
27.239 10 AA_G14A15:U33C34_BB A 14 ? B 34 ? A 15 ? B 33 ? 
1 A A 15 1_555 B U 10 1_555 A A 17 1_555 B C 9  1_555 0.783  0.073  3.389 0.881  0.415  73.236 0.047  -0.627 3.397 0.348  -0.738  
73.242 11 AA_A15A17:C32U33_BB A 15 ? B 33 ? A 17 ? B 32 ? 
1 A G 19 1_555 B C 7  1_555 A U 20 1_555 B U 6  1_555 0.562  -1.923 2.922 -8.546 4.177  26.570 -4.753 -2.798 2.310 8.741  17.881  
28.192 12 AA_G19U20:U29C30_BB A 19 ? B 30 ? A 20 ? B 29 ? 
1 A U 20 1_555 B U 6  1_555 A C 21 1_555 B G 5  1_555 -0.541 -1.571 3.158 2.702  6.275  40.215 -2.896 1.052  2.850 9.046  -3.896  
40.768 13 AA_U20C21:G28U29_BB A 20 ? B 29 ? A 21 ? B 28 ? 
1 A C 21 1_555 B G 5  1_555 A G 22 1_555 B C 4  1_555 0.233  -1.790 3.446 -0.071 6.112  31.079 -4.412 -0.440 3.047 11.270 0.130   
31.660 14 AA_C21G22:C27G28_BB A 21 ? B 28 ? A 22 ? B 27 ? 
1 A G 22 1_555 B C 4  1_555 A C 23 1_555 B G 3  1_555 0.735  -1.973 3.117 1.878  -1.982 36.544 -2.874 -0.917 3.248 -3.155 -2.990  
36.643 15 AA_G22C23:G26C27_BB A 22 ? B 27 ? A 23 ? B 26 ? 
# 
_atom_sites.entry_id                    2G5K 
_atom_sites.fract_transf_matrix[1][1]   -0.01546298 
_atom_sites.fract_transf_matrix[1][2]   0.01067051 
_atom_sites.fract_transf_matrix[1][3]   -0.02936559 
_atom_sites.fract_transf_matrix[2][1]   -0.00165279 
_atom_sites.fract_transf_matrix[2][2]   -0.02128795 
_atom_sites.fract_transf_matrix[2][3]   -0.02755686 
_atom_sites.fract_transf_matrix[3][1]   -0.00750198 
_atom_sites.fract_transf_matrix[3][2]   -0.00308163 
_atom_sites.fract_transf_matrix[3][3]   0.00283054 
_atom_sites.fract_transf_vector[1]      0.000531 
_atom_sites.fract_transf_vector[2]      0.710396 
_atom_sites.fract_transf_vector[3]      0.668761 
# 
loop_
_atom_type.symbol 
C  
CO 
MG 
N  
O  
P  
# 
loop_
_atom_site.group_PDB 
_atom_site.id 
_atom_site.type_symbol 
_atom_site.label_atom_id 
_atom_site.label_alt_id 
_atom_site.label_comp_id 
_atom_site.label_asym_id 
_atom_site.label_entity_id 
_atom_site.label_seq_id 
_atom_site.pdbx_PDB_ins_code 
_atom_site.Cartn_x 
_atom_site.Cartn_y 
_atom_site.Cartn_z 
_atom_site.occupancy 
_atom_site.B_iso_or_equiv 
_atom_site.pdbx_formal_charge 
_atom_site.auth_seq_id 
_atom_site.auth_comp_id 
_atom_site.auth_asym_id 
_atom_site.auth_atom_id 
_atom_site.pdbx_PDB_model_num 
ATOM   1    P  P     . U   A 1 2  ? 1.594   12.497  -22.859 1.00 160.07 ? 2   U   A P     1 
ATOM   2    O  OP1   . U   A 1 2  ? 0.254   12.234  -23.531 1.00 150.99 ? 2   U   A OP1   1 
ATOM   3    O  OP2   . U   A 1 2  ? 1.529   12.373  -21.343 1.00 158.82 ? 2   U   A OP2   1 
ATOM   4    O  "O5'" . U   A 1 2  ? 2.594   11.315  -23.370 1.00 144.43 ? 2   U   A "O5'" 1 
ATOM   5    C  "C5'" . U   A 1 2  ? 2.354   9.937   -23.034 1.00 124.81 ? 2   U   A "C5'" 1 
ATOM   6    C  "C4'" . U   A 1 2  ? 2.758   9.050   -24.186 1.00 117.97 ? 2   U   A "C4'" 1 
ATOM   7    O  "O4'" . U   A 1 2  ? 1.927   9.370   -25.325 1.00 131.62 ? 2   U   A "O4'" 1 
ATOM   8    C  "C3'" . U   A 1 2  ? 4.182   9.267   -24.684 1.00 114.69 ? 2   U   A "C3'" 1 
ATOM   9    O  "O3'" . U   A 1 2  ? 5.119   8.418   -24.017 1.00 105.97 ? 2   U   A "O3'" 1 
ATOM   10   C  "C2'" . U   A 1 2  ? 4.107   8.815   -26.143 1.00 123.63 ? 2   U   A "C2'" 1 
ATOM   11   O  "O2'" . U   A 1 2  ? 4.342   7.430   -26.302 1.00 144.04 ? 2   U   A "O2'" 1 
ATOM   12   C  "C1'" . U   A 1 2  ? 2.651   9.120   -26.510 1.00 123.76 ? 2   U   A "C1'" 1 
ATOM   13   N  N1    . U   A 1 2  ? 2.446   10.231  -27.448 1.00 102.93 ? 2   U   A N1    1 
ATOM   14   C  C2    . U   A 1 2  ? 2.801   10.010  -28.761 1.00 93.23  ? 2   U   A C2    1 
ATOM   15   O  O2    . U   A 1 2  ? 3.303   8.965   -29.137 1.00 68.88  ? 2   U   A O2    1 
ATOM   16   N  N3    . U   A 1 2  ? 2.548   11.054  -29.616 1.00 87.59  ? 2   U   A N3    1 
ATOM   17   C  C4    . U   A 1 2  ? 1.996   12.277  -29.285 1.00 94.71  ? 2   U   A C4    1 
ATOM   18   O  O4    . U   A 1 2  ? 1.825   13.124  -30.161 1.00 81.80  ? 2   U   A O4    1 
ATOM   19   C  C5    . U   A 1 2  ? 1.673   12.431  -27.900 1.00 100.58 ? 2   U   A C5    1 
ATOM   20   C  C6    . U   A 1 2  ? 1.908   11.429  -27.049 1.00 96.10  ? 2   U   A C6    1 
ATOM   21   P  P     . G   A 1 3  ? 4.621   7.399   -22.869 1.00 95.48  ? 3   G   A P     1 
ATOM   22   O  OP1   . G   A 1 3  ? 3.697   6.425   -23.499 1.00 104.67 ? 3   G   A OP1   1 
ATOM   23   O  OP2   . G   A 1 3  ? 4.166   8.173   -21.690 1.00 71.43  ? 3   G   A OP2   1 
ATOM   24   O  "O5'" . G   A 1 3  ? 5.947   6.604   -22.503 1.00 64.26  ? 3   G   A "O5'" 1 
ATOM   25   C  "C5'" . G   A 1 3  ? 6.463   5.628   -23.404 1.00 71.22  ? 3   G   A "C5'" 1 
ATOM   26   C  "C4'" . G   A 1 3  ? 7.949   5.821   -23.607 1.00 73.59  ? 3   G   A "C4'" 1 
ATOM   27   O  "O4'" . G   A 1 3  ? 8.207   7.109   -24.221 1.00 82.53  ? 3   G   A "O4'" 1 
ATOM   28   C  "C3'" . G   A 1 3  ? 8.772   5.843   -22.335 1.00 69.18  ? 3   G   A "C3'" 1 
ATOM   29   O  "O3'" . G   A 1 3  ? 9.052   4.512   -21.947 1.00 81.76  ? 3   G   A "O3'" 1 
ATOM   30   C  "C2'" . G   A 1 3  ? 10.019  6.589   -22.774 1.00 56.81  ? 3   G   A "C2'" 1 
ATOM   31   O  "O2'" . G   A 1 3  ? 10.893  5.752   -23.496 1.00 72.73  ? 3   G   A "O2'" 1 
ATOM   32   C  "C1'" . G   A 1 3  ? 9.423   7.634   -23.719 1.00 58.46  ? 3   G   A "C1'" 1 
ATOM   33   N  N9    . G   A 1 3  ? 9.130   8.917   -23.091 1.00 62.00  ? 3   G   A N9    1 
ATOM   34   C  C8    . G   A 1 3  ? 7.945   9.613   -23.152 1.00 76.78  ? 3   G   A C8    1 
ATOM   35   N  N7    . G   A 1 3  ? 7.998   10.770  -22.548 1.00 68.26  ? 3   G   A N7    1 
ATOM   36   C  C5    . G   A 1 3  ? 9.288   10.835  -22.045 1.00 46.45  ? 3   G   A C5    1 
ATOM   37   C  C6    . G   A 1 3  ? 9.933   11.860  -21.307 1.00 57.00  ? 3   G   A C6    1 
ATOM   38   O  O6    . G   A 1 3  ? 9.486   12.969  -20.972 1.00 41.42  ? 3   G   A O6    1 
ATOM   39   N  N1    . G   A 1 3  ? 11.238  11.502  -20.973 1.00 42.94  ? 3   G   A N1    1 
ATOM   40   C  C2    . G   A 1 3  ? 11.844  10.322  -21.319 1.00 54.58  ? 3   G   A C2    1 
ATOM   41   N  N2    . G   A 1 3  ? 13.102  10.163  -20.898 1.00 77.77  ? 3   G   A N2    1 
ATOM   42   N  N3    . G   A 1 3  ? 11.259  9.368   -22.026 1.00 57.39  ? 3   G   A N3    1 
ATOM   43   C  C4    . G   A 1 3  ? 9.993   9.689   -22.352 1.00 51.15  ? 3   G   A C4    1 
ATOM   44   P  P     . C   A 1 4  ? 8.755   4.049   -20.442 1.00 99.37  ? 4   C   A P     1 
ATOM   45   O  OP1   . C   A 1 4  ? 8.853   2.566   -20.425 1.00 78.76  ? 4   C   A OP1   1 
ATOM   46   O  OP2   . C   A 1 4  ? 7.512   4.715   -19.949 1.00 71.65  ? 4   C   A OP2   1 
ATOM   47   O  "O5'" . C   A 1 4  ? 10.005  4.616   -19.639 1.00 93.88  ? 4   C   A "O5'" 1 
ATOM   48   C  "C5'" . C   A 1 4  ? 11.281  4.007   -19.787 1.00 90.90  ? 4   C   A "C5'" 1 
ATOM   49   C  "C4'" . C   A 1 4  ? 12.334  4.821   -19.086 1.00 82.75  ? 4   C   A "C4'" 1 
ATOM   50   O  "O4'" . C   A 1 4  ? 12.350  6.159   -19.653 1.00 73.72  ? 4   C   A "O4'" 1 
ATOM   51   C  "C3'" . C   A 1 4  ? 12.098  5.097   -17.612 1.00 86.90  ? 4   C   A "C3'" 1 
ATOM   52   O  "O3'" . C   A 1 4  ? 12.439  3.990   -16.780 1.00 76.58  ? 4   C   A "O3'" 1 
ATOM   53   C  "C2'" . C   A 1 4  ? 13.022  6.283   -17.387 1.00 86.89  ? 4   C   A "C2'" 1 
ATOM   54   O  "O2'" . C   A 1 4  ? 14.375  5.880   -17.313 1.00 94.76  ? 4   C   A "O2'" 1 
ATOM   55   C  "C1'" . C   A 1 4  ? 12.797  7.078   -18.673 1.00 63.53  ? 4   C   A "C1'" 1 
ATOM   56   N  N1    . C   A 1 4  ? 11.793  8.143   -18.521 1.00 47.13  ? 4   C   A N1    1 
ATOM   57   C  C2    . C   A 1 4  ? 12.162  9.301   -17.830 1.00 61.93  ? 4   C   A C2    1 
ATOM   58   O  O2    . C   A 1 4  ? 13.310  9.369   -17.349 1.00 74.23  ? 4   C   A O2    1 
ATOM   59   N  N3    . C   A 1 4  ? 11.263  10.312  -17.691 1.00 37.25  ? 4   C   A N3    1 
ATOM   60   C  C4    . C   A 1 4  ? 10.034  10.185  -18.198 1.00 45.91  ? 4   C   A C4    1 
ATOM   61   N  N4    . C   A 1 4  ? 9.175   11.206  -18.032 1.00 34.86  ? 4   C   A N4    1 
ATOM   62   C  C5    . C   A 1 4  ? 9.626   9.010   -18.896 1.00 34.08  ? 4   C   A C5    1 
ATOM   63   C  C6    . C   A 1 4  ? 10.532  8.020   -19.034 1.00 55.36  ? 4   C   A C6    1 
ATOM   64   P  P     . G   A 1 5  ? 11.876  3.932   -15.272 1.00 84.39  ? 5   G   A P     1 
ATOM   65   O  OP1   . G   A 1 5  ? 12.247  2.618   -14.694 1.00 69.79  ? 5   G   A OP1   1 
ATOM   66   O  OP2   . G   A 1 5  ? 10.460  4.374   -15.234 1.00 58.98  ? 5   G   A OP2   1 
ATOM   67   O  "O5'" . G   A 1 5  ? 12.720  5.051   -14.520 1.00 95.54  ? 5   G   A "O5'" 1 
ATOM   68   C  "C5'" . G   A 1 5  ? 14.129  4.927   -14.363 1.00 82.81  ? 5   G   A "C5'" 1 
ATOM   69   C  "C4'" . G   A 1 5  ? 14.675  6.170   -13.720 1.00 71.10  ? 5   G   A "C4'" 1 
ATOM   70   O  "O4'" . G   A 1 5  ? 14.372  7.303   -14.577 1.00 76.89  ? 5   G   A "O4'" 1 
ATOM   71   C  "C3'" . G   A 1 5  ? 13.987  6.546   -12.425 1.00 78.51  ? 5   G   A "C3'" 1 
ATOM   72   O  "O3'" . G   A 1 5  ? 14.474  5.796   -11.327 1.00 85.19  ? 5   G   A "O3'" 1 
ATOM   73   C  "C2'" . G   A 1 5  ? 14.301  8.027   -12.328 1.00 76.24  ? 5   G   A "C2'" 1 
ATOM   74   O  "O2'" . G   A 1 5  ? 15.636  8.273   -11.937 1.00 101.01 ? 5   G   A "O2'" 1 
ATOM   75   C  "C1'" . G   A 1 5  ? 14.109  8.450   -13.782 1.00 62.03  ? 5   G   A "C1'" 1 
ATOM   76   N  N9    . G   A 1 5  ? 12.747  8.890   -14.051 1.00 56.21  ? 5   G   A N9    1 
ATOM   77   C  C8    . G   A 1 5  ? 11.774  8.208   -14.740 1.00 63.40  ? 5   G   A C8    1 
ATOM   78   N  N7    . G   A 1 5  ? 10.640  8.857   -14.801 1.00 75.76  ? 5   G   A N7    1 
ATOM   79   C  C5    . G   A 1 5  ? 10.881  10.038  -14.114 1.00 44.73  ? 5   G   A C5    1 
ATOM   80   C  C6    . G   A 1 5  ? 10.019  11.132  -13.837 1.00 61.70  ? 5   G   A C6    1 
ATOM   81   O  O6    . G   A 1 5  ? 8.828   11.282  -14.155 1.00 58.83  ? 5   G   A O6    1 
ATOM   82   N  N1    . G   A 1 5  ? 10.671  12.120  -13.108 1.00 54.84  ? 5   G   A N1    1 
ATOM   83   C  C2    . G   A 1 5  ? 11.974  12.062  -12.688 1.00 65.67  ? 5   G   A C2    1 
ATOM   84   N  N2    . G   A 1 5  ? 12.415  13.123  -11.998 1.00 60.98  ? 5   G   A N2    1 
ATOM   85   N  N3    . G   A 1 5  ? 12.785  11.042  -12.929 1.00 53.18  ? 5   G   A N3    1 
ATOM   86   C  C4    . G   A 1 5  ? 12.177  10.076  -13.647 1.00 50.65  ? 5   G   A C4    1 
ATOM   87   P  P     . U   A 1 6  ? 13.465  5.405   -10.148 1.00 71.16  ? 6   U   A P     1 
ATOM   88   O  OP1   . U   A 1 6  ? 14.261  4.757   -9.081  1.00 87.86  ? 6   U   A OP1   1 
ATOM   89   O  OP2   . U   A 1 6  ? 12.314  4.681   -10.736 1.00 92.92  ? 6   U   A OP2   1 
ATOM   90   O  "O5'" . U   A 1 6  ? 12.946  6.821   -9.624  1.00 82.78  ? 6   U   A "O5'" 1 
ATOM   91   C  "C5'" . U   A 1 6  ? 13.858  7.779   -9.076  1.00 56.51  ? 6   U   A "C5'" 1 
ATOM   92   C  "C4'" . U   A 1 6  ? 13.131  9.053   -8.706  1.00 56.84  ? 6   U   A "C4'" 1 
ATOM   93   O  "O4'" . U   A 1 6  ? 12.586  9.680   -9.896  1.00 79.94  ? 6   U   A "O4'" 1 
ATOM   94   C  "C3'" . U   A 1 6  ? 11.930  8.896   -7.790  1.00 68.81  ? 6   U   A "C3'" 1 
ATOM   95   O  "O3'" . U   A 1 6  ? 12.351  8.853   -6.432  1.00 78.73  ? 6   U   A "O3'" 1 
ATOM   96   C  "C2'" . U   A 1 6  ? 11.141  10.175  -8.065  1.00 61.38  ? 6   U   A "C2'" 1 
ATOM   97   O  "O2'" . U   A 1 6  ? 11.588  11.273  -7.305  1.00 69.63  ? 6   U   A "O2'" 1 
ATOM   98   C  "C1'" . U   A 1 6  ? 11.424  10.416  -9.553  1.00 64.91  ? 6   U   A "C1'" 1 
ATOM   99   N  N1    . U   A 1 6  ? 10.315  9.979   -10.412 1.00 70.37  ? 6   U   A N1    1 
ATOM   100  C  C2    . U   A 1 6  ? 9.194   10.789  -10.470 1.00 77.62  ? 6   U   A C2    1 
ATOM   101  O  O2    . U   A 1 6  ? 9.124   11.866  -9.891  1.00 76.13  ? 6   U   A O2    1 
ATOM   102  N  N3    . U   A 1 6  ? 8.161   10.297  -11.230 1.00 54.19  ? 6   U   A N3    1 
ATOM   103  C  C4    . U   A 1 6  ? 8.136   9.105   -11.925 1.00 81.53  ? 6   U   A C4    1 
ATOM   104  O  O4    . U   A 1 6  ? 7.077   8.728   -12.439 1.00 88.49  ? 6   U   A O4    1 
ATOM   105  C  C5    . U   A 1 6  ? 9.352   8.346   -11.852 1.00 61.10  ? 6   U   A C5    1 
ATOM   106  C  C6    . U   A 1 6  ? 10.372  8.797   -11.117 1.00 71.97  ? 6   U   A C6    1 
ATOM   107  P  P     . C   A 1 7  ? 12.023  7.566   -5.526  1.00 75.23  ? 7   C   A P     1 
ATOM   108  O  OP1   . C   A 1 7  ? 13.288  6.823   -5.295  1.00 66.77  ? 7   C   A OP1   1 
ATOM   109  O  OP2   . C   A 1 7  ? 10.846  6.852   -6.079  1.00 86.98  ? 7   C   A OP2   1 
ATOM   110  O  "O5'" . C   A 1 7  ? 11.597  8.209   -4.144  1.00 64.27  ? 7   C   A "O5'" 1 
ATOM   111  C  "C5'" . C   A 1 7  ? 10.242  8.259   -3.769  1.00 64.56  ? 7   C   A "C5'" 1 
ATOM   112  C  "C4'" . C   A 1 7  ? 9.757   9.677   -3.787  1.00 59.14  ? 7   C   A "C4'" 1 
ATOM   113  O  "O4'" . C   A 1 7  ? 9.830   10.202  -5.135  1.00 74.95  ? 7   C   A "O4'" 1 
ATOM   114  C  "C3'" . C   A 1 7  ? 8.294   9.792   -3.427  1.00 74.28  ? 7   C   A "C3'" 1 
ATOM   115  O  "O3'" . C   A 1 7  ? 8.168   9.855   -2.025  1.00 79.56  ? 7   C   A "O3'" 1 
ATOM   116  C  "C2'" . C   A 1 7  ? 7.889   11.093  -4.090  1.00 64.38  ? 7   C   A "C2'" 1 
ATOM   117  O  "O2'" . C   A 1 7  ? 8.297   12.193  -3.312  1.00 55.19  ? 7   C   A "O2'" 1 
ATOM   118  C  "C1'" . C   A 1 7  ? 8.690   11.015  -5.390  1.00 77.68  ? 7   C   A "C1'" 1 
ATOM   119  N  N1    . C   A 1 7  ? 7.933   10.412  -6.498  1.00 59.17  ? 7   C   A N1    1 
ATOM   120  C  C2    . C   A 1 7  ? 6.826   11.094  -7.015  1.00 78.37  ? 7   C   A C2    1 
ATOM   121  O  O2    . C   A 1 7  ? 6.510   12.188  -6.519  1.00 78.75  ? 7   C   A O2    1 
ATOM   122  N  N3    . C   A 1 7  ? 6.134   10.544  -8.044  1.00 76.36  ? 7   C   A N3    1 
ATOM   123  C  C4    . C   A 1 7  ? 6.521   9.369   -8.556  1.00 66.95  ? 7   C   A C4    1 
ATOM   124  N  N4    . C   A 1 7  ? 5.823   8.863   -9.570  1.00 78.09  ? 7   C   A N4    1 
ATOM   125  C  C5    . C   A 1 7  ? 7.642   8.659   -8.049  1.00 44.76  ? 7   C   A C5    1 
ATOM   126  C  C6    . C   A 1 7  ? 8.308   9.208   -7.026  1.00 68.64  ? 7   C   A C6    1 
ATOM   127  P  P     . G   A 1 8  ? 7.149   8.873   -1.294  1.00 89.80  ? 8   G   A P     1 
ATOM   128  O  OP1   . G   A 1 8  ? 7.318   9.092   0.166   1.00 100.38 ? 8   G   A OP1   1 
ATOM   129  O  OP2   . G   A 1 8  ? 7.372   7.533   -1.872  1.00 57.92  ? 8   G   A OP2   1 
ATOM   130  O  "O5'" . G   A 1 8  ? 5.712   9.389   -1.756  1.00 89.78  ? 8   G   A "O5'" 1 
ATOM   131  C  "C5'" . G   A 1 8  ? 5.245   10.685  -1.384  1.00 92.47  ? 8   G   A "C5'" 1 
ATOM   132  C  "C4'" . G   A 1 8  ? 3.974   11.032  -2.134  1.00 108.02 ? 8   G   A "C4'" 1 
ATOM   133  O  "O4'" . G   A 1 8  ? 4.249   11.215  -3.549  1.00 97.40  ? 8   G   A "O4'" 1 
ATOM   134  C  "C3'" . G   A 1 8  ? 2.858   9.999   -2.120  1.00 109.01 ? 8   G   A "C3'" 1 
ATOM   135  O  "O3'" . G   A 1 8  ? 2.113   10.059  -0.908  1.00 110.12 ? 8   G   A "O3'" 1 
ATOM   136  C  "C2'" . G   A 1 8  ? 2.005   10.445  -3.302  1.00 105.16 ? 8   G   A "C2'" 1 
ATOM   137  O  "O2'" . G   A 1 8  ? 1.128   11.503  -2.966  1.00 98.39  ? 8   G   A "O2'" 1 
ATOM   138  C  "C1'" . G   A 1 8  ? 3.071   10.936  -4.292  1.00 103.94 ? 8   G   A "C1'" 1 
ATOM   139  N  N9    . G   A 1 8  ? 3.371   9.946   -5.324  1.00 91.89  ? 8   G   A N9    1 
ATOM   140  C  C8    . G   A 1 8  ? 4.430   9.075   -5.367  1.00 88.01  ? 8   G   A C8    1 
ATOM   141  N  N7    . G   A 1 8  ? 4.391   8.272   -6.398  1.00 94.60  ? 8   G   A N7    1 
ATOM   142  C  C5    . G   A 1 8  ? 3.240   8.641   -7.080  1.00 91.11  ? 8   G   A C5    1 
ATOM   143  C  C6    . G   A 1 8  ? 2.654   8.111   -8.269  1.00 92.20  ? 8   G   A C6    1 
ATOM   144  O  O6    . G   A 1 8  ? 3.044   7.170   -8.973  1.00 76.28  ? 8   G   A O6    1 
ATOM   145  N  N1    . G   A 1 8  ? 1.490   8.790   -8.612  1.00 86.83  ? 8   G   A N1    1 
ATOM   146  C  C2    . G   A 1 8  ? 0.951   9.837   -7.908  1.00 94.75  ? 8   G   A C2    1 
ATOM   147  N  N2    . G   A 1 8  ? -0.171  10.366  -8.412  1.00 101.46 ? 8   G   A N2    1 
ATOM   148  N  N3    . G   A 1 8  ? 1.474   10.330  -6.795  1.00 90.42  ? 8   G   A N3    1 
ATOM   149  C  C4    . G   A 1 8  ? 2.609   9.688   -6.441  1.00 91.36  ? 8   G   A C4    1 
ATOM   150  P  P     . C   A 1 9  ? 1.210   8.805   -0.460  1.00 107.29 ? 9   C   A P     1 
ATOM   151  O  OP1   . C   A 1 9  ? 0.741   9.101   0.915   1.00 114.34 ? 9   C   A OP1   1 
ATOM   152  O  OP2   . C   A 1 9  ? 1.960   7.554   -0.722  1.00 100.34 ? 9   C   A OP2   1 
ATOM   153  O  "O5'" . C   A 1 9  ? -0.045  8.852   -1.444  1.00 111.76 ? 9   C   A "O5'" 1 
ATOM   154  C  "C5'" . C   A 1 9  ? -1.031  9.877   -1.327  1.00 118.09 ? 9   C   A "C5'" 1 
ATOM   155  C  "C4'" . C   A 1 9  ? -2.060  9.759   -2.432  1.00 127.56 ? 9   C   A "C4'" 1 
ATOM   156  O  "O4'" . C   A 1 9  ? -1.415  9.939   -3.723  1.00 127.73 ? 9   C   A "O4'" 1 
ATOM   157  C  "C3'" . C   A 1 9  ? -2.772  8.421   -2.567  1.00 127.90 ? 9   C   A "C3'" 1 
ATOM   158  O  "O3'" . C   A 1 9  ? -3.866  8.315   -1.664  1.00 130.89 ? 9   C   A "O3'" 1 
ATOM   159  C  "C2'" . C   A 1 9  ? -3.262  8.471   -4.009  1.00 130.84 ? 9   C   A "C2'" 1 
ATOM   160  O  "O2'" . C   A 1 9  ? -4.440  9.239   -4.164  1.00 140.65 ? 9   C   A "O2'" 1 
ATOM   161  C  "C1'" . C   A 1 9  ? -2.092  9.168   -4.705  1.00 121.63 ? 9   C   A "C1'" 1 
ATOM   162  N  N1    . C   A 1 9  ? -1.140  8.213   -5.291  1.00 115.97 ? 9   C   A N1    1 
ATOM   163  C  C2    . C   A 1 9  ? -1.452  7.614   -6.516  1.00 117.66 ? 9   C   A C2    1 
ATOM   164  O  O2    . C   A 1 9  ? -2.519  7.914   -7.075  1.00 117.26 ? 9   C   A O2    1 
ATOM   165  N  N3    . C   A 1 9  ? -0.589  6.727   -7.059  1.00 118.46 ? 9   C   A N3    1 
ATOM   166  C  C4    . C   A 1 9  ? 0.549   6.432   -6.427  1.00 112.56 ? 9   C   A C4    1 
ATOM   167  N  N4    . C   A 1 9  ? 1.372   5.549   -6.996  1.00 112.66 ? 9   C   A N4    1 
ATOM   168  C  C5    . C   A 1 9  ? 0.893   7.029   -5.180  1.00 108.09 ? 9   C   A C5    1 
ATOM   169  C  C6    . C   A 1 9  ? 0.028   7.906   -4.653  1.00 112.57 ? 9   C   A C6    1 
ATOM   170  P  P     . U   A 1 10 ? -4.440  6.862   -1.277  1.00 130.01 ? 10  U   A P     1 
ATOM   171  O  OP1   . U   A 1 10 ? -5.669  7.077   -0.475  1.00 135.18 ? 10  U   A OP1   1 
ATOM   172  O  OP2   . U   A 1 10 ? -3.332  6.046   -0.716  1.00 128.83 ? 10  U   A OP2   1 
ATOM   173  O  "O5'" . U   A 1 10 ? -4.874  6.225   -2.672  1.00 127.23 ? 10  U   A "O5'" 1 
ATOM   174  C  "C5'" . U   A 1 10 ? -6.083  6.622   -3.311  1.00 125.94 ? 10  U   A "C5'" 1 
ATOM   175  C  "C4'" . U   A 1 10 ? -6.336  5.771   -4.533  1.00 127.05 ? 10  U   A "C4'" 1 
ATOM   176  O  "O4'" . U   A 1 10 ? -5.270  5.980   -5.498  1.00 120.30 ? 10  U   A "O4'" 1 
ATOM   177  C  "C3'" . U   A 1 10 ? -6.333  4.268   -4.310  1.00 129.51 ? 10  U   A "C3'" 1 
ATOM   178  O  "O3'" . U   A 1 10 ? -7.592  3.815   -3.824  1.00 130.93 ? 10  U   A "O3'" 1 
ATOM   179  C  "C2'" . U   A 1 10 ? -6.043  3.743   -5.710  1.00 130.21 ? 10  U   A "C2'" 1 
ATOM   180  O  "O2'" . U   A 1 10 ? -7.183  3.730   -6.547  1.00 134.07 ? 10  U   A "O2'" 1 
ATOM   181  C  "C1'" . U   A 1 10 ? -5.043  4.781   -6.221  1.00 125.45 ? 10  U   A "C1'" 1 
ATOM   182  N  N1    . U   A 1 10 ? -3.646  4.371   -6.016  1.00 121.41 ? 10  U   A N1    1 
ATOM   183  C  C2    . U   A 1 10 ? -3.106  3.468   -6.910  1.00 118.59 ? 10  U   A C2    1 
ATOM   184  O  O2    . U   A 1 10 ? -3.734  3.014   -7.852  1.00 119.44 ? 10  U   A O2    1 
ATOM   185  N  N3    . U   A 1 10 ? -1.805  3.114   -6.662  1.00 111.79 ? 10  U   A N3    1 
ATOM   186  C  C4    . U   A 1 10 ? -1.006  3.562   -5.633  1.00 112.19 ? 10  U   A C4    1 
ATOM   187  O  O4    . U   A 1 10 ? 0.149   3.144   -5.537  1.00 110.39 ? 10  U   A O4    1 
ATOM   188  C  C5    . U   A 1 10 ? -1.635  4.497   -4.754  1.00 111.44 ? 10  U   A C5    1 
ATOM   189  C  C6    . U   A 1 10 ? -2.902  4.861   -4.970  1.00 117.48 ? 10  U   A C6    1 
ATOM   190  P  P     . C   A 1 11 ? -7.696  2.384   -3.099  1.00 127.99 ? 11  C   A P     1 
ATOM   191  O  OP1   . C   A 1 11 ? -9.117  2.199   -2.708  1.00 125.14 ? 11  C   A OP1   1 
ATOM   192  O  OP2   . C   A 1 11 ? -6.635  2.296   -2.064  1.00 124.92 ? 11  C   A OP2   1 
ATOM   193  O  "O5'" . C   A 1 11 ? -7.363  1.345   -4.261  1.00 114.96 ? 11  C   A "O5'" 1 
ATOM   194  C  "C5'" . C   A 1 11 ? -8.262  1.171   -5.350  1.00 108.05 ? 11  C   A "C5'" 1 
ATOM   195  C  "C4'" . C   A 1 11 ? -7.713  0.168   -6.336  1.00 107.48 ? 11  C   A "C4'" 1 
ATOM   196  O  "O4'" . C   A 1 11 ? -6.475  0.674   -6.896  1.00 112.27 ? 11  C   A "O4'" 1 
ATOM   197  C  "C3'" . C   A 1 11 ? -7.319  -1.185  -5.769  1.00 112.34 ? 11  C   A "C3'" 1 
ATOM   198  O  "O3'" . C   A 1 11 ? -8.446  -2.045  -5.634  1.00 105.57 ? 11  C   A "O3'" 1 
ATOM   199  C  "C2'" . C   A 1 11 ? -6.342  -1.705  -6.820  1.00 107.90 ? 11  C   A "C2'" 1 
ATOM   200  O  "O2'" . C   A 1 11 ? -6.971  -2.304  -7.936  1.00 108.62 ? 11  C   A "O2'" 1 
ATOM   201  C  "C1'" . C   A 1 11 ? -5.644  -0.417  -7.257  1.00 105.39 ? 11  C   A "C1'" 1 
ATOM   202  N  N1    . C   A 1 11 ? -4.329  -0.247  -6.630  1.00 104.36 ? 11  C   A N1    1 
ATOM   203  C  C2    . C   A 1 11 ? -3.240  -0.924  -7.183  1.00 94.03  ? 11  C   A C2    1 
ATOM   204  O  O2    . C   A 1 11 ? -3.430  -1.642  -8.175  1.00 70.42  ? 11  C   A O2    1 
ATOM   205  N  N3    . C   A 1 11 ? -2.016  -0.783  -6.627  1.00 79.47  ? 11  C   A N3    1 
ATOM   206  C  C4    . C   A 1 11 ? -1.858  0.002   -5.558  1.00 98.29  ? 11  C   A C4    1 
ATOM   207  N  N4    . C   A 1 11 ? -0.630  0.117   -5.044  1.00 109.92 ? 11  C   A N4    1 
ATOM   208  C  C5    . C   A 1 11 ? -2.953  0.705   -4.968  1.00 96.93  ? 11  C   A C5    1 
ATOM   209  C  C6    . C   A 1 11 ? -4.161  0.551   -5.532  1.00 108.23 ? 11  C   A C6    1 
ATOM   210  P  P     . C   A 1 12 ? -8.361  -3.324  -4.661  1.00 113.76 ? 12  C   A P     1 
ATOM   211  O  OP1   . C   A 1 12 ? -9.654  -4.046  -4.762  1.00 118.97 ? 12  C   A OP1   1 
ATOM   212  O  OP2   . C   A 1 12 ? -7.875  -2.874  -3.330  1.00 101.17 ? 12  C   A OP2   1 
ATOM   213  O  "O5'" . C   A 1 12 ? -7.244  -4.246  -5.326  1.00 95.30  ? 12  C   A "O5'" 1 
ATOM   214  C  "C5'" . C   A 1 12 ? -7.516  -4.956  -6.526  1.00 103.70 ? 12  C   A "C5'" 1 
ATOM   215  C  "C4'" . C   A 1 12 ? -6.369  -5.869  -6.871  1.00 101.76 ? 12  C   A "C4'" 1 
ATOM   216  O  "O4'" . C   A 1 12 ? -5.205  -5.088  -7.255  1.00 106.34 ? 12  C   A "O4'" 1 
ATOM   217  C  "C3'" . C   A 1 12 ? -5.838  -6.725  -5.738  1.00 116.17 ? 12  C   A "C3'" 1 
ATOM   218  O  "O3'" . C   A 1 12 ? -6.669  -7.845  -5.473  1.00 128.33 ? 12  C   A "O3'" 1 
ATOM   219  C  "C2'" . C   A 1 12 ? -4.472  -7.120  -6.281  1.00 114.75 ? 12  C   A "C2'" 1 
ATOM   220  O  "O2'" . C   A 1 12 ? -4.557  -8.124  -7.273  1.00 114.66 ? 12  C   A "O2'" 1 
ATOM   221  C  "C1'" . C   A 1 12 ? -4.024  -5.807  -6.925  1.00 101.03 ? 12  C   A "C1'" 1 
ATOM   222  N  N1    . C   A 1 12 ? -3.204  -4.985  -6.017  1.00 93.91  ? 12  C   A N1    1 
ATOM   223  C  C2    . C   A 1 12 ? -1.864  -5.357  -5.794  1.00 95.69  ? 12  C   A C2    1 
ATOM   224  O  O2    . C   A 1 12 ? -1.413  -6.354  -6.377  1.00 77.20  ? 12  C   A O2    1 
ATOM   225  N  N3    . C   A 1 12 ? -1.101  -4.624  -4.949  1.00 85.97  ? 12  C   A N3    1 
ATOM   226  C  C4    . C   A 1 12 ? -1.625  -3.557  -4.335  1.00 99.53  ? 12  C   A C4    1 
ATOM   227  N  N4    . C   A 1 12 ? -0.837  -2.870  -3.500  1.00 78.44  ? 12  C   A N4    1 
ATOM   228  C  C5    . C   A 1 12 ? -2.982  -3.149  -4.547  1.00 91.24  ? 12  C   A C5    1 
ATOM   229  C  C6    . C   A 1 12 ? -3.726  -3.885  -5.390  1.00 86.35  ? 12  C   A C6    1 
ATOM   230  P  P     . G   A 1 13 ? -6.828  -8.371  -3.960  1.00 135.96 ? 13  G   A P     1 
ATOM   231  O  OP1   . G   A 1 13 ? -8.037  -9.234  -3.909  1.00 142.32 ? 13  G   A OP1   1 
ATOM   232  O  OP2   . G   A 1 13 ? -6.715  -7.207  -3.040  1.00 133.26 ? 13  G   A OP2   1 
ATOM   233  O  "O5'" . G   A 1 13 ? -5.553  -9.299  -3.743  1.00 126.97 ? 13  G   A "O5'" 1 
ATOM   234  C  "C5'" . G   A 1 13 ? -5.340  -10.432 -4.571  1.00 119.17 ? 13  G   A "C5'" 1 
ATOM   235  C  "C4'" . G   A 1 13 ? -3.912  -10.891 -4.462  1.00 118.56 ? 13  G   A "C4'" 1 
ATOM   236  O  "O4'" . G   A 1 13 ? -3.030  -9.845  -4.952  1.00 118.19 ? 13  G   A "O4'" 1 
ATOM   237  C  "C3'" . G   A 1 13 ? -3.417  -11.115 -3.047  1.00 131.73 ? 13  G   A "C3'" 1 
ATOM   238  O  "O3'" . G   A 1 13 ? -3.836  -12.358 -2.513  1.00 136.81 ? 13  G   A "O3'" 1 
ATOM   239  C  "C2'" . G   A 1 13 ? -1.909  -11.025 -3.229  1.00 126.68 ? 13  G   A "C2'" 1 
ATOM   240  O  "O2'" . G   A 1 13 ? -1.339  -12.193 -3.785  1.00 136.95 ? 13  G   A "O2'" 1 
ATOM   241  C  "C1'" . G   A 1 13 ? -1.810  -9.867  -4.220  1.00 109.58 ? 13  G   A "C1'" 1 
ATOM   242  N  N9    . G   A 1 13 ? -1.666  -8.596  -3.518  1.00 95.94  ? 13  G   A N9    1 
ATOM   243  C  C8    . G   A 1 13 ? -2.607  -7.605  -3.374  1.00 88.30  ? 13  G   A C8    1 
ATOM   244  N  N7    . G   A 1 13 ? -2.180  -6.595  -2.663  1.00 82.74  ? 13  G   A N7    1 
ATOM   245  C  C5    . G   A 1 13 ? -0.879  -6.939  -2.323  1.00 66.34  ? 13  G   A C5    1 
ATOM   246  C  C6    . G   A 1 13 ? 0.088   -6.236  -1.554  1.00 77.56  ? 13  G   A C6    1 
ATOM   247  O  O6    . G   A 1 13 ? -0.024  -5.137  -0.993  1.00 86.00  ? 13  G   A O6    1 
ATOM   248  N  N1    . G   A 1 13 ? 1.285   -6.944  -1.465  1.00 62.92  ? 13  G   A N1    1 
ATOM   249  C  C2    . G   A 1 13 ? 1.519   -8.174  -2.040  1.00 85.07  ? 13  G   A C2    1 
ATOM   250  N  N2    . G   A 1 13 ? 2.742   -8.693  -1.857  1.00 71.88  ? 13  G   A N2    1 
ATOM   251  N  N3    . G   A 1 13 ? 0.621   -8.843  -2.748  1.00 77.36  ? 13  G   A N3    1 
ATOM   252  C  C4    . G   A 1 13 ? -0.544  -8.170  -2.849  1.00 83.62  ? 13  G   A C4    1 
ATOM   253  P  P     . G   A 1 14 ? -4.037  -12.498 -0.928  1.00 142.44 ? 14  G   A P     1 
ATOM   254  O  OP1   . G   A 1 14 ? -4.554  -13.865 -0.667  1.00 147.22 ? 14  G   A OP1   1 
ATOM   255  O  OP2   . G   A 1 14 ? -4.804  -11.314 -0.451  1.00 129.88 ? 14  G   A OP2   1 
ATOM   256  O  "O5'" . G   A 1 14 ? -2.556  -12.393 -0.353  1.00 119.88 ? 14  G   A "O5'" 1 
ATOM   257  C  "C5'" . G   A 1 14 ? -1.543  -13.282 -0.805  1.00 112.95 ? 14  G   A "C5'" 1 
ATOM   258  C  "C4'" . G   A 1 14 ? -0.205  -12.888 -0.228  1.00 115.63 ? 14  G   A "C4'" 1 
ATOM   259  O  "O4'" . G   A 1 14 ? 0.180   -11.578 -0.722  1.00 118.24 ? 14  G   A "O4'" 1 
ATOM   260  C  "C3'" . G   A 1 14 ? -0.170  -12.717 1.279   1.00 119.74 ? 14  G   A "C3'" 1 
ATOM   261  O  "O3'" . G   A 1 14 ? -0.064  -13.974 1.942   1.00 123.21 ? 14  G   A "O3'" 1 
ATOM   262  C  "C2'" . G   A 1 14 ? 1.071   -11.852 1.466   1.00 116.73 ? 14  G   A "C2'" 1 
ATOM   263  O  "O2'" . G   A 1 14 ? 2.270   -12.593 1.398   1.00 117.53 ? 14  G   A "O2'" 1 
ATOM   264  C  "C1'" . G   A 1 14 ? 0.973   -10.917 0.255   1.00 101.72 ? 14  G   A "C1'" 1 
ATOM   265  N  N9    . G   A 1 14 ? 0.346   -9.642  0.584   1.00 91.66  ? 14  G   A N9    1 
ATOM   266  C  C8    . G   A 1 14 ? -0.909  -9.209  0.215   1.00 95.71  ? 14  G   A C8    1 
ATOM   267  N  N7    . G   A 1 14 ? -1.208  -8.030  0.696   1.00 80.21  ? 14  G   A N7    1 
ATOM   268  C  C5    . G   A 1 14 ? -0.082  -7.661  1.420   1.00 74.44  ? 14  G   A C5    1 
ATOM   269  C  C6    . G   A 1 14 ? 0.181   -6.488  2.179   1.00 84.27  ? 14  G   A C6    1 
ATOM   270  O  O6    . G   A 1 14 ? -0.559  -5.511  2.374   1.00 93.02  ? 14  G   A O6    1 
ATOM   271  N  N1    . G   A 1 14 ? 1.453   -6.521  2.747   1.00 63.09  ? 14  G   A N1    1 
ATOM   272  C  C2    . G   A 1 14 ? 2.351   -7.546  2.609   1.00 62.81  ? 14  G   A C2    1 
ATOM   273  N  N2    . G   A 1 14 ? 3.521   -7.384  3.238   1.00 75.36  ? 14  G   A N2    1 
ATOM   274  N  N3    . G   A 1 14 ? 2.119   -8.648  1.908   1.00 69.16  ? 14  G   A N3    1 
ATOM   275  C  C4    . G   A 1 14 ? 0.892   -8.638  1.348   1.00 77.88  ? 14  G   A C4    1 
ATOM   276  P  P     . A   A 1 15 ? -0.809  -14.195 3.352   1.00 122.68 ? 15  A   A P     1 
ATOM   277  O  OP1   . A   A 1 15 ? -0.649  -15.626 3.717   1.00 112.22 ? 15  A   A OP1   1 
ATOM   278  O  OP2   . A   A 1 15 ? -2.173  -13.619 3.238   1.00 114.77 ? 15  A   A OP2   1 
ATOM   279  O  "O5'" . A   A 1 15 ? 0.048   -13.319 4.376   1.00 116.25 ? 15  A   A "O5'" 1 
ATOM   280  C  "C5'" . A   A 1 15 ? 1.431   -13.596 4.568   1.00 108.34 ? 15  A   A "C5'" 1 
ATOM   281  C  "C4'" . A   A 1 15 ? 2.117   -12.484 5.338   1.00 104.49 ? 15  A   A "C4'" 1 
ATOM   282  O  "O4'" . A   A 1 15 ? 2.018   -11.223 4.627   1.00 101.92 ? 15  A   A "O4'" 1 
ATOM   283  C  "C3'" . A   A 1 15 ? 1.602   -12.121 6.720   1.00 107.37 ? 15  A   A "C3'" 1 
ATOM   284  O  "O3'" . A   A 1 15 ? 2.034   -13.066 7.691   1.00 128.38 ? 15  A   A "O3'" 1 
ATOM   285  C  "C2'" . A   A 1 15 ? 2.276   -10.769 6.952   1.00 104.48 ? 15  A   A "C2'" 1 
ATOM   286  O  "O2'" . A   A 1 15 ? 3.616   -10.883 7.394   1.00 87.18  ? 15  A   A "O2'" 1 
ATOM   287  C  "C1'" . A   A 1 15 ? 2.265   -10.167 5.543   1.00 97.98  ? 15  A   A "C1'" 1 
ATOM   288  N  N9    . A   A 1 15 ? 1.252   -9.125  5.373   1.00 96.43  ? 15  A   A N9    1 
ATOM   289  C  C8    . A   A 1 15 ? 0.049   -9.188  4.715   1.00 103.47 ? 15  A   A C8    1 
ATOM   290  N  N7    . A   A 1 15 ? -0.630  -8.064  4.752   1.00 107.25 ? 15  A   A N7    1 
ATOM   291  C  C5    . A   A 1 15 ? 0.183   -7.204  5.477   1.00 92.37  ? 15  A   A C5    1 
ATOM   292  C  C6    . A   A 1 15 ? 0.041   -5.852  5.862   1.00 92.63  ? 15  A   A C6    1 
ATOM   293  N  N6    . A   A 1 15 ? -1.016  -5.100  5.544   1.00 99.95  ? 15  A   A N6    1 
ATOM   294  N  N1    . A   A 1 15 ? 1.034   -5.292  6.589   1.00 81.79  ? 15  A   A N1    1 
ATOM   295  C  C2    . A   A 1 15 ? 2.099   -6.041  6.898   1.00 77.84  ? 15  A   A C2    1 
ATOM   296  N  N3    . A   A 1 15 ? 2.352   -7.317  6.589   1.00 97.18  ? 15  A   A N3    1 
ATOM   297  C  C4    . A   A 1 15 ? 1.345   -7.844  5.870   1.00 88.94  ? 15  A   A C4    1 
ATOM   298  P  P     . A   A 1 16 ? 1.456   -12.993 9.192   1.00 130.21 ? 16  A   A P     1 
ATOM   299  O  OP1   . A   A 1 16 ? 0.916   -14.343 9.514   1.00 72.06  ? 16  A   A OP1   1 
ATOM   300  O  OP2   . A   A 1 16 ? 0.575   -11.798 9.300   1.00 122.96 ? 16  A   A OP2   1 
ATOM   301  O  "O5'" . A   A 1 16 ? 2.753   -12.722 10.080  1.00 112.27 ? 16  A   A "O5'" 1 
ATOM   302  C  "C5'" . A   A 1 16 ? 2.648   -12.320 11.444  1.00 114.36 ? 16  A   A "C5'" 1 
ATOM   303  C  "C4'" . A   A 1 16 ? 3.960   -11.726 11.906  1.00 120.71 ? 16  A   A "C4'" 1 
ATOM   304  O  "O4'" . A   A 1 16 ? 4.992   -12.720 11.696  1.00 135.92 ? 16  A   A "O4'" 1 
ATOM   305  C  "C3'" . A   A 1 16 ? 4.419   -10.504 11.119  1.00 120.21 ? 16  A   A "C3'" 1 
ATOM   306  O  "O3'" . A   A 1 16 ? 4.004   -9.279  11.728  1.00 113.57 ? 16  A   A "O3'" 1 
ATOM   307  C  "C2'" . A   A 1 16 ? 5.937   -10.585 11.243  1.00 126.60 ? 16  A   A "C2'" 1 
ATOM   308  O  "O2'" . A   A 1 16 ? 6.409   -10.025 12.452  1.00 130.56 ? 16  A   A "O2'" 1 
ATOM   309  C  "C1'" . A   A 1 16 ? 6.176   -12.096 11.240  1.00 135.75 ? 16  A   A "C1'" 1 
ATOM   310  N  N9    . A   A 1 16 ? 6.487   -12.636 9.920   1.00 142.60 ? 16  A   A N9    1 
ATOM   311  C  C8    . A   A 1 16 ? 5.642   -12.766 8.848   1.00 149.30 ? 16  A   A C8    1 
ATOM   312  N  N7    . A   A 1 16 ? 6.209   -13.286 7.788   1.00 155.42 ? 16  A   A N7    1 
ATOM   313  C  C5    . A   A 1 16 ? 7.517   -13.516 8.190   1.00 153.87 ? 16  A   A C5    1 
ATOM   314  C  C6    . A   A 1 16 ? 8.629   -14.054 7.523   1.00 158.74 ? 16  A   A C6    1 
ATOM   315  N  N6    . A   A 1 16 ? 8.599   -14.471 6.254   1.00 160.22 ? 16  A   A N6    1 
ATOM   316  N  N1    . A   A 1 16 ? 9.788   -14.148 8.211   1.00 161.95 ? 16  A   A N1    1 
ATOM   317  C  C2    . A   A 1 16 ? 9.817   -13.726 9.483   1.00 153.61 ? 16  A   A C2    1 
ATOM   318  N  N3    . A   A 1 16 ? 8.838   -13.201 10.218  1.00 146.29 ? 16  A   A N3    1 
ATOM   319  C  C4    . A   A 1 16 ? 7.702   -13.122 9.504   1.00 146.79 ? 16  A   A C4    1 
ATOM   320  P  P     . A   A 1 17 ? 2.875   -9.284  12.873  1.00 116.13 ? 17  A   A P     1 
ATOM   321  O  OP1   . A   A 1 17 ? 3.513   -9.670  14.158  1.00 105.99 ? 17  A   A OP1   1 
ATOM   322  O  OP2   . A   A 1 17 ? 1.700   -10.046 12.377  1.00 114.41 ? 17  A   A OP2   1 
ATOM   323  O  "O5'" . A   A 1 17 ? 2.445   -7.756  12.981  1.00 111.32 ? 17  A   A "O5'" 1 
ATOM   324  C  "C5'" . A   A 1 17 ? 3.411   -6.721  13.173  1.00 108.64 ? 17  A   A "C5'" 1 
ATOM   325  C  "C4'" . A   A 1 17 ? 2.994   -5.491  12.404  1.00 103.56 ? 17  A   A "C4'" 1 
ATOM   326  O  "O4'" . A   A 1 17 ? 3.113   -5.771  10.989  1.00 81.87  ? 17  A   A "O4'" 1 
ATOM   327  C  "C3'" . A   A 1 17 ? 1.539   -5.103  12.633  1.00 114.69 ? 17  A   A "C3'" 1 
ATOM   328  O  "O3'" . A   A 1 17 ? 1.433   -4.169  13.704  1.00 130.71 ? 17  A   A "O3'" 1 
ATOM   329  C  "C2'" . A   A 1 17 ? 1.121   -4.507  11.295  1.00 102.74 ? 17  A   A "C2'" 1 
ATOM   330  O  "O2'" . A   A 1 17 ? 1.448   -3.139  11.158  1.00 104.56 ? 17  A   A "O2'" 1 
ATOM   331  C  "C1'" . A   A 1 17 ? 1.947   -5.345  10.316  1.00 93.89  ? 17  A   A "C1'" 1 
ATOM   332  N  N9    . A   A 1 17 ? 1.280   -6.538  9.799   1.00 69.92  ? 17  A   A N9    1 
ATOM   333  C  C8    . A   A 1 17 ? 1.842   -7.778  9.638   1.00 72.98  ? 17  A   A C8    1 
ATOM   334  N  N7    . A   A 1 17 ? 1.037   -8.660  9.093   1.00 72.62  ? 17  A   A N7    1 
ATOM   335  C  C5    . A   A 1 17 ? -0.140  -7.955  8.896   1.00 56.60  ? 17  A   A C5    1 
ATOM   336  C  C6    . A   A 1 17 ? -1.375  -8.324  8.351   1.00 60.67  ? 17  A   A C6    1 
ATOM   337  N  N6    . A   A 1 17 ? -1.636  -9.544  7.875   1.00 72.42  ? 17  A   A N6    1 
ATOM   338  N  N1    . A   A 1 17 ? -2.347  -7.387  8.305   1.00 71.49  ? 17  A   A N1    1 
ATOM   339  C  C2    . A   A 1 17 ? -2.080  -6.162  8.778   1.00 75.99  ? 17  A   A C2    1 
ATOM   340  N  N3    . A   A 1 17 ? -0.955  -5.694  9.315   1.00 77.66  ? 17  A   A N3    1 
ATOM   341  C  C4    . A   A 1 17 ? -0.011  -6.651  9.343   1.00 69.23  ? 17  A   A C4    1 
ATOM   342  P  P     . A   A 1 18 ? 0.100   -4.128  14.601  1.00 139.58 ? 18  A   A P     1 
ATOM   343  O  OP1   . A   A 1 18 ? -0.434  -5.515  14.640  1.00 121.94 ? 18  A   A OP1   1 
ATOM   344  O  OP2   . A   A 1 18 ? -0.759  -3.020  14.106  1.00 130.06 ? 18  A   A OP2   1 
ATOM   345  O  "O5'" . A   A 1 18 ? 0.626   -3.749  16.060  1.00 145.09 ? 18  A   A "O5'" 1 
ATOM   346  C  "C5'" . A   A 1 18 ? 1.353   -4.700  16.839  1.00 152.85 ? 18  A   A "C5'" 1 
ATOM   347  C  "C4'" . A   A 1 18 ? 1.911   -4.058  18.092  1.00 150.84 ? 18  A   A "C4'" 1 
ATOM   348  O  "O4'" . A   A 1 18 ? 2.843   -3.009  17.732  1.00 153.90 ? 18  A   A "O4'" 1 
ATOM   349  C  "C3'" . A   A 1 18 ? 0.926   -3.359  19.016  1.00 142.35 ? 18  A   A "C3'" 1 
ATOM   350  O  "O3'" . A   A 1 18 ? 0.316   -4.290  19.899  1.00 132.23 ? 18  A   A "O3'" 1 
ATOM   351  C  "C2'" . A   A 1 18 ? 1.837   -2.436  19.817  1.00 146.07 ? 18  A   A "C2'" 1 
ATOM   352  O  "O2'" . A   A 1 18 ? 2.445   -3.096  20.910  1.00 142.73 ? 18  A   A "O2'" 1 
ATOM   353  C  "C1'" . A   A 1 18 ? 2.903   -2.061  18.783  1.00 156.65 ? 18  A   A "C1'" 1 
ATOM   354  N  N9    . A   A 1 18 ? 2.736   -0.722  18.223  1.00 162.34 ? 18  A   A N9    1 
ATOM   355  C  C8    . A   A 1 18 ? 1.910   -0.312  17.206  1.00 163.56 ? 18  A   A C8    1 
ATOM   356  N  N7    . A   A 1 18 ? 1.997   0.968   16.939  1.00 167.34 ? 18  A   A N7    1 
ATOM   357  C  C5    . A   A 1 18 ? 2.944   1.435   17.842  1.00 168.68 ? 18  A   A C5    1 
ATOM   358  C  C6    . A   A 1 18 ? 3.485   2.714   18.076  1.00 165.65 ? 18  A   A C6    1 
ATOM   359  N  N6    . A   A 1 18 ? 3.136   3.804   17.388  1.00 161.47 ? 18  A   A N6    1 
ATOM   360  N  N1    . A   A 1 18 ? 4.412   2.837   19.052  1.00 162.14 ? 18  A   A N1    1 
ATOM   361  C  C2    . A   A 1 18 ? 4.763   1.743   19.742  1.00 163.82 ? 18  A   A C2    1 
ATOM   362  N  N3    . A   A 1 18 ? 4.325   0.491   19.618  1.00 167.40 ? 18  A   A N3    1 
ATOM   363  C  C4    . A   A 1 18 ? 3.406   0.404   18.639  1.00 167.30 ? 18  A   A C4    1 
ATOM   364  P  P     . G   A 1 19 ? -1.275  -4.261  20.125  1.00 124.21 ? 19  G   A P     1 
ATOM   365  O  OP1   . G   A 1 19 ? -1.521  -4.377  21.584  1.00 127.31 ? 19  G   A OP1   1 
ATOM   366  O  OP2   . G   A 1 19 ? -1.874  -5.255  19.199  1.00 125.34 ? 19  G   A OP2   1 
ATOM   367  O  "O5'" . G   A 1 19 ? -1.729  -2.807  19.655  1.00 127.72 ? 19  G   A "O5'" 1 
ATOM   368  C  "C5'" . G   A 1 19 ? -1.420  -1.645  20.421  1.00 100.49 ? 19  G   A "C5'" 1 
ATOM   369  C  "C4'" . G   A 1 19 ? -1.996  -0.419  19.753  1.00 100.67 ? 19  G   A "C4'" 1 
ATOM   370  O  "O4'" . G   A 1 19 ? -1.588  -0.432  18.355  1.00 95.40  ? 19  G   A "O4'" 1 
ATOM   371  C  "C3'" . G   A 1 19 ? -3.514  -0.355  19.684  1.00 106.54 ? 19  G   A "C3'" 1 
ATOM   372  O  "O3'" . G   A 1 19 ? -4.092  0.181   20.873  1.00 111.44 ? 19  G   A "O3'" 1 
ATOM   373  C  "C2'" . G   A 1 19 ? -3.734  0.563   18.488  1.00 104.95 ? 19  G   A "C2'" 1 
ATOM   374  O  "O2'" . G   A 1 19 ? -3.535  1.928   18.793  1.00 105.16 ? 19  G   A "O2'" 1 
ATOM   375  C  "C1'" . G   A 1 19 ? -2.636  0.079   17.541  1.00 98.12  ? 19  G   A "C1'" 1 
ATOM   376  N  N9    . G   A 1 19 ? -3.102  -0.992  16.664  1.00 100.16 ? 19  G   A N9    1 
ATOM   377  C  C8    . G   A 1 19 ? -2.565  -2.250  16.539  1.00 99.75  ? 19  G   A C8    1 
ATOM   378  N  N7    . G   A 1 19 ? -3.215  -3.004  15.696  1.00 93.18  ? 19  G   A N7    1 
ATOM   379  C  C5    . G   A 1 19 ? -4.243  -2.196  15.231  1.00 89.48  ? 19  G   A C5    1 
ATOM   380  C  C6    . G   A 1 19 ? -5.284  -2.474  14.311  1.00 93.44  ? 19  G   A C6    1 
ATOM   381  O  O6    . G   A 1 19 ? -5.514  -3.527  13.711  1.00 91.65  ? 19  G   A O6    1 
ATOM   382  N  N1    . G   A 1 19 ? -6.110  -1.372  14.120  1.00 96.15  ? 19  G   A N1    1 
ATOM   383  C  C2    . G   A 1 19 ? -5.958  -0.157  14.739  1.00 107.25 ? 19  G   A C2    1 
ATOM   384  N  N2    . G   A 1 19 ? -6.855  0.788   14.413  1.00 104.14 ? 19  G   A N2    1 
ATOM   385  N  N3    . G   A 1 19 ? -4.998  0.113   15.611  1.00 107.23 ? 19  G   A N3    1 
ATOM   386  C  C4    . G   A 1 19 ? -4.183  -0.946  15.808  1.00 97.50  ? 19  G   A C4    1 
ATOM   387  P  P     . U   A 1 20 ? -5.611  -0.199  21.260  1.00 117.08 ? 20  U   A P     1 
ATOM   388  O  OP1   . U   A 1 20 ? -6.016  0.643   22.412  1.00 106.51 ? 20  U   A OP1   1 
ATOM   389  O  OP2   . U   A 1 20 ? -5.719  -1.676  21.362  1.00 89.04  ? 20  U   A OP2   1 
ATOM   390  O  "O5'" . U   A 1 20 ? -6.465  0.264   19.995  1.00 111.22 ? 20  U   A "O5'" 1 
ATOM   391  C  "C5'" . U   A 1 20 ? -6.721  1.642   19.745  1.00 94.93  ? 20  U   A "C5'" 1 
ATOM   392  C  "C4'" . U   A 1 20 ? -7.970  1.795   18.913  1.00 95.21  ? 20  U   A "C4'" 1 
ATOM   393  O  "O4'" . U   A 1 20 ? -7.740  1.258   17.585  1.00 94.52  ? 20  U   A "O4'" 1 
ATOM   394  C  "C3'" . U   A 1 20 ? -9.175  1.012   19.404  1.00 105.19 ? 20  U   A "C3'" 1 
ATOM   395  O  "O3'" . U   A 1 20 ? -9.861  1.707   20.433  1.00 104.46 ? 20  U   A "O3'" 1 
ATOM   396  C  "C2'" . U   A 1 20 ? -10.024 0.912   18.147  1.00 98.52  ? 20  U   A "C2'" 1 
ATOM   397  O  "O2'" . U   A 1 20 ? -10.743 2.103   17.910  1.00 91.16  ? 20  U   A "O2'" 1 
ATOM   398  C  "C1'" . U   A 1 20 ? -8.952  0.725   17.073  1.00 90.64  ? 20  U   A "C1'" 1 
ATOM   399  N  N1    . U   A 1 20 ? -8.721  -0.680  16.711  1.00 83.18  ? 20  U   A N1    1 
ATOM   400  C  C2    . U   A 1 20 ? -9.622  -1.284  15.852  1.00 87.53  ? 20  U   A C2    1 
ATOM   401  O  O2    . U   A 1 20 ? -10.605 -0.712  15.417  1.00 100.18 ? 20  U   A O2    1 
ATOM   402  N  N3    . U   A 1 20 ? -9.330  -2.586  15.524  1.00 75.49  ? 20  U   A N3    1 
ATOM   403  C  C4    . U   A 1 20 ? -8.261  -3.331  15.970  1.00 75.48  ? 20  U   A C4    1 
ATOM   404  O  O4    . U   A 1 20 ? -8.146  -4.504  15.609  1.00 76.23  ? 20  U   A O4    1 
ATOM   405  C  C5    . U   A 1 20 ? -7.387  -2.641  16.868  1.00 81.37  ? 20  U   A C5    1 
ATOM   406  C  C6    . U   A 1 20 ? -7.642  -1.369  17.199  1.00 81.96  ? 20  U   A C6    1 
ATOM   407  P  P     . C   A 1 21 ? -10.711 0.879   21.512  1.00 116.05 ? 21  C   A P     1 
ATOM   408  O  OP1   . C   A 1 21 ? -11.345 1.850   22.446  1.00 105.85 ? 21  C   A OP1   1 
ATOM   409  O  OP2   . C   A 1 21 ? -9.823  -0.186  22.044  1.00 110.98 ? 21  C   A OP2   1 
ATOM   410  O  "O5'" . C   A 1 21 ? -11.856 0.188   20.646  1.00 101.93 ? 21  C   A "O5'" 1 
ATOM   411  C  "C5'" . C   A 1 21 ? -12.923 0.962   20.119  1.00 94.76  ? 21  C   A "C5'" 1 
ATOM   412  C  "C4'" . C   A 1 21 ? -13.795 0.122   19.225  1.00 76.15  ? 21  C   A "C4'" 1 
ATOM   413  O  "O4'" . C   A 1 21 ? -13.010 -0.380  18.112  1.00 84.90  ? 21  C   A "O4'" 1 
ATOM   414  C  "C3'" . C   A 1 21 ? -14.338 -1.160  19.820  1.00 87.69  ? 21  C   A "C3'" 1 
ATOM   415  O  "O3'" . C   A 1 21 ? -15.445 -0.949  20.664  1.00 96.38  ? 21  C   A "O3'" 1 
ATOM   416  C  "C2'" . C   A 1 21 ? -14.754 -1.912  18.571  1.00 84.25  ? 21  C   A "C2'" 1 
ATOM   417  O  "O2'" . C   A 1 21 ? -15.944 -1.391  18.016  1.00 76.42  ? 21  C   A "O2'" 1 
ATOM   418  C  "C1'" . C   A 1 21 ? -13.576 -1.601  17.652  1.00 76.90  ? 21  C   A "C1'" 1 
ATOM   419  N  N1    . C   A 1 21 ? -12.551 -2.656  17.696  1.00 44.60  ? 21  C   A N1    1 
ATOM   420  C  C2    . C   A 1 21 ? -12.727 -3.781  16.889  1.00 56.60  ? 21  C   A C2    1 
ATOM   421  O  O2    . C   A 1 21 ? -13.754 -3.862  16.199  1.00 72.22  ? 21  C   A O2    1 
ATOM   422  N  N3    . C   A 1 21 ? -11.786 -4.751  16.882  1.00 48.15  ? 21  C   A N3    1 
ATOM   423  C  C4    . C   A 1 21 ? -10.701 -4.629  17.652  1.00 70.70  ? 21  C   A C4    1 
ATOM   424  N  N4    . C   A 1 21 ? -9.779  -5.609  17.598  1.00 59.89  ? 21  C   A N4    1 
ATOM   425  C  C5    . C   A 1 21 ? -10.505 -3.498  18.505  1.00 54.10  ? 21  C   A C5    1 
ATOM   426  C  C6    . C   A 1 21 ? -11.449 -2.545  18.495  1.00 47.73  ? 21  C   A C6    1 
ATOM   427  P  P     . G   A 1 22 ? -15.753 -2.014  21.821  1.00 92.26  ? 22  G   A P     1 
ATOM   428  O  OP1   . G   A 1 22 ? -16.952 -1.519  22.555  1.00 97.93  ? 22  G   A OP1   1 
ATOM   429  O  OP2   . G   A 1 22 ? -14.477 -2.246  22.550  1.00 71.21  ? 22  G   A OP2   1 
ATOM   430  O  "O5'" . G   A 1 22 ? -16.149 -3.344  21.036  1.00 66.87  ? 22  G   A "O5'" 1 
ATOM   431  C  "C5'" . G   A 1 22 ? -17.425 -3.462  20.426  1.00 65.84  ? 22  G   A "C5'" 1 
ATOM   432  C  "C4'" . G   A 1 22 ? -17.528 -4.742  19.626  1.00 80.95  ? 22  G   A "C4'" 1 
ATOM   433  O  "O4'" . G   A 1 22 ? -16.402 -4.843  18.714  1.00 92.63  ? 22  G   A "O4'" 1 
ATOM   434  C  "C3'" . G   A 1 22 ? -17.438 -6.062  20.371  1.00 86.32  ? 22  G   A "C3'" 1 
ATOM   435  O  "O3'" . G   A 1 22 ? -18.646 -6.417  21.010  1.00 94.94  ? 22  G   A "O3'" 1 
ATOM   436  C  "C2'" . G   A 1 22 ? -17.163 -7.029  19.231  1.00 82.95  ? 22  G   A "C2'" 1 
ATOM   437  O  "O2'" . G   A 1 22 ? -18.319 -7.334  18.472  1.00 56.52  ? 22  G   A "O2'" 1 
ATOM   438  C  "C1'" . G   A 1 22 ? -16.183 -6.211  18.396  1.00 81.24  ? 22  G   A "C1'" 1 
ATOM   439  N  N9    . G   A 1 22 ? -14.813 -6.569  18.730  1.00 63.89  ? 22  G   A N9    1 
ATOM   440  C  C8    . G   A 1 22 ? -13.883 -5.835  19.423  1.00 54.77  ? 22  G   A C8    1 
ATOM   441  N  N7    . G   A 1 22 ? -12.729 -6.444  19.527  1.00 65.13  ? 22  G   A N7    1 
ATOM   442  C  C5    . G   A 1 22 ? -12.918 -7.652  18.868  1.00 43.35  ? 22  G   A C5    1 
ATOM   443  C  C6    . G   A 1 22 ? -12.021 -8.727  18.634  1.00 51.18  ? 22  G   A C6    1 
ATOM   444  O  O6    . G   A 1 22 ? -10.828 -8.820  18.955  1.00 59.70  ? 22  G   A O6    1 
ATOM   445  N  N1    . G   A 1 22 ? -12.634 -9.762  17.936  1.00 41.57  ? 22  G   A N1    1 
ATOM   446  C  C2    . G   A 1 22 ? -13.933 -9.761  17.504  1.00 56.44  ? 22  G   A C2    1 
ATOM   447  N  N2    . G   A 1 22 ? -14.337 -10.853 16.843  1.00 45.34  ? 22  G   A N2    1 
ATOM   448  N  N3    . G   A 1 22 ? -14.777 -8.762  17.703  1.00 62.41  ? 22  G   A N3    1 
ATOM   449  C  C4    . G   A 1 22 ? -14.203 -7.748  18.385  1.00 59.31  ? 22  G   A C4    1 
ATOM   450  P  P     . C   A 1 23 ? -18.610 -7.466  22.222  1.00 89.81  ? 23  C   A P     1 
ATOM   451  O  OP1   . C   A 1 23 ? -20.012 -7.620  22.700  1.00 79.63  ? 23  C   A OP1   1 
ATOM   452  O  OP2   . C   A 1 23 ? -17.547 -7.013  23.160  1.00 47.25  ? 23  C   A OP2   1 
ATOM   453  O  "O5'" . C   A 1 23 ? -18.172 -8.839  21.543  1.00 62.40  ? 23  C   A "O5'" 1 
ATOM   454  C  "C5'" . C   A 1 23 ? -19.061 -9.512  20.657  1.00 62.07  ? 23  C   A "C5'" 1 
ATOM   455  C  "C4'" . C   A 1 23 ? -18.407 -10.743 20.079  1.00 75.68  ? 23  C   A "C4'" 1 
ATOM   456  O  "O4'" . C   A 1 23 ? -17.153 -10.371 19.451  1.00 94.93  ? 23  C   A "O4'" 1 
ATOM   457  C  "C3'" . C   A 1 23 ? -17.989 -11.821 21.059  1.00 84.74  ? 23  C   A "C3'" 1 
ATOM   458  O  "O3'" . C   A 1 23 ? -19.097 -12.591 21.528  1.00 101.56 ? 23  C   A "O3'" 1 
ATOM   459  C  "C2'" . C   A 1 23 ? -16.963 -12.595 20.244  1.00 83.40  ? 23  C   A "C2'" 1 
ATOM   460  O  "O2'" . C   A 1 23 ? -17.557 -13.415 19.261  1.00 81.87  ? 23  C   A "O2'" 1 
ATOM   461  C  "C1'" . C   A 1 23 ? -16.245 -11.457 19.524  1.00 63.78  ? 23  C   A "C1'" 1 
ATOM   462  N  N1    . C   A 1 23 ? -15.036 -11.003 20.219  1.00 61.25  ? 23  C   A N1    1 
ATOM   463  C  C2    . C   A 1 23 ? -13.881 -11.768 20.103  1.00 60.53  ? 23  C   A C2    1 
ATOM   464  O  O2    . C   A 1 23 ? -13.920 -12.797 19.415  1.00 51.55  ? 23  C   A O2    1 
ATOM   465  N  N3    . C   A 1 23 ? -12.750 -11.369 20.736  1.00 48.43  ? 23  C   A N3    1 
ATOM   466  C  C4    . C   A 1 23 ? -12.752 -10.243 21.453  1.00 62.85  ? 23  C   A C4    1 
ATOM   467  N  N4    . C   A 1 23 ? -11.609 -9.872  22.046  1.00 68.43  ? 23  C   A N4    1 
ATOM   468  C  C5    . C   A 1 23 ? -13.924 -9.440  21.592  1.00 67.08  ? 23  C   A C5    1 
ATOM   469  C  C6    . C   A 1 23 ? -15.034 -9.856  20.964  1.00 73.83  ? 23  C   A C6    1 
ATOM   470  P  P     . U   B 1 2  ? -1.989  -10.867 23.696  1.00 157.19 ? 25  U   B P     1 
ATOM   471  O  OP1   . U   B 1 2  ? -0.550  -11.041 24.156  1.00 150.21 ? 25  U   B OP1   1 
ATOM   472  O  OP2   . U   B 1 2  ? -2.147  -9.772  22.651  1.00 157.47 ? 25  U   B OP2   1 
ATOM   473  O  "O5'" . U   B 1 2  ? -2.400  -12.262 22.960  1.00 144.19 ? 25  U   B "O5'" 1 
ATOM   474  C  "C5'" . U   B 1 2  ? -1.747  -12.688 21.748  1.00 124.73 ? 25  U   B "C5'" 1 
ATOM   475  C  "C4'" . U   B 1 2  ? -1.604  -14.191 21.745  1.00 116.71 ? 25  U   B "C4'" 1 
ATOM   476  O  "O4'" . U   B 1 2  ? -0.759  -14.575 22.854  1.00 131.62 ? 25  U   B "O4'" 1 
ATOM   477  C  "C3'" . U   B 1 2  ? -2.903  -14.953 21.980  1.00 112.02 ? 25  U   B "C3'" 1 
ATOM   478  O  "O3'" . U   B 1 2  ? -3.577  -15.258 20.757  1.00 98.15  ? 25  U   B "O3'" 1 
ATOM   479  C  "C2'" . U   B 1 2  ? -2.421  -16.274 22.581  1.00 119.04 ? 25  U   B "C2'" 1 
ATOM   480  O  "O2'" . U   B 1 2  ? -2.119  -17.246 21.599  1.00 139.74 ? 25  U   B "O2'" 1 
ATOM   481  C  "C1'" . U   B 1 2  ? -1.131  -15.862 23.294  1.00 119.80 ? 25  U   B "C1'" 1 
ATOM   482  N  N1    . U   B 1 2  ? -1.177  -15.879 24.760  1.00 102.40 ? 25  U   B N1    1 
ATOM   483  C  C2    . U   B 1 2  ? -1.199  -17.115 25.367  1.00 96.12  ? 25  U   B C2    1 
ATOM   484  O  O2    . U   B 1 2  ? -1.225  -18.155 24.731  1.00 77.01  ? 25  U   B O2    1 
ATOM   485  N  N3    . U   B 1 2  ? -1.193  -17.090 26.740  1.00 88.39  ? 25  U   B N3    1 
ATOM   486  C  C4    . U   B 1 2  ? -1.176  -15.968 27.546  1.00 93.14  ? 25  U   B C4    1 
ATOM   487  O  O4    . U   B 1 2  ? -1.173  -16.100 28.770  1.00 84.05  ? 25  U   B O4    1 
ATOM   488  C  C5    . U   B 1 2  ? -1.170  -14.725 26.837  1.00 100.45 ? 25  U   B C5    1 
ATOM   489  C  C6    . U   B 1 2  ? -1.174  -14.721 25.501  1.00 95.89  ? 25  U   B C6    1 
ATOM   490  P  P     . G   B 1 3  ? -2.960  -14.779 19.348  1.00 92.96  ? 26  G   B P     1 
ATOM   491  O  OP1   . G   B 1 3  ? -1.655  -15.461 19.169  1.00 102.10 ? 26  G   B OP1   1 
ATOM   492  O  OP2   . G   B 1 3  ? -3.026  -13.299 19.261  1.00 72.19  ? 26  G   B OP2   1 
ATOM   493  O  "O5'" . G   B 1 3  ? -3.961  -15.418 18.291  1.00 56.17  ? 26  G   B "O5'" 1 
ATOM   494  C  "C5'" . G   B 1 3  ? -3.927  -16.816 18.034  1.00 71.85  ? 26  G   B "C5'" 1 
ATOM   495  C  "C4'" . G   B 1 3  ? -5.320  -17.395 18.051  1.00 65.84  ? 26  G   B "C4'" 1 
ATOM   496  O  "O4'" . G   B 1 3  ? -5.910  -17.232 19.364  1.00 79.00  ? 26  G   B "O4'" 1 
ATOM   497  C  "C3'" . G   B 1 3  ? -6.300  -16.719 17.119  1.00 65.95  ? 26  G   B "C3'" 1 
ATOM   498  O  "O3'" . G   B 1 3  ? -6.151  -17.260 15.823  1.00 81.75  ? 26  G   B "O3'" 1 
ATOM   499  C  "C2'" . G   B 1 3  ? -7.636  -17.079 17.743  1.00 56.93  ? 26  G   B "C2'" 1 
ATOM   500  O  "O2'" . G   B 1 3  ? -8.021  -18.393 17.423  1.00 64.47  ? 26  G   B "O2'" 1 
ATOM   501  C  "C1'" . G   B 1 3  ? -7.299  -16.996 19.231  1.00 59.45  ? 26  G   B "C1'" 1 
ATOM   502  N  N9    . G   B 1 3  ? -7.595  -15.708 19.846  1.00 62.19  ? 26  G   B N9    1 
ATOM   503  C  C8    . G   B 1 3  ? -6.746  -14.948 20.614  1.00 75.57  ? 26  G   B C8    1 
ATOM   504  N  N7    . G   B 1 3  ? -7.312  -13.875 21.098  1.00 70.39  ? 26  G   B N7    1 
ATOM   505  C  C5    . G   B 1 3  ? -8.607  -13.921 20.604  1.00 51.16  ? 26  G   B C5    1 
ATOM   506  C  C6    . G   B 1 3  ? -9.694  -13.028 20.798  1.00 61.42  ? 26  G   B C6    1 
ATOM   507  O  O6    . G   B 1 3  ? -9.742  -12.006 21.508  1.00 44.50  ? 26  G   B O6    1 
ATOM   508  N  N1    . G   B 1 3  ? -10.819 -13.434 20.081  1.00 43.96  ? 26  G   B N1    1 
ATOM   509  C  C2    . G   B 1 3  ? -10.892 -14.563 19.307  1.00 47.36  ? 26  G   B C2    1 
ATOM   510  N  N2    . G   B 1 3  ? -12.062 -14.784 18.701  1.00 71.87  ? 26  G   B N2    1 
ATOM   511  N  N3    . G   B 1 3  ? -9.893  -15.414 19.140  1.00 48.41  ? 26  G   B N3    1 
ATOM   512  C  C4    . G   B 1 3  ? -8.790  -15.031 19.809  1.00 46.27  ? 26  G   B C4    1 
ATOM   513  P  P     . C   B 1 4  ? -5.980  -16.274 14.570  1.00 101.01 ? 27  C   B P     1 
ATOM   514  O  OP1   . C   B 1 4  ? -5.540  -17.114 13.422  1.00 88.68  ? 27  C   B OP1   1 
ATOM   515  O  OP2   . C   B 1 4  ? -5.168  -15.088 14.977  1.00 60.02  ? 27  C   B OP2   1 
ATOM   516  O  "O5'" . C   B 1 4  ? -7.469  -15.807 14.269  1.00 89.59  ? 27  C   B "O5'" 1 
ATOM   517  C  "C5'" . C   B 1 4  ? -8.392  -16.711 13.681  1.00 82.62  ? 27  C   B "C5'" 1 
ATOM   518  C  "C4'" . C   B 1 4  ? -9.771  -16.108 13.666  1.00 76.34  ? 27  C   B "C4'" 1 
ATOM   519  O  "O4'" . C   B 1 4  ? -10.163 -15.798 15.029  1.00 71.90  ? 27  C   B "O4'" 1 
ATOM   520  C  "C3'" . C   B 1 4  ? -9.904  -14.762 12.980  1.00 77.71  ? 27  C   B "C3'" 1 
ATOM   521  O  "O3'" . C   B 1 4  ? -9.965  -14.867 11.561  1.00 80.54  ? 27  C   B "O3'" 1 
ATOM   522  C  "C2'" . C   B 1 4  ? -11.216 -14.267 13.566  1.00 82.81  ? 27  C   B "C2'" 1 
ATOM   523  O  "O2'" . C   B 1 4  ? -12.329 -14.916 12.987  1.00 88.34  ? 27  C   B "O2'" 1 
ATOM   524  C  "C1'" . C   B 1 4  ? -11.068 -14.710 15.021  1.00 51.23  ? 27  C   B "C1'" 1 
ATOM   525  N  N1    . C   B 1 4  ? -10.549 -13.645 15.894  1.00 42.08  ? 27  C   B N1    1 
ATOM   526  C  C2    . C   B 1 4  ? -11.424 -12.622 16.276  1.00 49.15  ? 27  C   B C2    1 
ATOM   527  O  O2    . C   B 1 4  ? -12.589 -12.635 15.833  1.00 63.06  ? 27  C   B O2    1 
ATOM   528  N  N3    . C   B 1 4  ? -10.984 -11.642 17.105  1.00 32.38  ? 27  C   B N3    1 
ATOM   529  C  C4    . C   B 1 4  ? -9.720  -11.650 17.538  1.00 42.49  ? 27  C   B C4    1 
ATOM   530  N  N4    . C   B 1 4  ? -9.332  -10.656 18.354  1.00 33.19  ? 27  C   B N4    1 
ATOM   531  C  C5    . C   B 1 4  ? -8.798  -12.672 17.155  1.00 33.31  ? 27  C   B C5    1 
ATOM   532  C  C6    . C   B 1 4  ? -9.253  -13.646 16.336  1.00 55.35  ? 27  C   B C6    1 
ATOM   533  P  P     . G   B 1 5  ? -9.691  -13.559 10.658  1.00 85.27  ? 28  G   B P     1 
ATOM   534  O  OP1   . G   B 1 5  ? -9.660  -13.977 9.236   1.00 65.06  ? 28  G   B OP1   1 
ATOM   535  O  OP2   . G   B 1 5  ? -8.554  -12.790 11.223  1.00 60.04  ? 28  G   B OP2   1 
ATOM   536  O  "O5'" . G   B 1 5  ? -10.995 -12.675 10.872  1.00 89.68  ? 28  G   B "O5'" 1 
ATOM   537  C  "C5'" . G   B 1 5  ? -12.268 -13.129 10.431  1.00 75.95  ? 28  G   B "C5'" 1 
ATOM   538  C  "C4'" . G   B 1 5  ? -13.325 -12.155 10.865  1.00 63.89  ? 28  G   B "C4'" 1 
ATOM   539  O  "O4'" . G   B 1 5  ? -13.291 -12.063 12.313  1.00 60.65  ? 28  G   B "O4'" 1 
ATOM   540  C  "C3'" . G   B 1 5  ? -13.056 -10.726 10.443  1.00 80.06  ? 28  G   B "C3'" 1 
ATOM   541  O  "O3'" . G   B 1 5  ? -13.426 -10.484 9.098   1.00 79.69  ? 28  G   B "O3'" 1 
ATOM   542  C  "C2'" . G   B 1 5  ? -13.886 -9.944  11.447  1.00 70.85  ? 28  G   B "C2'" 1 
ATOM   543  O  "O2'" . G   B 1 5  ? -15.267 -9.984  11.158  1.00 97.90  ? 28  G   B "O2'" 1 
ATOM   544  C  "C1'" . G   B 1 5  ? -13.606 -10.740 12.719  1.00 57.99  ? 28  G   B "C1'" 1 
ATOM   545  N  N9    . G   B 1 5  ? -12.468 -10.216 13.462  1.00 51.11  ? 28  G   B N9    1 
ATOM   546  C  C8    . G   B 1 5  ? -11.214 -10.766 13.552  1.00 46.96  ? 28  G   B C8    1 
ATOM   547  N  N7    . G   B 1 5  ? -10.391 -10.050 14.276  1.00 72.69  ? 28  G   B N7    1 
ATOM   548  C  C5    . G   B 1 5  ? -11.151 -8.963  14.690  1.00 36.90  ? 28  G   B C5    1 
ATOM   549  C  C6    . G   B 1 5  ? -10.794 -7.842  15.481  1.00 58.52  ? 28  G   B C6    1 
ATOM   550  O  O6    . G   B 1 5  ? -9.700  -7.578  16.001  1.00 63.91  ? 28  G   B O6    1 
ATOM   551  N  N1    . G   B 1 5  ? -11.869 -6.972  15.647  1.00 51.79  ? 28  G   B N1    1 
ATOM   552  C  C2    . G   B 1 5  ? -13.121 -7.155  15.118  1.00 63.84  ? 28  G   B C2    1 
ATOM   553  N  N2    . G   B 1 5  ? -14.023 -6.203  15.406  1.00 58.74  ? 28  G   B N2    1 
ATOM   554  N  N3    . G   B 1 5  ? -13.463 -8.195  14.368  1.00 47.55  ? 28  G   B N3    1 
ATOM   555  C  C4    . G   B 1 5  ? -12.437 -9.053  14.202  1.00 43.88  ? 28  G   B C4    1 
ATOM   556  P  P     . U   B 1 6  ? -12.560 -9.454  8.229   1.00 72.96  ? 29  U   B P     1 
ATOM   557  O  OP1   . U   B 1 6  ? -13.247 -9.295  6.925   1.00 83.35  ? 29  U   B OP1   1 
ATOM   558  O  OP2   . U   B 1 6  ? -11.145 -9.887  8.257   1.00 83.57  ? 29  U   B OP2   1 
ATOM   559  O  "O5'" . U   B 1 6  ? -12.679 -8.091  9.052   1.00 81.40  ? 29  U   B "O5'" 1 
ATOM   560  C  "C5'" . U   B 1 6  ? -13.951 -7.474  9.267   1.00 58.19  ? 29  U   B "C5'" 1 
ATOM   561  C  "C4'" . U   B 1 6  ? -13.803 -6.233  10.116  1.00 53.13  ? 29  U   B "C4'" 1 
ATOM   562  O  "O4'" . U   B 1 6  ? -13.320 -6.589  11.437  1.00 75.88  ? 29  U   B "O4'" 1 
ATOM   563  C  "C3'" . U   B 1 6  ? -12.801 -5.203  9.624   1.00 71.93  ? 29  U   B "C3'" 1 
ATOM   564  O  "O3'" . U   B 1 6  ? -13.405 -4.355  8.655   1.00 80.12  ? 29  U   B "O3'" 1 
ATOM   565  C  "C2'" . U   B 1 6  ? -12.484 -4.422  10.899  1.00 62.24  ? 29  U   B "C2'" 1 
ATOM   566  O  "O2'" . U   B 1 6  ? -13.415 -3.399  11.166  1.00 81.22  ? 29  U   B "O2'" 1 
ATOM   567  C  "C1'" . U   B 1 6  ? -12.576 -5.508  11.977  1.00 61.76  ? 29  U   B "C1'" 1 
ATOM   568  N  N1    . U   B 1 6  ? -11.254 -6.005  12.385  1.00 73.17  ? 29  U   B N1    1 
ATOM   569  C  C2    . U   B 1 6  ? -10.503 -5.201  13.230  1.00 72.20  ? 29  U   B C2    1 
ATOM   570  O  O2    . U   B 1 6  ? -10.920 -4.145  13.689  1.00 66.91  ? 29  U   B O2    1 
ATOM   571  N  N3    . U   B 1 6  ? -9.248  -5.678  13.517  1.00 40.04  ? 29  U   B N3    1 
ATOM   572  C  C4    . U   B 1 6  ? -8.676  -6.849  13.058  1.00 76.90  ? 29  U   B C4    1 
ATOM   573  O  O4    . U   B 1 6  ? -7.477  -7.064  13.277  1.00 81.13  ? 29  U   B O4    1 
ATOM   574  C  C5    . U   B 1 6  ? -9.533  -7.645  12.225  1.00 66.32  ? 29  U   B C5    1 
ATOM   575  C  C6    . U   B 1 6  ? -10.761 -7.209  11.926  1.00 67.96  ? 29  U   B C6    1 
ATOM   576  P  P     . C   B 1 7  ? -12.798 -4.269  7.170   1.00 86.04  ? 30  C   B P     1 
ATOM   577  O  OP1   . C   B 1 7  ? -13.737 -4.955  6.243   1.00 82.42  ? 30  C   B OP1   1 
ATOM   578  O  OP2   . C   B 1 7  ? -11.366 -4.661  7.187   1.00 82.56  ? 30  C   B OP2   1 
ATOM   579  O  "O5'" . C   B 1 7  ? -12.875 -2.722  6.843   1.00 67.87  ? 30  C   B "O5'" 1 
ATOM   580  C  "C5'" . C   B 1 7  ? -11.714 -1.927  6.878   1.00 66.94  ? 30  C   B "C5'" 1 
ATOM   581  C  "C4'" . C   B 1 7  ? -11.771 -0.985  8.044   1.00 58.80  ? 30  C   B "C4'" 1 
ATOM   582  O  "O4'" . C   B 1 7  ? -11.794 -1.737  9.282   1.00 71.87  ? 30  C   B "O4'" 1 
ATOM   583  C  "C3'" . C   B 1 7  ? -10.532 -0.128  8.155   1.00 75.35  ? 30  C   B "C3'" 1 
ATOM   584  O  "O3'" . C   B 1 7  ? -10.680 1.008   7.332   1.00 82.02  ? 30  C   B "O3'" 1 
ATOM   585  C  "C2'" . C   B 1 7  ? -10.510 0.235   9.624   1.00 63.05  ? 30  C   B "C2'" 1 
ATOM   586  O  "O2'" . C   B 1 7  ? -11.408 1.285   9.894   1.00 59.24  ? 30  C   B "O2'" 1 
ATOM   587  C  "C1'" . C   B 1 7  ? -10.994 -1.072  10.254  1.00 76.61  ? 30  C   B "C1'" 1 
ATOM   588  N  N1    . C   B 1 7  ? -9.893  -1.970  10.634  1.00 69.77  ? 30  C   B N1    1 
ATOM   589  C  C2    . C   B 1 7  ? -9.027  -1.587  11.669  1.00 78.69  ? 30  C   B C2    1 
ATOM   590  O  O2    . C   B 1 7  ? -9.210  -0.496  12.233  1.00 70.44  ? 30  C   B O2    1 
ATOM   591  N  N3    . C   B 1 7  ? -8.018  -2.419  12.026  1.00 69.52  ? 30  C   B N3    1 
ATOM   592  C  C4    . C   B 1 7  ? -7.866  -3.594  11.397  1.00 71.90  ? 30  C   B C4    1 
ATOM   593  N  N4    . C   B 1 7  ? -6.870  -4.388  11.782  1.00 83.82  ? 30  C   B N4    1 
ATOM   594  C  C5    . C   B 1 7  ? -8.732  -4.005  10.345  1.00 50.92  ? 30  C   B C5    1 
ATOM   595  C  C6    . C   B 1 7  ? -9.717  -3.168  9.995   1.00 75.87  ? 30  C   B C6    1 
ATOM   596  P  P     . G   B 1 8  ? -9.519  1.375   6.305   1.00 90.01  ? 31  G   B P     1 
ATOM   597  O  OP1   . G   B 1 8  ? -10.002 2.535   5.513   1.00 96.61  ? 31  G   B OP1   1 
ATOM   598  O  OP2   . G   B 1 8  ? -9.151  0.116   5.621   1.00 59.61  ? 31  G   B OP2   1 
ATOM   599  O  "O5'" . G   B 1 8  ? -8.303  1.818   7.239   1.00 89.22  ? 31  G   B "O5'" 1 
ATOM   600  C  "C5'" . G   B 1 8  ? -8.397  2.985   8.051   1.00 94.21  ? 31  G   B "C5'" 1 
ATOM   601  C  "C4'" . G   B 1 8  ? -7.226  3.067   9.007   1.00 110.73 ? 31  G   B "C4'" 1 
ATOM   602  O  "O4'" . G   B 1 8  ? -7.300  2.002   9.991   1.00 108.00 ? 31  G   B "O4'" 1 
ATOM   603  C  "C3'" . G   B 1 8  ? -5.835  2.901   8.414   1.00 113.19 ? 31  G   B "C3'" 1 
ATOM   604  O  "O3'" . G   B 1 8  ? -5.380  4.113   7.821   1.00 112.09 ? 31  G   B "O3'" 1 
ATOM   605  C  "C2'" . G   B 1 8  ? -5.008  2.563   9.650   1.00 111.03 ? 31  G   B "C2'" 1 
ATOM   606  O  "O2'" . G   B 1 8  ? -4.640  3.715   10.385  1.00 113.25 ? 31  G   B "O2'" 1 
ATOM   607  C  "C1'" . G   B 1 8  ? -5.991  1.711   10.462  1.00 109.10 ? 31  G   B "C1'" 1 
ATOM   608  N  N9    . G   B 1 8  ? -5.735  0.282   10.321  1.00 95.80  ? 31  G   B N9    1 
ATOM   609  C  C8    . G   B 1 8  ? -6.391  -0.613  9.511   1.00 99.60  ? 31  G   B C8    1 
ATOM   610  N  N7    . G   B 1 8  ? -5.889  -1.819  9.568   1.00 100.13 ? 31  G   B N7    1 
ATOM   611  C  C5    . G   B 1 8  ? -4.846  -1.717  10.477  1.00 94.65  ? 31  G   B C5    1 
ATOM   612  C  C6    . G   B 1 8  ? -3.914  -2.698  10.936  1.00 93.82  ? 31  G   B C6    1 
ATOM   613  O  O6    . G   B 1 8  ? -3.815  -3.890  10.612  1.00 74.01  ? 31  G   B O6    1 
ATOM   614  N  N1    . G   B 1 8  ? -3.027  -2.161  11.864  1.00 94.69  ? 31  G   B N1    1 
ATOM   615  C  C2    . G   B 1 8  ? -3.028  -0.858  12.297  1.00 99.29  ? 31  G   B C2    1 
ATOM   616  N  N2    . G   B 1 8  ? -2.098  -0.543  13.209  1.00 105.43 ? 31  G   B N2    1 
ATOM   617  N  N3    . G   B 1 8  ? -3.878  0.065   11.873  1.00 89.94  ? 31  G   B N3    1 
ATOM   618  C  C4    . G   B 1 8  ? -4.751  -0.431  10.967  1.00 95.94  ? 31  G   B C4    1 
ATOM   619  P  P     . C   B 1 9  ? -4.180  4.079   6.750   1.00 108.63 ? 32  C   B P     1 
ATOM   620  O  OP1   . C   B 1 9  ? -4.090  5.445   6.180   1.00 115.64 ? 32  C   B OP1   1 
ATOM   621  O  OP2   . C   B 1 9  ? -4.378  2.920   5.843   1.00 100.18 ? 32  C   B OP2   1 
ATOM   622  O  "O5'" . C   B 1 9  ? -2.876  3.812   7.625   1.00 111.75 ? 32  C   B "O5'" 1 
ATOM   623  C  "C5'" . C   B 1 9  ? -2.357  4.819   8.491   1.00 120.64 ? 32  C   B "C5'" 1 
ATOM   624  C  "C4'" . C   B 1 9  ? -1.179  4.288   9.283   1.00 129.07 ? 32  C   B "C4'" 1 
ATOM   625  O  "O4'" . C   B 1 9  ? -1.614  3.186   10.125  1.00 127.02 ? 32  C   B "O4'" 1 
ATOM   626  C  "C3'" . C   B 1 9  ? -0.026  3.699   8.484   1.00 129.50 ? 32  C   B "C3'" 1 
ATOM   627  O  "O3'" . C   B 1 9  ? 0.863   4.709   8.019   1.00 129.65 ? 32  C   B "O3'" 1 
ATOM   628  C  "C2'" . C   B 1 9  ? 0.655   2.815   9.522   1.00 131.87 ? 32  C   B "C2'" 1 
ATOM   629  O  "O2'" . C   B 1 9  ? 1.491   3.543   10.403  1.00 136.72 ? 32  C   B "O2'" 1 
ATOM   630  C  "C1'" . C   B 1 9  ? -0.548  2.262   10.287  1.00 119.94 ? 32  C   B "C1'" 1 
ATOM   631  N  N1    . C   B 1 9  ? -0.983  0.953   9.776   1.00 113.81 ? 32  C   B N1    1 
ATOM   632  C  C2    . C   B 1 9  ? -0.273  -0.188  10.162  1.00 119.87 ? 32  C   B C2    1 
ATOM   633  O  O2    . C   B 1 9  ? 0.695   -0.062  10.928  1.00 120.24 ? 32  C   B O2    1 
ATOM   634  N  N3    . C   B 1 9  ? -0.657  -1.398  9.690   1.00 120.90 ? 32  C   B N3    1 
ATOM   635  C  C4    . C   B 1 9  ? -1.703  -1.489  8.867   1.00 112.35 ? 32  C   B C4    1 
ATOM   636  N  N4    . C   B 1 9  ? -2.046  -2.702  8.422   1.00 112.35 ? 32  C   B N4    1 
ATOM   637  C  C5    . C   B 1 9  ? -2.445  -0.343  8.461   1.00 104.31 ? 32  C   B C5    1 
ATOM   638  C  C6    . C   B 1 9  ? -2.054  0.847   8.934   1.00 105.09 ? 32  C   B C6    1 
ATOM   639  P  P     . U   B 1 10 ? 1.840   4.399   6.779   1.00 126.83 ? 33  U   B P     1 
ATOM   640  O  OP1   . U   B 1 10 ? 2.755   5.558   6.642   1.00 126.80 ? 33  U   B OP1   1 
ATOM   641  O  OP2   . U   B 1 10 ? 1.015   3.973   5.619   1.00 130.54 ? 33  U   B OP2   1 
ATOM   642  O  "O5'" . U   B 1 10 ? 2.702   3.150   7.263   1.00 126.81 ? 33  U   B "O5'" 1 
ATOM   643  C  "C5'" . U   B 1 10 ? 3.782   3.321   8.175   1.00 130.38 ? 33  U   B "C5'" 1 
ATOM   644  C  "C4'" . U   B 1 10 ? 4.529   2.019   8.353   1.00 128.78 ? 33  U   B "C4'" 1 
ATOM   645  O  "O4'" . U   B 1 10 ? 3.641   1.031   8.939   1.00 126.58 ? 33  U   B "O4'" 1 
ATOM   646  C  "C3'" . U   B 1 10 ? 5.023   1.355   7.080   1.00 130.20 ? 33  U   B "C3'" 1 
ATOM   647  O  "O3'" . U   B 1 10 ? 6.256   1.918   6.647   1.00 130.20 ? 33  U   B "O3'" 1 
ATOM   648  C  "C2'" . U   B 1 10 ? 5.185   -0.094  7.524   1.00 132.18 ? 33  U   B "C2'" 1 
ATOM   649  O  "O2'" . U   B 1 10 ? 6.381   -0.323  8.242   1.00 137.59 ? 33  U   B "O2'" 1 
ATOM   650  C  "C1'" . U   B 1 10 ? 3.984   -0.259  8.457   1.00 130.91 ? 33  U   B "C1'" 1 
ATOM   651  N  N1    . U   B 1 10 ? 2.812   -0.830  7.778   1.00 125.36 ? 33  U   B N1    1 
ATOM   652  C  C2    . U   B 1 10 ? 2.793   -2.196  7.577   1.00 124.10 ? 33  U   B C2    1 
ATOM   653  O  O2    . U   B 1 10 ? 3.692   -2.932  7.943   1.00 124.64 ? 33  U   B O2    1 
ATOM   654  N  N3    . U   B 1 10 ? 1.680   -2.669  6.928   1.00 119.32 ? 33  U   B N3    1 
ATOM   655  C  C4    . U   B 1 10 ? 0.609   -1.931  6.473   1.00 118.04 ? 33  U   B C4    1 
ATOM   656  O  O4    . U   B 1 10 ? -0.319  -2.503  5.900   1.00 117.94 ? 33  U   B O4    1 
ATOM   657  C  C5    . U   B 1 10 ? 0.704   -0.527  6.723   1.00 113.49 ? 33  U   B C5    1 
ATOM   658  C  C6    . U   B 1 10 ? 1.775   -0.036  7.352   1.00 118.64 ? 33  U   B C6    1 
ATOM   659  P  P     . C   B 1 11 ? 6.738   1.708   5.128   1.00 124.79 ? 34  C   B P     1 
ATOM   660  O  OP1   . C   B 1 11 ? 8.041   2.406   4.986   1.00 131.14 ? 34  C   B OP1   1 
ATOM   661  O  OP2   . C   B 1 11 ? 5.616   2.061   4.221   1.00 123.63 ? 34  C   B OP2   1 
ATOM   662  O  "O5'" . C   B 1 11 ? 7.005   0.140   5.026   1.00 115.51 ? 34  C   B "O5'" 1 
ATOM   663  C  "C5'" . C   B 1 11 ? 8.078   -0.458  5.745   1.00 105.34 ? 34  C   B "C5'" 1 
ATOM   664  C  "C4'" . C   B 1 11 ? 8.099   -1.950  5.524   1.00 108.01 ? 34  C   B "C4'" 1 
ATOM   665  O  "O4'" . C   B 1 11 ? 6.879   -2.532  6.047   1.00 108.67 ? 34  C   B "O4'" 1 
ATOM   666  C  "C3'" . C   B 1 11 ? 8.123   -2.414  4.076   1.00 113.02 ? 34  C   B "C3'" 1 
ATOM   667  O  "O3'" . C   B 1 11 ? 9.442   -2.392  3.541   1.00 100.44 ? 34  C   B "O3'" 1 
ATOM   668  C  "C2'" . C   B 1 11 ? 7.592   -3.841  4.184   1.00 111.40 ? 34  C   B "C2'" 1 
ATOM   669  O  "O2'" . C   B 1 11 ? 8.576   -4.789  4.549   1.00 110.51 ? 34  C   B "O2'" 1 
ATOM   670  C  "C1'" . C   B 1 11 ? 6.567   -3.705  5.312   1.00 109.26 ? 34  C   B "C1'" 1 
ATOM   671  N  N1    . C   B 1 11 ? 5.190   -3.607  4.814   1.00 109.20 ? 34  C   B N1    1 
ATOM   672  C  C2    . C   B 1 11 ? 4.525   -4.786  4.471   1.00 99.04  ? 34  C   B C2    1 
ATOM   673  O  O2    . C   B 1 11 ? 5.122   -5.865  4.598   1.00 82.10  ? 34  C   B O2    1 
ATOM   674  N  N3    . C   B 1 11 ? 3.255   -4.724  4.013   1.00 86.78  ? 34  C   B N3    1 
ATOM   675  C  C4    . C   B 1 11 ? 2.647   -3.541  3.896   1.00 99.28  ? 34  C   B C4    1 
ATOM   676  N  N4    . C   B 1 11 ? 1.391   -3.528  3.444   1.00 109.11 ? 34  C   B N4    1 
ATOM   677  C  C5    . C   B 1 11 ? 3.302   -2.320  4.237   1.00 103.78 ? 34  C   B C5    1 
ATOM   678  C  C6    . C   B 1 11 ? 4.563   -2.398  4.687   1.00 111.98 ? 34  C   B C6    1 
ATOM   679  P  P     . C   B 1 12 ? 9.651   -2.399  1.945   1.00 112.79 ? 35  C   B P     1 
ATOM   680  O  OP1   . C   B 1 12 ? 11.113  -2.418  1.689   1.00 119.03 ? 35  C   B OP1   1 
ATOM   681  O  OP2   . C   B 1 12 ? 8.816   -1.321  1.348   1.00 98.73  ? 35  C   B OP2   1 
ATOM   682  O  "O5'" . C   B 1 12 ? 9.066   -3.807  1.484   1.00 101.04 ? 35  C   B "O5'" 1 
ATOM   683  C  "C5'" . C   B 1 12 ? 9.778   -5.004  1.754   1.00 106.09 ? 35  C   B "C5'" 1 
ATOM   684  C  "C4'" . C   B 1 12 ? 9.108   -6.177  1.086   1.00 105.50 ? 35  C   B "C4'" 1 
ATOM   685  O  "O4'" . C   B 1 12 ? 7.826   -6.445  1.716   1.00 109.50 ? 35  C   B "O4'" 1 
ATOM   686  C  "C3'" . C   B 1 12 ? 8.730   -5.986  -0.369  1.00 115.77 ? 35  C   B "C3'" 1 
ATOM   687  O  "O3'" . C   B 1 12 ? 9.846   -6.110  -1.237  1.00 128.01 ? 35  C   B "O3'" 1 
ATOM   688  C  "C2'" . C   B 1 12 ? 7.711   -7.100  -0.557  1.00 117.69 ? 35  C   B "C2'" 1 
ATOM   689  O  "O2'" . C   B 1 12 ? 8.317   -8.373  -0.670  1.00 117.97 ? 35  C   B "O2'" 1 
ATOM   690  C  "C1'" . C   B 1 12 ? 6.941   -7.017  0.764   1.00 103.13 ? 35  C   B "C1'" 1 
ATOM   691  N  N1    . C   B 1 12 ? 5.739   -6.170  0.662   1.00 96.08  ? 35  C   B N1    1 
ATOM   692  C  C2    . C   B 1 12 ? 4.604   -6.686  0.009   1.00 96.29  ? 35  C   B C2    1 
ATOM   693  O  O2    . C   B 1 12 ? 4.645   -7.838  -0.450  1.00 76.01  ? 35  C   B O2    1 
ATOM   694  N  N3    . C   B 1 12 ? 3.496   -5.915  -0.107  1.00 86.78  ? 35  C   B N3    1 
ATOM   695  C  C4    . C   B 1 12 ? 3.491   -4.677  0.398   1.00 98.83  ? 35  C   B C4    1 
ATOM   696  N  N4    . C   B 1 12 ? 2.378   -3.951  0.249   1.00 85.02  ? 35  C   B N4    1 
ATOM   697  C  C5    . C   B 1 12 ? 4.627   -4.129  1.074   1.00 91.73  ? 35  C   B C5    1 
ATOM   698  C  C6    . C   B 1 12 ? 5.718   -4.904  1.183   1.00 87.59  ? 35  C   B C6    1 
ATOM   699  P  P     . G   B 1 13 ? 9.918   -5.207  -2.567  1.00 128.59 ? 36  G   B P     1 
ATOM   700  O  OP1   . G   B 1 13 ? 11.326  -5.217  -3.041  1.00 137.68 ? 36  G   B OP1   1 
ATOM   701  O  OP2   . G   B 1 13 ? 9.240   -3.913  -2.297  1.00 129.20 ? 36  G   B OP2   1 
ATOM   702  O  "O5'" . G   B 1 13 ? 9.040   -6.014  -3.621  1.00 122.24 ? 36  G   B "O5'" 1 
ATOM   703  C  "C5'" . G   B 1 13 ? 9.391   -7.342  -3.984  1.00 115.07 ? 36  G   B "C5'" 1 
ATOM   704  C  "C4'" . G   B 1 13 ? 8.226   -8.022  -4.645  1.00 115.73 ? 36  G   B "C4'" 1 
ATOM   705  O  "O4'" . G   B 1 13 ? 7.127   -8.127  -3.699  1.00 119.15 ? 36  G   B "O4'" 1 
ATOM   706  C  "C3'" . G   B 1 13 ? 7.607   -7.258  -5.799  1.00 129.25 ? 36  G   B "C3'" 1 
ATOM   707  O  "O3'" . G   B 1 13 ? 8.343   -7.397  -7.001  1.00 134.97 ? 36  G   B "O3'" 1 
ATOM   708  C  "C2'" . G   B 1 13 ? 6.221   -7.881  -5.877  1.00 125.85 ? 36  G   B "C2'" 1 
ATOM   709  O  "O2'" . G   B 1 13 ? 6.209   -9.151  -6.501  1.00 133.56 ? 36  G   B "O2'" 1 
ATOM   710  C  "C1'" . G   B 1 13 ? 5.889   -8.021  -4.392  1.00 111.51 ? 36  G   B "C1'" 1 
ATOM   711  N  N9    . G   B 1 13 ? 5.182   -6.839  -3.908  1.00 96.16  ? 36  G   B N9    1 
ATOM   712  C  C8    . G   B 1 13 ? 5.670   -5.845  -3.092  1.00 90.52  ? 36  G   B C8    1 
ATOM   713  N  N7    . G   B 1 13 ? 4.796   -4.904  -2.857  1.00 88.81  ? 36  G   B N7    1 
ATOM   714  C  C5    . G   B 1 13 ? 3.663   -5.303  -3.555  1.00 64.55  ? 36  G   B C5    1 
ATOM   715  C  C6    . G   B 1 13 ? 2.396   -4.679  -3.683  1.00 76.29  ? 36  G   B C6    1 
ATOM   716  O  O6    . G   B 1 13 ? 2.013   -3.609  -3.192  1.00 87.45  ? 36  G   B O6    1 
ATOM   717  N  N1    . G   B 1 13 ? 1.534   -5.429  -4.479  1.00 71.23  ? 36  G   B N1    1 
ATOM   718  C  C2    . G   B 1 13 ? 1.854   -6.626  -5.078  1.00 89.20  ? 36  G   B C2    1 
ATOM   719  N  N2    . G   B 1 13 ? 0.882   -7.211  -5.793  1.00 82.30  ? 36  G   B N2    1 
ATOM   720  N  N3    . G   B 1 13 ? 3.038   -7.210  -4.976  1.00 78.96  ? 36  G   B N3    1 
ATOM   721  C  C4    . G   B 1 13 ? 3.886   -6.499  -4.205  1.00 79.33  ? 36  G   B C4    1 
ATOM   722  P  P     . G   B 1 14 ? 8.304   -6.211  -8.080  1.00 138.95 ? 37  G   B P     1 
ATOM   723  O  OP1   . G   B 1 14 ? 9.222   -6.590  -9.185  1.00 142.32 ? 37  G   B OP1   1 
ATOM   724  O  OP2   . G   B 1 14 ? 8.505   -4.925  -7.360  1.00 129.93 ? 37  G   B OP2   1 
ATOM   725  O  "O5'" . G   B 1 14 ? 6.807   -6.248  -8.622  1.00 120.09 ? 37  G   B "O5'" 1 
ATOM   726  C  "C5'" . G   B 1 14 ? 6.269   -7.442  -9.177  1.00 112.70 ? 37  G   B "C5'" 1 
ATOM   727  C  "C4'" . G   B 1 14 ? 4.802   -7.265  -9.479  1.00 115.16 ? 37  G   B "C4'" 1 
ATOM   728  O  "O4'" . G   B 1 14 ? 4.068   -7.045  -8.245  1.00 115.10 ? 37  G   B "O4'" 1 
ATOM   729  C  "C3'" . G   B 1 14 ? 4.450   -6.048  -10.315 1.00 122.17 ? 37  G   B "C3'" 1 
ATOM   730  O  "O3'" . G   B 1 14 ? 4.686   -6.282  -11.701 1.00 124.61 ? 37  G   B "O3'" 1 
ATOM   731  C  "C2'" . G   B 1 14 ? 2.969   -5.870  -9.998  1.00 119.73 ? 37  G   B "C2'" 1 
ATOM   732  O  "O2'" . G   B 1 14 ? 2.142   -6.762  -10.718 1.00 118.82 ? 37  G   B "O2'" 1 
ATOM   733  C  "C1'" . G   B 1 14 ? 2.935   -6.226  -8.508  1.00 99.64  ? 37  G   B "C1'" 1 
ATOM   734  N  N9    . G   B 1 14 ? 3.003   -5.047  -7.651  1.00 87.33  ? 37  G   B N9    1 
ATOM   735  C  C8    . G   B 1 14 ? 4.064   -4.634  -6.878  1.00 96.27  ? 37  G   B C8    1 
ATOM   736  N  N7    . G   B 1 14 ? 3.836   -3.513  -6.246  1.00 81.74  ? 37  G   B N7    1 
ATOM   737  C  C5    . G   B 1 14 ? 2.545   -3.167  -6.619  1.00 74.42  ? 37  G   B C5    1 
ATOM   738  C  C6    . G   B 1 14 ? 1.753   -2.042  -6.260  1.00 80.03  ? 37  G   B C6    1 
ATOM   739  O  O6    . G   B 1 14 ? 2.049   -1.094  -5.518  1.00 87.96  ? 37  G   B O6    1 
ATOM   740  N  N1    . G   B 1 14 ? 0.498   -2.086  -6.864  1.00 65.25  ? 37  G   B N1    1 
ATOM   741  C  C2    . G   B 1 14 ? 0.061   -3.080  -7.702  1.00 60.09  ? 37  G   B C2    1 
ATOM   742  N  N2    . G   B 1 14 ? -1.181  -2.937  -8.182  1.00 70.41  ? 37  G   B N2    1 
ATOM   743  N  N3    . G   B 1 14 ? 0.789   -4.134  -8.047  1.00 58.80  ? 37  G   B N3    1 
ATOM   744  C  C4    . G   B 1 14 ? 2.010   -4.110  -7.475  1.00 77.86  ? 37  G   B C4    1 
ATOM   745  P  P     . A   B 1 15 ? 5.204   -5.077  -12.632 1.00 124.85 ? 38  A   B P     1 
ATOM   746  O  OP1   . A   B 1 15 ? 5.507   -5.647  -13.970 1.00 116.46 ? 38  A   B OP1   1 
ATOM   747  O  OP2   . A   B 1 15 ? 6.270   -4.359  -11.886 1.00 122.02 ? 38  A   B OP2   1 
ATOM   748  O  "O5'" . A   B 1 15 ? 3.928   -4.125  -12.770 1.00 116.79 ? 38  A   B "O5'" 1 
ATOM   749  C  "C5'" . A   B 1 15 ? 2.724   -4.627  -13.342 1.00 112.98 ? 38  A   B "C5'" 1 
ATOM   750  C  "C4'" . A   B 1 15 ? 1.565   -3.678  -13.115 1.00 102.02 ? 38  A   B "C4'" 1 
ATOM   751  O  "O4'" . A   B 1 15 ? 1.327   -3.478  -11.699 1.00 103.37 ? 38  A   B "O4'" 1 
ATOM   752  C  "C3'" . A   B 1 15 ? 1.672   -2.253  -13.632 1.00 106.58 ? 38  A   B "C3'" 1 
ATOM   753  O  "O3'" . A   B 1 15 ? 1.446   -2.198  -15.036 1.00 124.81 ? 38  A   B "O3'" 1 
ATOM   754  C  "C2'" . A   B 1 15 ? 0.530   -1.569  -12.879 1.00 101.43 ? 38  A   B "C2'" 1 
ATOM   755  O  "O2'" . A   B 1 15 ? -0.737  -1.778  -13.475 1.00 82.73  ? 38  A   B "O2'" 1 
ATOM   756  C  "C1'" . A   B 1 15 ? 0.569   -2.289  -11.529 1.00 97.02  ? 38  A   B "C1'" 1 
ATOM   757  N  N9    . A   B 1 15 ? 1.157   -1.480  -10.463 1.00 88.71  ? 38  A   B N9    1 
ATOM   758  C  C8    . A   B 1 15 ? 2.401   -1.577  -9.887  1.00 95.10  ? 38  A   B C8    1 
ATOM   759  N  N7    . A   B 1 15 ? 2.618   -0.689  -8.946  1.00 96.71  ? 38  A   B N7    1 
ATOM   760  C  C5    . A   B 1 15 ? 1.435   0.043   -8.897  1.00 82.48  ? 38  A   B C5    1 
ATOM   761  C  C6    . A   B 1 15 ? 1.021   1.129   -8.098  1.00 84.75  ? 38  A   B C6    1 
ATOM   762  N  N6    . A   B 1 15 ? 1.779   1.681   -7.149  1.00 86.48  ? 38  A   B N6    1 
ATOM   763  N  N1    . A   B 1 15 ? -0.220  1.632   -8.308  1.00 71.48  ? 38  A   B N1    1 
ATOM   764  C  C2    . A   B 1 15 ? -0.983  1.072   -9.250  1.00 56.38  ? 38  A   B C2    1 
ATOM   765  N  N3    . A   B 1 15 ? -0.708  0.040   -10.059 1.00 87.38  ? 38  A   B N3    1 
ATOM   766  C  C4    . A   B 1 15 ? 0.533   -0.433  -9.828  1.00 72.95  ? 38  A   B C4    1 
ATOM   767  P  P     . A   B 1 16 ? 1.691   -0.822  -15.835 1.00 123.53 ? 39  A   B P     1 
ATOM   768  O  OP1   . A   B 1 16 ? 2.608   -1.133  -16.963 1.00 85.01  ? 39  A   B OP1   1 
ATOM   769  O  OP2   . A   B 1 16 ? 2.056   0.234   -14.854 1.00 120.72 ? 39  A   B OP2   1 
ATOM   770  O  "O5'" . A   B 1 16 ? 0.251   -0.466  -16.418 1.00 109.81 ? 39  A   B "O5'" 1 
ATOM   771  C  "C5'" . A   B 1 16 ? -0.031  0.819   -16.963 1.00 112.61 ? 39  A   B "C5'" 1 
ATOM   772  C  "C4'" . A   B 1 16 ? -1.527  1.029   -17.037 1.00 123.84 ? 39  A   B "C4'" 1 
ATOM   773  O  "O4'" . A   B 1 16 ? -2.086  -0.048  -17.831 1.00 138.95 ? 39  A   B "O4'" 1 
ATOM   774  C  "C3'" . A   B 1 16 ? -2.249  0.949   -15.696 1.00 123.71 ? 39  A   B "C3'" 1 
ATOM   775  O  "O3'" . A   B 1 16 ? -2.409  2.235   -15.091 1.00 116.27 ? 39  A   B "O3'" 1 
ATOM   776  C  "C2'" . A   B 1 16 ? -3.635  0.457   -16.096 1.00 130.76 ? 39  A   B "C2'" 1 
ATOM   777  O  "O2'" . A   B 1 16 ? -4.476  1.509   -16.522 1.00 136.89 ? 39  A   B "O2'" 1 
ATOM   778  C  "C1'" . A   B 1 16 ? -3.316  -0.467  -17.274 1.00 139.26 ? 39  A   B "C1'" 1 
ATOM   779  N  N9    . A   B 1 16 ? -3.183  -1.869  -16.897 1.00 145.17 ? 39  A   B N9    1 
ATOM   780  C  C8    . A   B 1 16 ? -2.176  -2.448  -16.166 1.00 150.19 ? 39  A   B C8    1 
ATOM   781  N  N7    . A   B 1 16 ? -2.329  -3.736  -15.983 1.00 154.62 ? 39  A   B N7    1 
ATOM   782  C  C5    . A   B 1 16 ? -3.517  -4.026  -16.638 1.00 154.94 ? 39  A   B C5    1 
ATOM   783  C  C6    . A   B 1 16 ? -4.231  -5.222  -16.809 1.00 161.12 ? 39  A   B C6    1 
ATOM   784  N  N6    . A   B 1 16 ? -3.837  -6.398  -16.310 1.00 163.45 ? 39  A   B N6    1 
ATOM   785  N  N1    . A   B 1 16 ? -5.381  -5.169  -17.518 1.00 163.53 ? 39  A   B N1    1 
ATOM   786  C  C2    . A   B 1 16 ? -5.777  -3.987  -18.014 1.00 154.06 ? 39  A   B C2    1 
ATOM   787  N  N3    . A   B 1 16 ? -5.192  -2.795  -17.917 1.00 145.83 ? 39  A   B N3    1 
ATOM   788  C  C4    . A   B 1 16 ? -4.053  -2.885  -17.207 1.00 148.01 ? 39  A   B C4    1 
ATOM   789  P  P     . A   B 1 17 ? -1.567  3.496   -15.629 1.00 113.09 ? 40  A   B P     1 
ATOM   790  O  OP1   . A   B 1 17 ? -2.238  4.020   -16.845 1.00 107.32 ? 40  A   B OP1   1 
ATOM   791  O  OP2   . A   B 1 17 ? -0.133  3.119   -15.686 1.00 110.37 ? 40  A   B OP2   1 
ATOM   792  O  "O5'" . A   B 1 17 ? -1.737  4.579   -14.475 1.00 111.04 ? 40  A   B "O5'" 1 
ATOM   793  C  "C5'" . A   B 1 17 ? -3.025  4.950   -13.984 1.00 97.63  ? 40  A   B "C5'" 1 
ATOM   794  C  "C4'" . A   B 1 17 ? -2.947  5.202   -12.497 1.00 100.63 ? 40  A   B "C4'" 1 
ATOM   795  O  "O4'" . A   B 1 17 ? -2.711  3.939   -11.829 1.00 79.02  ? 40  A   B "O4'" 1 
ATOM   796  C  "C3'" . A   B 1 17 ? -1.789  6.107   -12.098 1.00 113.84 ? 40  A   B "C3'" 1 
ATOM   797  O  "O3'" . A   B 1 17 ? -2.211  7.468   -12.058 1.00 129.76 ? 40  A   B "O3'" 1 
ATOM   798  C  "C2'" . A   B 1 17 ? -1.387  5.579   -10.726 1.00 102.04 ? 40  A   B "C2'" 1 
ATOM   799  O  "O2'" . A   B 1 17 ? -2.148  6.116   -9.664  1.00 95.75  ? 40  A   B "O2'" 1 
ATOM   800  C  "C1'" . A   B 1 17 ? -1.678  4.084   -10.879 1.00 89.73  ? 40  A   B "C1'" 1 
ATOM   801  N  N9    . A   B 1 17 ? -0.552  3.271   -11.334 1.00 63.04  ? 40  A   B N9    1 
ATOM   802  C  C8    . A   B 1 17 ? -0.597  2.269   -12.268 1.00 62.22  ? 40  A   B C8    1 
ATOM   803  N  N7    . A   B 1 17 ? 0.551   1.657   -12.444 1.00 69.52  ? 40  A   B N7    1 
ATOM   804  C  C5    . A   B 1 17 ? 1.414   2.311   -11.578 1.00 53.07  ? 40  A   B C5    1 
ATOM   805  C  C6    . A   B 1 17 ? 2.773   2.134   -11.292 1.00 63.05  ? 40  A   B C6    1 
ATOM   806  N  N6    . A   B 1 17 ? 3.531   1.191   -11.861 1.00 75.92  ? 40  A   B N6    1 
ATOM   807  N  N1    . A   B 1 17 ? 3.339   2.964   -10.389 1.00 70.10  ? 40  A   B N1    1 
ATOM   808  C  C2    . A   B 1 17 ? 2.574   3.900   -9.811  1.00 66.44  ? 40  A   B C2    1 
ATOM   809  N  N3    . A   B 1 17 ? 1.281   4.163   -9.994  1.00 65.12  ? 40  A   B N3    1 
ATOM   810  C  C4    . A   B 1 17 ? 0.753   3.322   -10.900 1.00 63.65  ? 40  A   B C4    1 
ATOM   811  P  P     . A   B 1 18 ? -1.157  8.641   -12.366 1.00 138.40 ? 41  A   B P     1 
ATOM   812  O  OP1   . A   B 1 18 ? -0.177  8.092   -13.342 1.00 128.64 ? 41  A   B OP1   1 
ATOM   813  O  OP2   . A   B 1 18 ? -0.676  9.188   -11.070 1.00 131.55 ? 41  A   B OP2   1 
ATOM   814  O  "O5'" . A   B 1 18 ? -2.024  9.761   -13.101 1.00 144.88 ? 41  A   B "O5'" 1 
ATOM   815  C  "C5'" . A   B 1 18 ? -2.485  9.563   -14.436 1.00 152.89 ? 41  A   B "C5'" 1 
ATOM   816  C  "C4'" . A   B 1 18 ? -3.444  10.662  -14.846 1.00 153.65 ? 41  A   B "C4'" 1 
ATOM   817  O  "O4'" . A   B 1 18 ? -4.612  10.640  -13.989 1.00 155.70 ? 41  A   B "O4'" 1 
ATOM   818  C  "C3'" . A   B 1 18 ? -2.948  12.096  -14.739 1.00 147.49 ? 41  A   B "C3'" 1 
ATOM   819  O  "O3'" . A   B 1 18 ? -2.207  12.462  -15.897 1.00 137.29 ? 41  A   B "O3'" 1 
ATOM   820  C  "C2'" . A   B 1 18 ? -4.253  12.886  -14.711 1.00 151.51 ? 41  A   B "C2'" 1 
ATOM   821  O  "O2'" . A   B 1 18 ? -4.764  13.123  -16.009 1.00 149.82 ? 41  A   B "O2'" 1 
ATOM   822  C  "C1'" . A   B 1 18 ? -5.186  11.935  -13.955 1.00 158.10 ? 41  A   B "C1'" 1 
ATOM   823  N  N9    . A   B 1 18 ? -5.412  12.317  -12.563 1.00 162.49 ? 41  A   B N9    1 
ATOM   824  C  C8    . A   B 1 18 ? -4.624  12.072  -11.466 1.00 163.30 ? 41  A   B C8    1 
ATOM   825  N  N7    . A   B 1 18 ? -5.114  12.551  -10.348 1.00 167.24 ? 41  A   B N7    1 
ATOM   826  C  C5    . A   B 1 18 ? -6.304  13.152  -10.734 1.00 168.43 ? 41  A   B C5    1 
ATOM   827  C  C6    . A   B 1 18 ? -7.299  13.841  -10.013 1.00 165.65 ? 41  A   B C6    1 
ATOM   828  N  N6    . A   B 1 18 ? -7.248  14.054  -8.696  1.00 162.68 ? 41  A   B N6    1 
ATOM   829  N  N1    . A   B 1 18 ? -8.362  14.313  -10.702 1.00 161.33 ? 41  A   B N1    1 
ATOM   830  C  C2    . A   B 1 18 ? -8.413  14.102  -12.023 1.00 161.00 ? 41  A   B C2    1 
ATOM   831  N  N3    . A   B 1 18 ? -7.545  13.471  -12.810 1.00 165.24 ? 41  A   B N3    1 
ATOM   832  C  C4    . A   B 1 18 ? -6.501  13.015  -12.096 1.00 167.05 ? 41  A   B C4    1 
ATOM   833  P  P     . G   B 1 19 ? -0.796  13.215  -15.744 1.00 131.59 ? 42  G   B P     1 
ATOM   834  O  OP1   . G   B 1 19 ? -0.784  14.339  -16.714 1.00 128.13 ? 42  G   B OP1   1 
ATOM   835  O  OP2   . G   B 1 19 ? 0.269   12.182  -15.802 1.00 125.90 ? 42  G   B OP2   1 
ATOM   836  O  "O5'" . G   B 1 19 ? -0.817  13.827  -14.272 1.00 130.81 ? 42  G   B "O5'" 1 
ATOM   837  C  "C5'" . G   B 1 19 ? -1.646  14.937  -13.937 1.00 102.56 ? 42  G   B "C5'" 1 
ATOM   838  C  "C4'" . G   B 1 19 ? -1.436  15.319  -12.492 1.00 103.53 ? 42  G   B "C4'" 1 
ATOM   839  O  "O4'" . G   B 1 19 ? -1.561  14.114  -11.685 1.00 100.69 ? 42  G   B "O4'" 1 
ATOM   840  C  "C3'" . G   B 1 19 ? -0.053  15.842  -12.135 1.00 105.89 ? 42  G   B "C3'" 1 
ATOM   841  O  "O3'" . G   B 1 19 ? 0.083   17.238  -12.387 1.00 108.93 ? 42  G   B "O3'" 1 
ATOM   842  C  "C2'" . G   B 1 19 ? 0.026   15.530  -10.648 1.00 104.11 ? 42  G   B "C2'" 1 
ATOM   843  O  "O2'" . G   B 1 19 ? -0.702  16.443  -9.852  1.00 102.86 ? 42  G   B "O2'" 1 
ATOM   844  C  "C1'" . G   B 1 19 ? -0.644  14.159  -10.601 1.00 101.23 ? 42  G   B "C1'" 1 
ATOM   845  N  N9    . G   B 1 19 ? 0.318   13.073  -10.769 1.00 102.27 ? 42  G   B N9    1 
ATOM   846  C  C8    . G   B 1 19 ? 0.295   12.093  -11.730 1.00 106.63 ? 42  G   B C8    1 
ATOM   847  N  N7    . G   B 1 19 ? 1.306   11.270  -11.649 1.00 102.21 ? 42  G   B N7    1 
ATOM   848  C  C5    . G   B 1 19 ? 2.041   11.734  -10.566 1.00 94.64  ? 42  G   B C5    1 
ATOM   849  C  C6    . G   B 1 19 ? 3.255   11.256  -10.009 1.00 99.80  ? 42  G   B C6    1 
ATOM   850  O  O6    . G   B 1 19 ? 3.946   10.304  -10.380 1.00 96.00  ? 42  G   B O6    1 
ATOM   851  N  N1    . G   B 1 19 ? 3.653   12.016  -8.915  1.00 97.19  ? 42  G   B N1    1 
ATOM   852  C  C2    . G   B 1 19 ? 2.973   13.101  -8.421  1.00 108.77 ? 42  G   B C2    1 
ATOM   853  N  N2    . G   B 1 19 ? 3.516   13.698  -7.347  1.00 100.56 ? 42  G   B N2    1 
ATOM   854  N  N3    . G   B 1 19 ? 1.846   13.565  -8.939  1.00 110.66 ? 42  G   B N3    1 
ATOM   855  C  C4    . G   B 1 19 ? 1.440   12.838  -10.003 1.00 99.04  ? 42  G   B C4    1 
ATOM   856  P  P     . U   B 1 20 ? 1.546   17.857  -12.658 1.00 116.59 ? 43  U   B P     1 
ATOM   857  O  OP1   . U   B 1 20 ? 1.423   19.336  -12.690 1.00 110.69 ? 43  U   B OP1   1 
ATOM   858  O  OP2   . U   B 1 20 ? 2.153   17.150  -13.814 1.00 95.90  ? 43  U   B OP2   1 
ATOM   859  O  "O5'" . U   B 1 20 ? 2.381   17.466  -11.357 1.00 109.13 ? 43  U   B "O5'" 1 
ATOM   860  C  "C5'" . U   B 1 20 ? 2.170   18.138  -10.120 1.00 96.40  ? 43  U   B "C5'" 1 
ATOM   861  C  "C4'" . U   B 1 20 ? 3.405   18.042  -9.260  1.00 93.95  ? 43  U   B "C4'" 1 
ATOM   862  O  "O4'" . U   B 1 20 ? 3.614   16.664  -8.859  1.00 96.91  ? 43  U   B "O4'" 1 
ATOM   863  C  "C3'" . U   B 1 20 ? 4.705   18.405  -9.953  1.00 102.82 ? 43  U   B "C3'" 1 
ATOM   864  O  "O3'" . U   B 1 20 ? 4.910   19.808  -9.966  1.00 105.39 ? 43  U   B "O3'" 1 
ATOM   865  C  "C2'" . U   B 1 20 ? 5.738   17.706  -9.082  1.00 98.60  ? 43  U   B "C2'" 1 
ATOM   866  O  "O2'" . U   B 1 20 ? 6.015   18.440  -7.911  1.00 89.42  ? 43  U   B "O2'" 1 
ATOM   867  C  "C1'" . U   B 1 20 ? 5.005   16.412  -8.725  1.00 89.97  ? 43  U   B "C1'" 1 
ATOM   868  N  N1    . U   B 1 20 ? 5.355   15.280  -9.592  1.00 88.09  ? 43  U   B N1    1 
ATOM   869  C  C2    . U   B 1 20 ? 6.547   14.618  -9.344  1.00 88.74  ? 43  U   B C2    1 
ATOM   870  O  O2    . U   B 1 20 ? 7.320   14.957  -8.467  1.00 101.68 ? 43  U   B O2    1 
ATOM   871  N  N3    . U   B 1 20 ? 6.800   13.549  -10.166 1.00 79.12  ? 43  U   B N3    1 
ATOM   872  C  C4    . U   B 1 20 ? 6.008   13.090  -11.197 1.00 80.62  ? 43  U   B C4    1 
ATOM   873  O  O4    . U   B 1 20 ? 6.387   12.129  -11.873 1.00 77.77  ? 43  U   B O4    1 
ATOM   874  C  C5    . U   B 1 20 ? 4.802   13.838  -11.400 1.00 74.45  ? 43  U   B C5    1 
ATOM   875  C  C6    . U   B 1 20 ? 4.525   14.881  -10.609 1.00 73.48  ? 43  U   B C6    1 
ATOM   876  P  P     . C   B 1 21 ? 5.799   20.464  -11.129 1.00 112.74 ? 44  C   B P     1 
ATOM   877  O  OP1   . C   B 1 21 ? 5.871   21.932  -10.886 1.00 99.51  ? 44  C   B OP1   1 
ATOM   878  O  OP2   . C   B 1 21 ? 5.270   19.954  -12.419 1.00 107.34 ? 44  C   B OP2   1 
ATOM   879  O  "O5'" . C   B 1 21 ? 7.248   19.842  -10.905 1.00 102.86 ? 44  C   B "O5'" 1 
ATOM   880  C  "C5'" . C   B 1 21 ? 8.040   20.251  -9.801  1.00 86.36  ? 44  C   B "C5'" 1 
ATOM   881  C  "C4'" . C   B 1 21 ? 9.294   19.422  -9.716  1.00 79.22  ? 44  C   B "C4'" 1 
ATOM   882  O  "O4'" . C   B 1 21 ? 8.941   18.028  -9.524  1.00 76.00  ? 44  C   B "O4'" 1 
ATOM   883  C  "C3'" . C   B 1 21 ? 10.148  19.356  -10.965 1.00 89.24  ? 44  C   B "C3'" 1 
ATOM   884  O  "O3'" . C   B 1 21 ? 10.946  20.505  -11.147 1.00 97.28  ? 44  C   B "O3'" 1 
ATOM   885  C  "C2'" . C   B 1 21 ? 11.014  18.145  -10.666 1.00 82.05  ? 44  C   B "C2'" 1 
ATOM   886  O  "O2'" . C   B 1 21 ? 12.023  18.439  -9.719  1.00 72.88  ? 44  C   B "O2'" 1 
ATOM   887  C  "C1'" . C   B 1 21 ? 9.980   17.207  -10.048 1.00 71.59  ? 44  C   B "C1'" 1 
ATOM   888  N  N1    . C   B 1 21 ? 9.410   16.290  -11.045 1.00 47.89  ? 44  C   B N1    1 
ATOM   889  C  C2    . C   B 1 21 ? 10.111  15.122  -11.348 1.00 51.25  ? 44  C   B C2    1 
ATOM   890  O  O2    . C   B 1 21 ? 11.198  14.926  -10.798 1.00 74.95  ? 44  C   B O2    1 
ATOM   891  N  N3    . C   B 1 21 ? 9.591   14.243  -12.235 1.00 48.00  ? 44  C   B N3    1 
ATOM   892  C  C4    . C   B 1 21 ? 8.416   14.504  -12.821 1.00 70.79  ? 44  C   B C4    1 
ATOM   893  N  N4    . C   B 1 21 ? 7.927   13.594  -13.683 1.00 55.13  ? 44  C   B N4    1 
ATOM   894  C  C5    . C   B 1 21 ? 7.687   15.706  -12.548 1.00 44.49  ? 44  C   B C5    1 
ATOM   895  C  C6    . C   B 1 21 ? 8.217   16.561  -11.660 1.00 52.66  ? 44  C   B C6    1 
ATOM   896  P  P     . G   B 1 22 ? 11.412  20.900  -12.625 1.00 91.49  ? 45  G   B P     1 
ATOM   897  O  OP1   . G   B 1 22 ? 12.214  22.148  -12.507 1.00 92.11  ? 45  G   B OP1   1 
ATOM   898  O  OP2   . G   B 1 22 ? 10.197  20.873  -13.488 1.00 90.48  ? 45  G   B OP2   1 
ATOM   899  O  "O5'" . G   B 1 22 ? 12.381  19.712  -13.065 1.00 67.96  ? 45  G   B "O5'" 1 
ATOM   900  C  "C5'" . G   B 1 22 ? 13.699  19.636  -12.545 1.00 67.77  ? 45  G   B "C5'" 1 
ATOM   901  C  "C4'" . G   B 1 22 ? 14.386  18.359  -12.985 1.00 81.32  ? 45  G   B "C4'" 1 
ATOM   902  O  "O4'" . G   B 1 22 ? 13.550  17.212  -12.670 1.00 87.44  ? 45  G   B "O4'" 1 
ATOM   903  C  "C3'" . G   B 1 22 ? 14.643  18.156  -14.467 1.00 82.55  ? 45  G   B "C3'" 1 
ATOM   904  O  "O3'" . G   B 1 22 ? 15.765  18.875  -14.934 1.00 94.39  ? 45  G   B "O3'" 1 
ATOM   905  C  "C2'" . G   B 1 22 ? 14.936  16.667  -14.512 1.00 79.68  ? 45  G   B "C2'" 1 
ATOM   906  O  "O2'" . G   B 1 22 ? 16.234  16.354  -14.051 1.00 51.83  ? 45  G   B "O2'" 1 
ATOM   907  C  "C1'" . G   B 1 22 ? 13.889  16.139  -13.537 1.00 74.01  ? 45  G   B "C1'" 1 
ATOM   908  N  N9    . G   B 1 22 ? 12.701  15.704  -14.257 1.00 57.84  ? 45  G   B N9    1 
ATOM   909  C  C8    . G   B 1 22 ? 11.465  16.300  -14.304 1.00 57.71  ? 45  G   B C8    1 
ATOM   910  N  N7    . G   B 1 22 ? 10.602  15.628  -15.026 1.00 64.71  ? 45  G   B N7    1 
ATOM   911  C  C5    . G   B 1 22 ? 11.321  14.531  -15.484 1.00 45.92  ? 45  G   B C5    1 
ATOM   912  C  C6    . G   B 1 22 ? 10.919  13.438  -16.296 1.00 52.13  ? 45  G   B C6    1 
ATOM   913  O  O6    . G   B 1 22 ? 9.803   13.201  -16.769 1.00 65.84  ? 45  G   B O6    1 
ATOM   914  N  N1    . G   B 1 22 ? 11.970  12.557  -16.530 1.00 37.33  ? 45  G   B N1    1 
ATOM   915  C  C2    . G   B 1 22 ? 13.244  12.700  -16.033 1.00 61.13  ? 45  G   B C2    1 
ATOM   916  N  N2    . G   B 1 22 ? 14.124  11.746  -16.368 1.00 45.96  ? 45  G   B N2    1 
ATOM   917  N  N3    . G   B 1 22 ? 13.627  13.704  -15.264 1.00 57.90  ? 45  G   B N3    1 
ATOM   918  C  C4    . G   B 1 22 ? 12.620  14.574  -15.031 1.00 56.29  ? 45  G   B C4    1 
ATOM   919  P  P     . C   B 1 23 ? 15.897  19.190  -16.501 1.00 84.85  ? 46  C   B P     1 
ATOM   920  O  OP1   . C   B 1 23 ? 17.161  19.961  -16.677 1.00 86.39  ? 46  C   B OP1   1 
ATOM   921  O  OP2   . C   B 1 23 ? 14.610  19.768  -16.947 1.00 49.33  ? 46  C   B OP2   1 
ATOM   922  O  "O5'" . C   B 1 23 ? 16.100  17.757  -17.169 1.00 63.63  ? 46  C   B "O5'" 1 
ATOM   923  C  "C5'" . C   B 1 23 ? 17.311  17.033  -16.956 1.00 68.06  ? 46  C   B "C5'" 1 
ATOM   924  C  "C4'" . C   B 1 23 ? 17.254  15.684  -17.629 1.00 78.23  ? 46  C   B "C4'" 1 
ATOM   925  O  "O4'" . C   B 1 23 ? 16.079  14.968  -17.167 1.00 97.08  ? 46  C   B "O4'" 1 
ATOM   926  C  "C3'" . C   B 1 23 ? 17.089  15.677  -19.136 1.00 85.13  ? 46  C   B "C3'" 1 
ATOM   927  O  "O3'" . C   B 1 23 ? 18.298  16.002  -19.818 1.00 97.78  ? 46  C   B "O3'" 1 
ATOM   928  C  "C2'" . C   B 1 23 ? 16.564  14.268  -19.379 1.00 82.29  ? 46  C   B "C2'" 1 
ATOM   929  O  "O2'" . C   B 1 23 ? 17.575  13.294  -19.256 1.00 78.01  ? 46  C   B "O2'" 1 
ATOM   930  C  "C1'" . C   B 1 23 ? 15.619  14.102  -18.193 1.00 62.88  ? 46  C   B "C1'" 1 
ATOM   931  N  N1    . C   B 1 23 ? 14.227  14.448  -18.506 1.00 61.31  ? 46  C   B N1    1 
ATOM   932  C  C2    . C   B 1 23 ? 13.458  13.530  -19.217 1.00 62.24  ? 46  C   B C2    1 
ATOM   933  O  O2    . C   B 1 23 ? 13.977  12.457  -19.558 1.00 52.42  ? 46  C   B O2    1 
ATOM   934  N  N3    . C   B 1 23 ? 12.169  13.827  -19.511 1.00 41.88  ? 46  C   B N3    1 
ATOM   935  C  C4    . C   B 1 23 ? 11.648  14.987  -19.110 1.00 59.68  ? 46  C   B C4    1 
ATOM   936  N  N4    . C   B 1 23 ? 10.366  15.233  -19.400 1.00 75.19  ? 46  C   B N4    1 
ATOM   937  C  C5    . C   B 1 23 ? 12.414  15.949  -18.386 1.00 66.50  ? 46  C   B C5    1 
ATOM   938  C  C6    . C   B 1 23 ? 13.689  15.642  -18.109 1.00 69.55  ? 46  C   B C6    1 
HETATM 939  C  CA1   . AM2 C 2 .  ? 3.558   7.610   -13.952 1.00 70.75  ? 102 AM2 A CA1   1 
HETATM 940  C  CA2   . AM2 C 2 .  ? 3.345   7.044   -12.520 1.00 64.12  ? 102 AM2 A CA2   1 
HETATM 941  C  CA3   . AM2 C 2 .  ? 4.602   6.330   -11.988 1.00 48.21  ? 102 AM2 A CA3   1 
HETATM 942  C  CA4   . AM2 C 2 .  ? 4.998   5.195   -12.984 1.00 58.33  ? 102 AM2 A CA4   1 
HETATM 943  C  CA5   . AM2 C 2 .  ? 5.262   5.780   -14.409 1.00 48.21  ? 102 AM2 A CA5   1 
HETATM 944  C  CA6   . AM2 C 2 .  ? 5.663   4.604   -15.410 1.00 48.43  ? 102 AM2 A CA6   1 
HETATM 945  C  CA7   . AM2 C 2 .  ? 6.940   3.895   -14.870 1.00 55.43  ? 102 AM2 A CA7   1 
HETATM 946  C  CA8   . AM2 C 2 .  ? 6.631   3.364   -13.438 1.00 51.80  ? 102 AM2 A CA8   1 
HETATM 947  C  CA9   . AM2 C 2 .  ? 8.044   3.086   -17.070 1.00 54.46  ? 102 AM2 A CA9   1 
HETATM 948  O  OA4   . AM2 C 2 .  ? 4.026   6.505   -14.829 1.00 71.07  ? 102 AM2 A OA4   1 
HETATM 949  O  OA5   . AM2 C 2 .  ? 6.220   4.449   -12.537 1.00 54.78  ? 102 AM2 A OA5   1 
HETATM 950  N  NA2   . AM2 C 2 .  ? 2.929   8.117   -11.592 1.00 76.54  ? 102 AM2 A NA2   1 
HETATM 951  N  NA7   . AM2 C 2 .  ? 7.343   2.763   -15.786 1.00 64.47  ? 102 AM2 A NA7   1 
HETATM 952  O  OA6   . AM2 C 2 .  ? 4.614   3.647   -15.470 1.00 92.42  ? 102 AM2 A OA6   1 
HETATM 953  O  OA8   . AM2 C 2 .  ? 7.781   2.723   -12.897 1.00 68.12  ? 102 AM2 A OA8   1 
HETATM 954  O  OA1   . AM2 C 2 .  ? 4.491   8.709   -13.979 1.00 80.57  ? 102 AM2 A OA1   1 
HETATM 955  C  CB1   . AM2 C 2 .  ? 7.499   1.868   -11.762 1.00 62.10  ? 102 AM2 A CB1   1 
HETATM 956  C  CB2   . AM2 C 2 .  ? 8.772   1.472   -10.977 1.00 76.93  ? 102 AM2 A CB2   1 
HETATM 957  C  CB3   . AM2 C 2 .  ? 9.699   0.560   -11.844 1.00 66.02  ? 102 AM2 A CB3   1 
HETATM 958  C  CB4   . AM2 C 2 .  ? 8.941   -0.696  -12.220 1.00 89.48  ? 102 AM2 A CB4   1 
HETATM 959  C  CB5   . AM2 C 2 .  ? 7.675   -0.296  -13.035 1.00 92.04  ? 102 AM2 A CB5   1 
HETATM 960  C  CB6   . AM2 C 2 .  ? 6.840   -1.511  -13.436 1.00 98.24  ? 102 AM2 A CB6   1 
HETATM 961  O  OB1   . AM2 C 2 .  ? 6.821   0.617   -12.214 1.00 84.91  ? 102 AM2 A OB1   1 
HETATM 962  N  NB4   . AM2 C 2 .  ? 9.822   -1.578  -13.024 1.00 105.43 ? 102 AM2 A NB4   1 
HETATM 963  O  OB2   . AM2 C 2 .  ? 9.426   2.695   -10.570 1.00 88.89  ? 102 AM2 A OB2   1 
HETATM 964  O  OB3   . AM2 C 2 .  ? 10.860  0.195   -11.093 1.00 82.01  ? 102 AM2 A OB3   1 
HETATM 965  O  OB6   . AM2 C 2 .  ? 5.980   -1.855  -12.376 1.00 118.43 ? 102 AM2 A OB6   1 
HETATM 966  C  CC1   . AM2 C 2 .  ? 4.488   9.773   -15.055 1.00 78.80  ? 102 AM2 A CC1   1 
HETATM 967  C  CC2   . AM2 C 2 .  ? 3.628   10.967  -14.559 1.00 79.58  ? 102 AM2 A CC2   1 
HETATM 968  C  CC3   . AM2 C 2 .  ? 3.595   12.086  -15.640 1.00 67.02  ? 102 AM2 A CC3   1 
HETATM 969  C  CC4   . AM2 C 2 .  ? 5.041   12.572  -15.912 1.00 82.72  ? 102 AM2 A CC4   1 
HETATM 970  C  CC5   . AM2 C 2 .  ? 5.932   11.384  -16.424 1.00 76.97  ? 102 AM2 A CC5   1 
HETATM 971  C  CC6   . AM2 C 2 .  ? 5.936   10.282  -15.344 1.00 77.81  ? 102 AM2 A CC6   1 
HETATM 972  N  NC4   . AM2 C 2 .  ? 5.021   13.644  -16.936 1.00 103.70 ? 102 AM2 A NC4   1 
HETATM 973  N  NC6   . AM2 C 2 .  ? 6.768   9.176   -15.830 1.00 75.83  ? 102 AM2 A NC6   1 
HETATM 974  O  OC2   . AM2 C 2 .  ? 2.280   10.515  -14.302 1.00 88.17  ? 102 AM2 A OC2   1 
HETATM 975  O  OC3   . AM2 C 2 .  ? 2.785   13.181  -15.156 1.00 84.81  ? 102 AM2 A OC3   1 
HETATM 976  MG MG    . MG  D 3 .  ? 2.462   4.960   -18.918 1.00 91.74  ? 301 MG  A MG    1 
HETATM 977  CO CO    . NCO E 4 .  ? -4.150  -3.890  1.223   0.50 92.82  ? 202 NCO A CO    1 
HETATM 978  N  N1    . NCO E 4 .  ? -3.085  -5.516  0.888   0.50 59.96  ? 202 NCO A N1    1 
HETATM 979  N  N2    . NCO E 4 .  ? -4.388  -4.244  3.088   0.50 62.97  ? 202 NCO A N2    1 
HETATM 980  N  N3    . NCO E 4 .  ? -5.744  -4.900  0.656   0.50 86.69  ? 202 NCO A N3    1 
HETATM 981  N  N4    . NCO E 4 .  ? -2.542  -2.890  1.703   0.50 76.74  ? 202 NCO A N4    1 
HETATM 982  N  N5    . NCO E 4 .  ? -5.227  -2.279  1.472   0.50 73.17  ? 202 NCO A N5    1 
HETATM 983  N  N6    . NCO E 4 .  ? -3.884  -3.421  -0.653  0.50 74.58  ? 202 NCO A N6    1 
HETATM 984  C  CA1   . AM2 F 2 .  ? -3.586  -7.567  14.019  1.00 69.13  ? 101 AM2 B CA1   1 
HETATM 985  C  CA2   . AM2 F 2 .  ? -3.434  -6.731  12.724  1.00 58.22  ? 101 AM2 B CA2   1 
HETATM 986  C  CA3   . AM2 F 2 .  ? -4.426  -7.175  11.631  1.00 49.20  ? 101 AM2 B CA3   1 
HETATM 987  C  CA4   . AM2 F 2 .  ? -4.214  -8.690  11.342  1.00 49.03  ? 101 AM2 B CA4   1 
HETATM 988  C  CA5   . AM2 F 2 .  ? -4.419  -9.531  12.639  1.00 50.07  ? 101 AM2 B CA5   1 
HETATM 989  C  CA6   . AM2 F 2 .  ? -4.199  -11.082 12.322  1.00 48.11  ? 101 AM2 B CA6   1 
HETATM 990  C  CA7   . AM2 F 2 .  ? -5.213  -11.521 11.228  1.00 50.95  ? 101 AM2 B CA7   1 
HETATM 991  C  CA8   . AM2 F 2 .  ? -4.986  -10.629 9.967   1.00 55.67  ? 101 AM2 B CA8   1 
HETATM 992  C  CA9   . AM2 F 2 .  ? -5.566  -14.008 11.834  1.00 70.23  ? 101 AM2 B CA9   1 
HETATM 993  O  OA4   . AM2 F 2 .  ? -3.472  -9.006  13.665  1.00 67.56  ? 101 AM2 B OA4   1 
HETATM 994  O  OA5   . AM2 F 2 .  ? -5.147  -9.203  10.282  1.00 50.61  ? 101 AM2 B OA5   1 
HETATM 995  N  NA2   . AM2 F 2 .  ? -3.593  -5.288  13.016  1.00 74.65  ? 101 AM2 B NA2   1 
HETATM 996  N  NA7   . AM2 F 2 .  ? -5.027  -12.978 10.890  1.00 74.23  ? 101 AM2 B NA7   1 
HETATM 997  O  OA6   . AM2 F 2 .  ? -2.881  -11.284 11.819  1.00 84.07  ? 101 AM2 B OA6   1 
HETATM 998  O  OA8   . AM2 F 2 .  ? -5.908  -10.983 8.941   1.00 66.48  ? 101 AM2 B OA8   1 
HETATM 999  O  OA1   . AM2 F 2 .  ? -4.830  -7.304  14.700  1.00 80.90  ? 101 AM2 B OA1   1 
HETATM 1000 C  CB1   . AM2 F 2 .  ? -5.541  -10.504 7.626   1.00 62.87  ? 101 AM2 B CB1   1 
HETATM 1001 C  CB2   . AM2 F 2 .  ? -6.706  -10.588 6.612   1.00 82.85  ? 101 AM2 B CB2   1 
HETATM 1002 C  CB3   . AM2 F 2 .  ? -7.082  -12.077 6.316   1.00 76.73  ? 101 AM2 B CB3   1 
HETATM 1003 C  CB4   . AM2 F 2 .  ? -5.872  -12.787 5.738   1.00 90.11  ? 101 AM2 B CB4   1 
HETATM 1004 C  CB5   . AM2 F 2 .  ? -4.709  -12.726 6.776   1.00 93.22  ? 101 AM2 B CB5   1 
HETATM 1005 C  CB6   . AM2 F 2 .  ? -3.441  -13.402 6.260   1.00 97.96  ? 101 AM2 B CB6   1 
HETATM 1006 O  OB1   . AM2 F 2 .  ? -4.394  -11.296 7.087   1.00 85.76  ? 101 AM2 B OB1   1 
HETATM 1007 N  NB4   . AM2 F 2 .  ? -6.226  -14.193 5.435   1.00 99.79  ? 101 AM2 B NB4   1 
HETATM 1008 O  OB2   . AM2 F 2 .  ? -7.810  -9.838  7.161   1.00 98.21  ? 101 AM2 B OB2   1 
HETATM 1009 O  OB3   . AM2 F 2 .  ? -8.151  -12.130 5.366   1.00 79.14  ? 101 AM2 B OB3   1 
HETATM 1010 O  OB6   . AM2 F 2 .  ? -2.715  -12.491 5.475   1.00 110.13 ? 101 AM2 B OB6   1 
HETATM 1011 C  CC1   . AM2 F 2 .  ? -5.022  -7.529  16.186  1.00 81.43  ? 101 AM2 B CC1   1 
HETATM 1012 C  CC2   . AM2 F 2 .  ? -4.737  -6.193  16.923  1.00 82.79  ? 101 AM2 B CC2   1 
HETATM 1013 C  CC3   . AM2 F 2 .  ? -4.920  -6.377  18.457  1.00 72.92  ? 101 AM2 B CC3   1 
HETATM 1014 C  CC4   . AM2 F 2 .  ? -6.379  -6.823  18.746  1.00 90.79  ? 101 AM2 B CC4   1 
HETATM 1015 C  CC5   . AM2 F 2 .  ? -6.687  -8.181  18.021  1.00 85.64  ? 101 AM2 B CC5   1 
HETATM 1016 C  CC6   . AM2 F 2 .  ? -6.486  -7.976  16.501  1.00 79.62  ? 101 AM2 B CC6   1 
HETATM 1017 N  NC4   . AM2 F 2 .  ? -6.567  -6.996  20.205  1.00 105.79 ? 101 AM2 B NC4   1 
HETATM 1018 N  NC6   . AM2 F 2 .  ? -6.778  -9.250  15.831  1.00 71.35  ? 101 AM2 B NC6   1 
HETATM 1019 O  OC2   . AM2 F 2 .  ? -3.380  -5.778  16.656  1.00 78.11  ? 101 AM2 B OC2   1 
HETATM 1020 O  OC3   . AM2 F 2 .  ? -4.648  -5.120  19.114  1.00 83.02  ? 101 AM2 B OC3   1 
HETATM 1021 MG MG    . MG  G 3 .  ? -0.785  -12.387 15.368  1.00 91.70  ? 302 MG  B MG    1 
HETATM 1022 CO CO    . NCO H 4 .  ? 4.972   0.222   -2.953  0.50 83.10  ? 201 NCO B CO    1 
HETATM 1023 N  N1    . NCO H 4 .  ? 4.629   -1.308  -4.149  0.50 55.89  ? 201 NCO B N1    1 
HETATM 1024 N  N2    . NCO H 4 .  ? 4.993   1.515   -4.363  0.50 64.14  ? 201 NCO B N2    1 
HETATM 1025 N  N3    . NCO H 4 .  ? 6.891   -0.199  -3.078  0.50 84.02  ? 201 NCO B N3    1 
HETATM 1026 N  N4    . NCO H 4 .  ? 3.057   0.567   -2.781  0.50 74.55  ? 201 NCO B N4    1 
HETATM 1027 N  N5    . NCO H 4 .  ? 5.348   1.682   -1.713  0.50 70.66  ? 201 NCO B N5    1 
HETATM 1028 N  N6    . NCO H 4 .  ? 4.884   -1.024  -1.452  0.50 74.11  ? 201 NCO B N6    1 
HETATM 1029 O  O     . HOH I 5 .  ? 6.816   -4.468  10.078  1.00 72.41  ? 401 HOH A O     1 
HETATM 1030 O  O     . HOH I 5 .  ? -6.603  3.208   -10.746 1.00 86.83  ? 402 HOH A O     1 
HETATM 1031 O  O     . HOH I 5 .  ? 9.433   -3.241  -15.372 1.00 77.37  ? 405 HOH A O     1 
HETATM 1032 O  O     . HOH I 5 .  ? -17.570 -1.867  25.938  1.00 96.92  ? 406 HOH A O     1 
HETATM 1033 O  O     . HOH I 5 .  ? -1.157  5.054   2.330   1.00 58.83  ? 408 HOH A O     1 
HETATM 1034 O  O     . HOH I 5 .  ? 1.114   -17.295 11.857  1.00 103.89 ? 409 HOH A O     1 
HETATM 1035 O  O     . HOH I 5 .  ? 1.261   3.042   15.452  1.00 75.10  ? 411 HOH A O     1 
HETATM 1036 O  O     . HOH I 5 .  ? -0.357  0.571   0.452   1.00 91.33  ? 413 HOH A O     1 
HETATM 1037 O  O     . HOH I 5 .  ? -9.193  -7.680  20.586  1.00 78.82  ? 415 HOH A O     1 
HETATM 1038 O  O     . HOH I 5 .  ? 1.432   3.274   -19.548 1.00 90.23  ? 416 HOH A O     1 
HETATM 1039 O  O     . HOH I 5 .  ? 3.460   6.602   -18.310 1.00 87.65  ? 417 HOH A O     1 
HETATM 1040 O  O     . HOH I 5 .  ? 3.066   5.318   -20.863 1.00 96.80  ? 419 HOH A O     1 
HETATM 1041 O  O     . HOH I 5 .  ? 0.720   6.141   -19.233 1.00 76.16  ? 420 HOH A O     1 
HETATM 1042 O  O     . HOH I 5 .  ? 4.193   3.777   -18.603 1.00 95.58  ? 421 HOH A O     1 
HETATM 1043 O  O     . HOH I 5 .  ? -0.440  -10.886 13.944  1.00 91.19  ? 424 HOH A O     1 
HETATM 1044 O  O     . HOH J 5 .  ? 10.295  24.679  -15.517 1.00 102.56 ? 403 HOH B O     1 
HETATM 1045 O  O     . HOH J 5 .  ? 7.358   24.256  -13.559 1.00 69.79  ? 404 HOH B O     1 
HETATM 1046 O  O     . HOH J 5 .  ? -4.491  -16.637 5.606   1.00 78.59  ? 407 HOH B O     1 
HETATM 1047 O  O     . HOH J 5 .  ? 3.440   -2.134  -20.561 1.00 108.83 ? 410 HOH B O     1 
HETATM 1048 O  O     . HOH J 5 .  ? -4.896  12.521  -7.789  1.00 71.86  ? 412 HOH B O     1 
HETATM 1049 O  O     . HOH J 5 .  ? 7.627   14.138  -17.345 1.00 92.28  ? 414 HOH B O     1 
HETATM 1050 O  O     . HOH J 5 .  ? 1.857   4.597   -16.946 1.00 88.26  ? 418 HOH B O     1 
HETATM 1051 O  O     . HOH J 5 .  ? 0.873   -13.426 14.675  1.00 91.75  ? 422 HOH B O     1 
HETATM 1052 O  O     . HOH J 5 .  ? -2.392  -11.376 16.045  1.00 93.68  ? 423 HOH B O     1 
HETATM 1053 O  O     . HOH J 5 .  ? -1.130  -13.870 16.770  1.00 93.87  ? 425 HOH B O     1 
HETATM 1054 O  O     . HOH J 5 .  ? 0.444   -11.344 16.756  1.00 76.85  ? 426 HOH B O     1 
HETATM 1055 O  O     . HOH J 5 .  ? -2.007  -13.424 13.984  1.00 89.15  ? 427 HOH B O     1 
# 
